data_1XNB
# 
_entry.id   1XNB 
# 
_audit_conform.dict_name       mmcif_pdbx.dic 
_audit_conform.dict_version    5.386 
_audit_conform.dict_location   http://mmcif.pdb.org/dictionaries/ascii/mmcif_pdbx.dic 
# 
loop_
_database_2.database_id 
_database_2.database_code 
_database_2.pdbx_database_accession 
_database_2.pdbx_DOI 
PDB   1XNB         pdb_00001xnb 10.2210/pdb1xnb/pdb 
WWPDB D_1000177295 ?            ?                   
# 
loop_
_pdbx_audit_revision_history.ordinal 
_pdbx_audit_revision_history.data_content_type 
_pdbx_audit_revision_history.major_revision 
_pdbx_audit_revision_history.minor_revision 
_pdbx_audit_revision_history.revision_date 
1 'Structure model' 1 0 1994-12-20 
2 'Structure model' 1 1 2008-03-03 
3 'Structure model' 1 2 2011-07-13 
4 'Structure model' 1 3 2017-11-29 
5 'Structure model' 1 4 2024-02-14 
# 
_pdbx_audit_revision_details.ordinal             1 
_pdbx_audit_revision_details.revision_ordinal    1 
_pdbx_audit_revision_details.data_content_type   'Structure model' 
_pdbx_audit_revision_details.provider            repository 
_pdbx_audit_revision_details.type                'Initial release' 
_pdbx_audit_revision_details.description         ? 
_pdbx_audit_revision_details.details             ? 
# 
loop_
_pdbx_audit_revision_group.ordinal 
_pdbx_audit_revision_group.revision_ordinal 
_pdbx_audit_revision_group.data_content_type 
_pdbx_audit_revision_group.group 
1 2 'Structure model' 'Version format compliance' 
2 3 'Structure model' 'Version format compliance' 
3 4 'Structure model' 'Derived calculations'      
4 4 'Structure model' Other                       
5 5 'Structure model' 'Data collection'           
6 5 'Structure model' 'Database references'       
7 5 'Structure model' 'Derived calculations'      
# 
loop_
_pdbx_audit_revision_category.ordinal 
_pdbx_audit_revision_category.revision_ordinal 
_pdbx_audit_revision_category.data_content_type 
_pdbx_audit_revision_category.category 
1 4 'Structure model' pdbx_database_status 
2 4 'Structure model' struct_conf          
3 4 'Structure model' struct_conf_type     
4 5 'Structure model' chem_comp_atom       
5 5 'Structure model' chem_comp_bond       
6 5 'Structure model' database_2           
7 5 'Structure model' struct_site          
# 
loop_
_pdbx_audit_revision_item.ordinal 
_pdbx_audit_revision_item.revision_ordinal 
_pdbx_audit_revision_item.data_content_type 
_pdbx_audit_revision_item.item 
1 4 'Structure model' '_pdbx_database_status.process_site'  
2 5 'Structure model' '_database_2.pdbx_DOI'                
3 5 'Structure model' '_database_2.pdbx_database_accession' 
4 5 'Structure model' '_struct_site.pdbx_auth_asym_id'      
5 5 'Structure model' '_struct_site.pdbx_auth_comp_id'      
6 5 'Structure model' '_struct_site.pdbx_auth_seq_id'       
# 
_pdbx_database_status.status_code                     REL 
_pdbx_database_status.entry_id                        1XNB 
_pdbx_database_status.recvd_initial_deposition_date   1994-06-01 
_pdbx_database_status.deposit_site                    ? 
_pdbx_database_status.process_site                    BNL 
_pdbx_database_status.SG_entry                        . 
_pdbx_database_status.pdb_format_compatible           Y 
_pdbx_database_status.status_code_mr                  ? 
_pdbx_database_status.status_code_sf                  ? 
_pdbx_database_status.status_code_cs                  ? 
_pdbx_database_status.methods_development_category    ? 
_pdbx_database_status.status_code_nmr_data            ? 
# 
_audit_author.name           'Campbell, R.L.' 
_audit_author.pdbx_ordinal   1 
# 
_citation.id                        primary 
_citation.title                     
;High-Resolution Structures of Xylanases from B. Circulans and T. Harzianum Identify a New Folding Pattern and Implications for the Atomic Basis of the Catalysis
;
_citation.journal_abbrev            'To be Published' 
_citation.journal_volume            ? 
_citation.page_first                ? 
_citation.page_last                 ? 
_citation.year                      ? 
_citation.journal_id_ASTM           ? 
_citation.country                   ? 
_citation.journal_id_ISSN           ? 
_citation.journal_id_CSD            0353 
_citation.book_publisher            ? 
_citation.pdbx_database_id_PubMed   ? 
_citation.pdbx_database_id_DOI      ? 
# 
loop_
_citation_author.citation_id 
_citation_author.name 
_citation_author.ordinal 
_citation_author.identifier_ORCID 
primary 'Campbell, R.L.'  1 ? 
primary 'Rose, D.R.'      2 ? 
primary 'Wakarchuk, W.W.' 3 ? 
primary 'To, R.J.'        4 ? 
primary 'Sung, W.'        5 ? 
primary 'Yaguchi, M.'     6 ? 
# 
loop_
_entity.id 
_entity.type 
_entity.src_method 
_entity.pdbx_description 
_entity.formula_weight 
_entity.pdbx_number_of_molecules 
_entity.pdbx_ec 
_entity.pdbx_mutation 
_entity.pdbx_fragment 
_entity.details 
1 polymer     man XYLANASE      20409.004 1   3.2.1.8 ? ? ? 
2 non-polymer syn 'SULFATE ION' 96.063    1   ?       ? ? ? 
3 water       nat water         18.015    154 ?       ? ? ? 
# 
_entity_poly.entity_id                      1 
_entity_poly.type                           'polypeptide(L)' 
_entity_poly.nstd_linkage                   no 
_entity_poly.nstd_monomer                   no 
_entity_poly.pdbx_seq_one_letter_code       
;ASTDYWQNWTDGGGIVNAVNGSGGNYSVNWSNTGNFVVGKGWTTGSPFRTINYNAGVWAPNGNGYLTLYGWTRSPLIEYY
VVDSWGTYRPTGTYKGTVKSDGGTYDIYTTTRYNAPSIDGDRTTFTQYWSVRQSKRPTGSNATITFTNHVNAWKSHGMNL
GSNWAYQVMATEGYQSSGSSNVTVW
;
_entity_poly.pdbx_seq_one_letter_code_can   
;ASTDYWQNWTDGGGIVNAVNGSGGNYSVNWSNTGNFVVGKGWTTGSPFRTINYNAGVWAPNGNGYLTLYGWTRSPLIEYY
VVDSWGTYRPTGTYKGTVKSDGGTYDIYTTTRYNAPSIDGDRTTFTQYWSVRQSKRPTGSNATITFTNHVNAWKSHGMNL
GSNWAYQVMATEGYQSSGSSNVTVW
;
_entity_poly.pdbx_strand_id                 A 
_entity_poly.pdbx_target_identifier         ? 
# 
loop_
_pdbx_entity_nonpoly.entity_id 
_pdbx_entity_nonpoly.name 
_pdbx_entity_nonpoly.comp_id 
2 'SULFATE ION' SO4 
3 water         HOH 
# 
loop_
_entity_poly_seq.entity_id 
_entity_poly_seq.num 
_entity_poly_seq.mon_id 
_entity_poly_seq.hetero 
1 1   ALA n 
1 2   SER n 
1 3   THR n 
1 4   ASP n 
1 5   TYR n 
1 6   TRP n 
1 7   GLN n 
1 8   ASN n 
1 9   TRP n 
1 10  THR n 
1 11  ASP n 
1 12  GLY n 
1 13  GLY n 
1 14  GLY n 
1 15  ILE n 
1 16  VAL n 
1 17  ASN n 
1 18  ALA n 
1 19  VAL n 
1 20  ASN n 
1 21  GLY n 
1 22  SER n 
1 23  GLY n 
1 24  GLY n 
1 25  ASN n 
1 26  TYR n 
1 27  SER n 
1 28  VAL n 
1 29  ASN n 
1 30  TRP n 
1 31  SER n 
1 32  ASN n 
1 33  THR n 
1 34  GLY n 
1 35  ASN n 
1 36  PHE n 
1 37  VAL n 
1 38  VAL n 
1 39  GLY n 
1 40  LYS n 
1 41  GLY n 
1 42  TRP n 
1 43  THR n 
1 44  THR n 
1 45  GLY n 
1 46  SER n 
1 47  PRO n 
1 48  PHE n 
1 49  ARG n 
1 50  THR n 
1 51  ILE n 
1 52  ASN n 
1 53  TYR n 
1 54  ASN n 
1 55  ALA n 
1 56  GLY n 
1 57  VAL n 
1 58  TRP n 
1 59  ALA n 
1 60  PRO n 
1 61  ASN n 
1 62  GLY n 
1 63  ASN n 
1 64  GLY n 
1 65  TYR n 
1 66  LEU n 
1 67  THR n 
1 68  LEU n 
1 69  TYR n 
1 70  GLY n 
1 71  TRP n 
1 72  THR n 
1 73  ARG n 
1 74  SER n 
1 75  PRO n 
1 76  LEU n 
1 77  ILE n 
1 78  GLU n 
1 79  TYR n 
1 80  TYR n 
1 81  VAL n 
1 82  VAL n 
1 83  ASP n 
1 84  SER n 
1 85  TRP n 
1 86  GLY n 
1 87  THR n 
1 88  TYR n 
1 89  ARG n 
1 90  PRO n 
1 91  THR n 
1 92  GLY n 
1 93  THR n 
1 94  TYR n 
1 95  LYS n 
1 96  GLY n 
1 97  THR n 
1 98  VAL n 
1 99  LYS n 
1 100 SER n 
1 101 ASP n 
1 102 GLY n 
1 103 GLY n 
1 104 THR n 
1 105 TYR n 
1 106 ASP n 
1 107 ILE n 
1 108 TYR n 
1 109 THR n 
1 110 THR n 
1 111 THR n 
1 112 ARG n 
1 113 TYR n 
1 114 ASN n 
1 115 ALA n 
1 116 PRO n 
1 117 SER n 
1 118 ILE n 
1 119 ASP n 
1 120 GLY n 
1 121 ASP n 
1 122 ARG n 
1 123 THR n 
1 124 THR n 
1 125 PHE n 
1 126 THR n 
1 127 GLN n 
1 128 TYR n 
1 129 TRP n 
1 130 SER n 
1 131 VAL n 
1 132 ARG n 
1 133 GLN n 
1 134 SER n 
1 135 LYS n 
1 136 ARG n 
1 137 PRO n 
1 138 THR n 
1 139 GLY n 
1 140 SER n 
1 141 ASN n 
1 142 ALA n 
1 143 THR n 
1 144 ILE n 
1 145 THR n 
1 146 PHE n 
1 147 THR n 
1 148 ASN n 
1 149 HIS n 
1 150 VAL n 
1 151 ASN n 
1 152 ALA n 
1 153 TRP n 
1 154 LYS n 
1 155 SER n 
1 156 HIS n 
1 157 GLY n 
1 158 MET n 
1 159 ASN n 
1 160 LEU n 
1 161 GLY n 
1 162 SER n 
1 163 ASN n 
1 164 TRP n 
1 165 ALA n 
1 166 TYR n 
1 167 GLN n 
1 168 VAL n 
1 169 MET n 
1 170 ALA n 
1 171 THR n 
1 172 GLU n 
1 173 GLY n 
1 174 TYR n 
1 175 GLN n 
1 176 SER n 
1 177 SER n 
1 178 GLY n 
1 179 SER n 
1 180 SER n 
1 181 ASN n 
1 182 VAL n 
1 183 THR n 
1 184 VAL n 
1 185 TRP n 
# 
_entity_src_gen.entity_id                          1 
_entity_src_gen.pdbx_src_id                        1 
_entity_src_gen.pdbx_alt_source_flag               sample 
_entity_src_gen.pdbx_seq_type                      ? 
_entity_src_gen.pdbx_beg_seq_num                   ? 
_entity_src_gen.pdbx_end_seq_num                   ? 
_entity_src_gen.gene_src_common_name               ? 
_entity_src_gen.gene_src_genus                     Bacillus 
_entity_src_gen.pdbx_gene_src_gene                 ? 
_entity_src_gen.gene_src_species                   ? 
_entity_src_gen.gene_src_strain                    ? 
_entity_src_gen.gene_src_tissue                    ? 
_entity_src_gen.gene_src_tissue_fraction           ? 
_entity_src_gen.gene_src_details                   ? 
_entity_src_gen.pdbx_gene_src_fragment             ? 
_entity_src_gen.pdbx_gene_src_scientific_name      'Bacillus circulans' 
_entity_src_gen.pdbx_gene_src_ncbi_taxonomy_id     1397 
_entity_src_gen.pdbx_gene_src_variant              ? 
_entity_src_gen.pdbx_gene_src_cell_line            ? 
_entity_src_gen.pdbx_gene_src_atcc                 ? 
_entity_src_gen.pdbx_gene_src_organ                ? 
_entity_src_gen.pdbx_gene_src_organelle            ? 
_entity_src_gen.pdbx_gene_src_cell                 ? 
_entity_src_gen.pdbx_gene_src_cellular_location    ? 
_entity_src_gen.host_org_common_name               ? 
_entity_src_gen.pdbx_host_org_scientific_name      ? 
_entity_src_gen.pdbx_host_org_ncbi_taxonomy_id     ? 
_entity_src_gen.host_org_genus                     ? 
_entity_src_gen.pdbx_host_org_gene                 ? 
_entity_src_gen.pdbx_host_org_organ                ? 
_entity_src_gen.host_org_species                   ? 
_entity_src_gen.pdbx_host_org_tissue               ? 
_entity_src_gen.pdbx_host_org_tissue_fraction      ? 
_entity_src_gen.pdbx_host_org_strain               ? 
_entity_src_gen.pdbx_host_org_variant              ? 
_entity_src_gen.pdbx_host_org_cell_line            ? 
_entity_src_gen.pdbx_host_org_atcc                 ? 
_entity_src_gen.pdbx_host_org_culture_collection   ? 
_entity_src_gen.pdbx_host_org_cell                 ? 
_entity_src_gen.pdbx_host_org_organelle            ? 
_entity_src_gen.pdbx_host_org_cellular_location    ? 
_entity_src_gen.pdbx_host_org_vector_type          ? 
_entity_src_gen.pdbx_host_org_vector               ? 
_entity_src_gen.host_org_details                   ? 
_entity_src_gen.expression_system_id               ? 
_entity_src_gen.plasmid_name                       ? 
_entity_src_gen.plasmid_details                    ? 
_entity_src_gen.pdbx_description                   ? 
# 
loop_
_chem_comp.id 
_chem_comp.type 
_chem_comp.mon_nstd_flag 
_chem_comp.name 
_chem_comp.pdbx_synonyms 
_chem_comp.formula 
_chem_comp.formula_weight 
ALA 'L-peptide linking' y ALANINE         ? 'C3 H7 N O2'     89.093  
ARG 'L-peptide linking' y ARGININE        ? 'C6 H15 N4 O2 1' 175.209 
ASN 'L-peptide linking' y ASPARAGINE      ? 'C4 H8 N2 O3'    132.118 
ASP 'L-peptide linking' y 'ASPARTIC ACID' ? 'C4 H7 N O4'     133.103 
GLN 'L-peptide linking' y GLUTAMINE       ? 'C5 H10 N2 O3'   146.144 
GLU 'L-peptide linking' y 'GLUTAMIC ACID' ? 'C5 H9 N O4'     147.129 
GLY 'peptide linking'   y GLYCINE         ? 'C2 H5 N O2'     75.067  
HIS 'L-peptide linking' y HISTIDINE       ? 'C6 H10 N3 O2 1' 156.162 
HOH non-polymer         . WATER           ? 'H2 O'           18.015  
ILE 'L-peptide linking' y ISOLEUCINE      ? 'C6 H13 N O2'    131.173 
LEU 'L-peptide linking' y LEUCINE         ? 'C6 H13 N O2'    131.173 
LYS 'L-peptide linking' y LYSINE          ? 'C6 H15 N2 O2 1' 147.195 
MET 'L-peptide linking' y METHIONINE      ? 'C5 H11 N O2 S'  149.211 
PHE 'L-peptide linking' y PHENYLALANINE   ? 'C9 H11 N O2'    165.189 
PRO 'L-peptide linking' y PROLINE         ? 'C5 H9 N O2'     115.130 
SER 'L-peptide linking' y SERINE          ? 'C3 H7 N O3'     105.093 
SO4 non-polymer         . 'SULFATE ION'   ? 'O4 S -2'        96.063  
THR 'L-peptide linking' y THREONINE       ? 'C4 H9 N O3'     119.119 
TRP 'L-peptide linking' y TRYPTOPHAN      ? 'C11 H12 N2 O2'  204.225 
TYR 'L-peptide linking' y TYROSINE        ? 'C9 H11 N O3'    181.189 
VAL 'L-peptide linking' y VALINE          ? 'C5 H11 N O2'    117.146 
# 
loop_
_pdbx_poly_seq_scheme.asym_id 
_pdbx_poly_seq_scheme.entity_id 
_pdbx_poly_seq_scheme.seq_id 
_pdbx_poly_seq_scheme.mon_id 
_pdbx_poly_seq_scheme.ndb_seq_num 
_pdbx_poly_seq_scheme.pdb_seq_num 
_pdbx_poly_seq_scheme.auth_seq_num 
_pdbx_poly_seq_scheme.pdb_mon_id 
_pdbx_poly_seq_scheme.auth_mon_id 
_pdbx_poly_seq_scheme.pdb_strand_id 
_pdbx_poly_seq_scheme.pdb_ins_code 
_pdbx_poly_seq_scheme.hetero 
A 1 1   ALA 1   1   1   ALA ALA A . n 
A 1 2   SER 2   2   2   SER SER A . n 
A 1 3   THR 3   3   3   THR THR A . n 
A 1 4   ASP 4   4   4   ASP ASP A . n 
A 1 5   TYR 5   5   5   TYR TYR A . n 
A 1 6   TRP 6   6   6   TRP TRP A . n 
A 1 7   GLN 7   7   7   GLN GLN A . n 
A 1 8   ASN 8   8   8   ASN ASN A . n 
A 1 9   TRP 9   9   9   TRP TRP A . n 
A 1 10  THR 10  10  10  THR THR A . n 
A 1 11  ASP 11  11  11  ASP ASP A . n 
A 1 12  GLY 12  12  12  GLY GLY A . n 
A 1 13  GLY 13  13  13  GLY GLY A . n 
A 1 14  GLY 14  14  14  GLY GLY A . n 
A 1 15  ILE 15  15  15  ILE ILE A . n 
A 1 16  VAL 16  16  16  VAL VAL A . n 
A 1 17  ASN 17  17  17  ASN ASN A . n 
A 1 18  ALA 18  18  18  ALA ALA A . n 
A 1 19  VAL 19  19  19  VAL VAL A . n 
A 1 20  ASN 20  20  20  ASN ASN A . n 
A 1 21  GLY 21  21  21  GLY GLY A . n 
A 1 22  SER 22  22  22  SER SER A . n 
A 1 23  GLY 23  23  23  GLY GLY A . n 
A 1 24  GLY 24  24  24  GLY GLY A . n 
A 1 25  ASN 25  25  25  ASN ASN A . n 
A 1 26  TYR 26  26  26  TYR TYR A . n 
A 1 27  SER 27  27  27  SER SER A . n 
A 1 28  VAL 28  28  28  VAL VAL A . n 
A 1 29  ASN 29  29  29  ASN ASN A . n 
A 1 30  TRP 30  30  30  TRP TRP A . n 
A 1 31  SER 31  31  31  SER SER A . n 
A 1 32  ASN 32  32  32  ASN ASN A . n 
A 1 33  THR 33  33  33  THR THR A . n 
A 1 34  GLY 34  34  34  GLY GLY A . n 
A 1 35  ASN 35  35  35  ASN ASN A . n 
A 1 36  PHE 36  36  36  PHE PHE A . n 
A 1 37  VAL 37  37  37  VAL VAL A . n 
A 1 38  VAL 38  38  38  VAL VAL A . n 
A 1 39  GLY 39  39  39  GLY GLY A . n 
A 1 40  LYS 40  40  40  LYS LYS A . n 
A 1 41  GLY 41  41  41  GLY GLY A . n 
A 1 42  TRP 42  42  42  TRP TRP A . n 
A 1 43  THR 43  43  43  THR THR A . n 
A 1 44  THR 44  44  44  THR THR A . n 
A 1 45  GLY 45  45  45  GLY GLY A . n 
A 1 46  SER 46  46  46  SER SER A . n 
A 1 47  PRO 47  47  47  PRO PRO A . n 
A 1 48  PHE 48  48  48  PHE PHE A . n 
A 1 49  ARG 49  49  49  ARG ARG A . n 
A 1 50  THR 50  50  50  THR THR A . n 
A 1 51  ILE 51  51  51  ILE ILE A . n 
A 1 52  ASN 52  52  52  ASN ASN A . n 
A 1 53  TYR 53  53  53  TYR TYR A . n 
A 1 54  ASN 54  54  54  ASN ASN A . n 
A 1 55  ALA 55  55  55  ALA ALA A . n 
A 1 56  GLY 56  56  56  GLY GLY A . n 
A 1 57  VAL 57  57  57  VAL VAL A . n 
A 1 58  TRP 58  58  58  TRP TRP A . n 
A 1 59  ALA 59  59  59  ALA ALA A . n 
A 1 60  PRO 60  60  60  PRO PRO A . n 
A 1 61  ASN 61  61  61  ASN ASN A . n 
A 1 62  GLY 62  62  62  GLY GLY A . n 
A 1 63  ASN 63  63  63  ASN ASN A . n 
A 1 64  GLY 64  64  64  GLY GLY A . n 
A 1 65  TYR 65  65  65  TYR TYR A . n 
A 1 66  LEU 66  66  66  LEU LEU A . n 
A 1 67  THR 67  67  67  THR THR A . n 
A 1 68  LEU 68  68  68  LEU LEU A . n 
A 1 69  TYR 69  69  69  TYR TYR A . n 
A 1 70  GLY 70  70  70  GLY GLY A . n 
A 1 71  TRP 71  71  71  TRP TRP A . n 
A 1 72  THR 72  72  72  THR THR A . n 
A 1 73  ARG 73  73  73  ARG ARG A . n 
A 1 74  SER 74  74  74  SER SER A . n 
A 1 75  PRO 75  75  75  PRO PRO A . n 
A 1 76  LEU 76  76  76  LEU LEU A . n 
A 1 77  ILE 77  77  77  ILE ILE A . n 
A 1 78  GLU 78  78  78  GLU GLU A . n 
A 1 79  TYR 79  79  79  TYR TYR A . n 
A 1 80  TYR 80  80  80  TYR TYR A . n 
A 1 81  VAL 81  81  81  VAL VAL A . n 
A 1 82  VAL 82  82  82  VAL VAL A . n 
A 1 83  ASP 83  83  83  ASP ASP A . n 
A 1 84  SER 84  84  84  SER SER A . n 
A 1 85  TRP 85  85  85  TRP TRP A . n 
A 1 86  GLY 86  86  86  GLY GLY A . n 
A 1 87  THR 87  87  87  THR THR A . n 
A 1 88  TYR 88  88  88  TYR TYR A . n 
A 1 89  ARG 89  89  89  ARG ARG A . n 
A 1 90  PRO 90  90  90  PRO PRO A . n 
A 1 91  THR 91  91  91  THR THR A . n 
A 1 92  GLY 92  92  92  GLY GLY A . n 
A 1 93  THR 93  93  93  THR THR A . n 
A 1 94  TYR 94  94  94  TYR TYR A . n 
A 1 95  LYS 95  95  95  LYS LYS A . n 
A 1 96  GLY 96  96  96  GLY GLY A . n 
A 1 97  THR 97  97  97  THR THR A . n 
A 1 98  VAL 98  98  98  VAL VAL A . n 
A 1 99  LYS 99  99  99  LYS LYS A . n 
A 1 100 SER 100 100 100 SER SER A . n 
A 1 101 ASP 101 101 101 ASP ASP A . n 
A 1 102 GLY 102 102 102 GLY GLY A . n 
A 1 103 GLY 103 103 103 GLY GLY A . n 
A 1 104 THR 104 104 104 THR THR A . n 
A 1 105 TYR 105 105 105 TYR TYR A . n 
A 1 106 ASP 106 106 106 ASP ASP A . n 
A 1 107 ILE 107 107 107 ILE ILE A . n 
A 1 108 TYR 108 108 108 TYR TYR A . n 
A 1 109 THR 109 109 109 THR THR A . n 
A 1 110 THR 110 110 110 THR THR A . n 
A 1 111 THR 111 111 111 THR THR A . n 
A 1 112 ARG 112 112 112 ARG ARG A . n 
A 1 113 TYR 113 113 113 TYR TYR A . n 
A 1 114 ASN 114 114 114 ASN ASN A . n 
A 1 115 ALA 115 115 115 ALA ALA A . n 
A 1 116 PRO 116 116 116 PRO PRO A . n 
A 1 117 SER 117 117 117 SER SER A . n 
A 1 118 ILE 118 118 118 ILE ILE A . n 
A 1 119 ASP 119 119 119 ASP ASP A . n 
A 1 120 GLY 120 120 120 GLY GLY A . n 
A 1 121 ASP 121 121 121 ASP ASP A . n 
A 1 122 ARG 122 122 122 ARG ARG A . n 
A 1 123 THR 123 123 123 THR THR A . n 
A 1 124 THR 124 124 124 THR THR A . n 
A 1 125 PHE 125 125 125 PHE PHE A . n 
A 1 126 THR 126 126 126 THR THR A . n 
A 1 127 GLN 127 127 127 GLN GLN A . n 
A 1 128 TYR 128 128 128 TYR TYR A . n 
A 1 129 TRP 129 129 129 TRP TRP A . n 
A 1 130 SER 130 130 130 SER SER A . n 
A 1 131 VAL 131 131 131 VAL VAL A . n 
A 1 132 ARG 132 132 132 ARG ARG A . n 
A 1 133 GLN 133 133 133 GLN GLN A . n 
A 1 134 SER 134 134 134 SER SER A . n 
A 1 135 LYS 135 135 135 LYS LYS A . n 
A 1 136 ARG 136 136 136 ARG ARG A . n 
A 1 137 PRO 137 137 137 PRO PRO A . n 
A 1 138 THR 138 138 138 THR THR A . n 
A 1 139 GLY 139 139 139 GLY GLY A . n 
A 1 140 SER 140 140 140 SER SER A . n 
A 1 141 ASN 141 141 141 ASN ASN A . n 
A 1 142 ALA 142 142 142 ALA ALA A . n 
A 1 143 THR 143 143 143 THR THR A . n 
A 1 144 ILE 144 144 144 ILE ILE A . n 
A 1 145 THR 145 145 145 THR THR A . n 
A 1 146 PHE 146 146 146 PHE PHE A . n 
A 1 147 THR 147 147 147 THR THR A . n 
A 1 148 ASN 148 148 148 ASN ASN A . n 
A 1 149 HIS 149 149 149 HIS HIS A . n 
A 1 150 VAL 150 150 150 VAL VAL A . n 
A 1 151 ASN 151 151 151 ASN ASN A . n 
A 1 152 ALA 152 152 152 ALA ALA A . n 
A 1 153 TRP 153 153 153 TRP TRP A . n 
A 1 154 LYS 154 154 154 LYS LYS A . n 
A 1 155 SER 155 155 155 SER SER A . n 
A 1 156 HIS 156 156 156 HIS HIS A . n 
A 1 157 GLY 157 157 157 GLY GLY A . n 
A 1 158 MET 158 158 158 MET MET A . n 
A 1 159 ASN 159 159 159 ASN ASN A . n 
A 1 160 LEU 160 160 160 LEU LEU A . n 
A 1 161 GLY 161 161 161 GLY GLY A . n 
A 1 162 SER 162 162 162 SER SER A . n 
A 1 163 ASN 163 163 163 ASN ASN A . n 
A 1 164 TRP 164 164 164 TRP TRP A . n 
A 1 165 ALA 165 165 165 ALA ALA A . n 
A 1 166 TYR 166 166 166 TYR TYR A . n 
A 1 167 GLN 167 167 167 GLN GLN A . n 
A 1 168 VAL 168 168 168 VAL VAL A . n 
A 1 169 MET 169 169 169 MET MET A . n 
A 1 170 ALA 170 170 170 ALA ALA A . n 
A 1 171 THR 171 171 171 THR THR A . n 
A 1 172 GLU 172 172 172 GLU GLU A . n 
A 1 173 GLY 173 173 173 GLY GLY A . n 
A 1 174 TYR 174 174 174 TYR TYR A . n 
A 1 175 GLN 175 175 175 GLN GLN A . n 
A 1 176 SER 176 176 176 SER SER A . n 
A 1 177 SER 177 177 177 SER SER A . n 
A 1 178 GLY 178 178 178 GLY GLY A . n 
A 1 179 SER 179 179 179 SER SER A . n 
A 1 180 SER 180 180 180 SER SER A . n 
A 1 181 ASN 181 181 181 ASN ASN A . n 
A 1 182 VAL 182 182 182 VAL VAL A . n 
A 1 183 THR 183 183 183 THR THR A . n 
A 1 184 VAL 184 184 184 VAL VAL A . n 
A 1 185 TRP 185 185 185 TRP TRP A . n 
# 
loop_
_pdbx_nonpoly_scheme.asym_id 
_pdbx_nonpoly_scheme.entity_id 
_pdbx_nonpoly_scheme.mon_id 
_pdbx_nonpoly_scheme.ndb_seq_num 
_pdbx_nonpoly_scheme.pdb_seq_num 
_pdbx_nonpoly_scheme.auth_seq_num 
_pdbx_nonpoly_scheme.pdb_mon_id 
_pdbx_nonpoly_scheme.auth_mon_id 
_pdbx_nonpoly_scheme.pdb_strand_id 
_pdbx_nonpoly_scheme.pdb_ins_code 
B 2 SO4 1   191 191 SO4 SO4 A . 
C 3 HOH 1   200 200 HOH HOH A . 
C 3 HOH 2   201 201 HOH HOH A . 
C 3 HOH 3   202 202 HOH HOH A . 
C 3 HOH 4   203 203 HOH HOH A . 
C 3 HOH 5   204 204 HOH HOH A . 
C 3 HOH 6   205 205 HOH HOH A . 
C 3 HOH 7   206 206 HOH HOH A . 
C 3 HOH 8   207 207 HOH HOH A . 
C 3 HOH 9   208 208 HOH HOH A . 
C 3 HOH 10  209 209 HOH HOH A . 
C 3 HOH 11  210 210 HOH HOH A . 
C 3 HOH 12  211 211 HOH HOH A . 
C 3 HOH 13  212 212 HOH HOH A . 
C 3 HOH 14  213 213 HOH HOH A . 
C 3 HOH 15  214 214 HOH HOH A . 
C 3 HOH 16  215 215 HOH HOH A . 
C 3 HOH 17  216 216 HOH HOH A . 
C 3 HOH 18  218 218 HOH HOH A . 
C 3 HOH 19  219 219 HOH HOH A . 
C 3 HOH 20  220 220 HOH HOH A . 
C 3 HOH 21  221 221 HOH HOH A . 
C 3 HOH 22  222 222 HOH HOH A . 
C 3 HOH 23  224 224 HOH HOH A . 
C 3 HOH 24  225 225 HOH HOH A . 
C 3 HOH 25  226 226 HOH HOH A . 
C 3 HOH 26  227 227 HOH HOH A . 
C 3 HOH 27  228 228 HOH HOH A . 
C 3 HOH 28  229 229 HOH HOH A . 
C 3 HOH 29  230 230 HOH HOH A . 
C 3 HOH 30  231 231 HOH HOH A . 
C 3 HOH 31  232 232 HOH HOH A . 
C 3 HOH 32  235 235 HOH HOH A . 
C 3 HOH 33  236 236 HOH HOH A . 
C 3 HOH 34  237 237 HOH HOH A . 
C 3 HOH 35  238 238 HOH HOH A . 
C 3 HOH 36  240 240 HOH HOH A . 
C 3 HOH 37  241 241 HOH HOH A . 
C 3 HOH 38  242 242 HOH HOH A . 
C 3 HOH 39  243 243 HOH HOH A . 
C 3 HOH 40  244 244 HOH HOH A . 
C 3 HOH 41  246 246 HOH HOH A . 
C 3 HOH 42  247 247 HOH HOH A . 
C 3 HOH 43  248 248 HOH HOH A . 
C 3 HOH 44  249 249 HOH HOH A . 
C 3 HOH 45  300 300 HOH HOH A . 
C 3 HOH 46  301 301 HOH HOH A . 
C 3 HOH 47  302 302 HOH HOH A . 
C 3 HOH 48  303 303 HOH HOH A . 
C 3 HOH 49  304 304 HOH HOH A . 
C 3 HOH 50  305 305 HOH HOH A . 
C 3 HOH 51  306 306 HOH HOH A . 
C 3 HOH 52  307 307 HOH HOH A . 
C 3 HOH 53  308 308 HOH HOH A . 
C 3 HOH 54  309 309 HOH HOH A . 
C 3 HOH 55  310 310 HOH HOH A . 
C 3 HOH 56  312 312 HOH HOH A . 
C 3 HOH 57  313 313 HOH HOH A . 
C 3 HOH 58  314 314 HOH HOH A . 
C 3 HOH 59  316 316 HOH HOH A . 
C 3 HOH 60  317 317 HOH HOH A . 
C 3 HOH 61  318 318 HOH HOH A . 
C 3 HOH 62  320 320 HOH HOH A . 
C 3 HOH 63  321 321 HOH HOH A . 
C 3 HOH 64  322 322 HOH HOH A . 
C 3 HOH 65  324 324 HOH HOH A . 
C 3 HOH 66  325 325 HOH HOH A . 
C 3 HOH 67  326 326 HOH HOH A . 
C 3 HOH 68  328 328 HOH HOH A . 
C 3 HOH 69  329 329 HOH HOH A . 
C 3 HOH 70  330 330 HOH HOH A . 
C 3 HOH 71  331 331 HOH HOH A . 
C 3 HOH 72  332 332 HOH HOH A . 
C 3 HOH 73  333 333 HOH HOH A . 
C 3 HOH 74  334 334 HOH HOH A . 
C 3 HOH 75  335 335 HOH HOH A . 
C 3 HOH 76  336 336 HOH HOH A . 
C 3 HOH 77  337 337 HOH HOH A . 
C 3 HOH 78  338 338 HOH HOH A . 
C 3 HOH 79  339 339 HOH HOH A . 
C 3 HOH 80  340 340 HOH HOH A . 
C 3 HOH 81  342 342 HOH HOH A . 
C 3 HOH 82  343 343 HOH HOH A . 
C 3 HOH 83  347 347 HOH HOH A . 
C 3 HOH 84  348 348 HOH HOH A . 
C 3 HOH 85  351 351 HOH HOH A . 
C 3 HOH 86  352 352 HOH HOH A . 
C 3 HOH 87  353 353 HOH HOH A . 
C 3 HOH 88  354 354 HOH HOH A . 
C 3 HOH 89  355 355 HOH HOH A . 
C 3 HOH 90  357 357 HOH HOH A . 
C 3 HOH 91  358 358 HOH HOH A . 
C 3 HOH 92  359 359 HOH HOH A . 
C 3 HOH 93  360 360 HOH HOH A . 
C 3 HOH 94  361 361 HOH HOH A . 
C 3 HOH 95  362 362 HOH HOH A . 
C 3 HOH 96  364 364 HOH HOH A . 
C 3 HOH 97  366 366 HOH HOH A . 
C 3 HOH 98  367 367 HOH HOH A . 
C 3 HOH 99  368 368 HOH HOH A . 
C 3 HOH 100 369 369 HOH HOH A . 
C 3 HOH 101 380 380 HOH HOH A . 
C 3 HOH 102 383 383 HOH HOH A . 
C 3 HOH 103 397 397 HOH HOH A . 
C 3 HOH 104 400 400 HOH HOH A . 
C 3 HOH 105 401 401 HOH HOH A . 
C 3 HOH 106 402 402 HOH HOH A . 
C 3 HOH 107 403 403 HOH HOH A . 
C 3 HOH 108 405 405 HOH HOH A . 
C 3 HOH 109 406 406 HOH HOH A . 
C 3 HOH 110 407 407 HOH HOH A . 
C 3 HOH 111 408 408 HOH HOH A . 
C 3 HOH 112 410 410 HOH HOH A . 
C 3 HOH 113 411 411 HOH HOH A . 
C 3 HOH 114 412 412 HOH HOH A . 
C 3 HOH 115 413 413 HOH HOH A . 
C 3 HOH 116 414 414 HOH HOH A . 
C 3 HOH 117 416 416 HOH HOH A . 
C 3 HOH 118 417 417 HOH HOH A . 
C 3 HOH 119 418 418 HOH HOH A . 
C 3 HOH 120 419 419 HOH HOH A . 
C 3 HOH 121 420 420 HOH HOH A . 
C 3 HOH 122 425 425 HOH HOH A . 
C 3 HOH 123 428 428 HOH HOH A . 
C 3 HOH 124 429 429 HOH HOH A . 
C 3 HOH 125 501 501 HOH HOH A . 
C 3 HOH 126 502 502 HOH HOH A . 
C 3 HOH 127 503 503 HOH HOH A . 
C 3 HOH 128 504 504 HOH HOH A . 
C 3 HOH 129 505 505 HOH HOH A . 
C 3 HOH 130 508 508 HOH HOH A . 
C 3 HOH 131 509 509 HOH HOH A . 
C 3 HOH 132 511 511 HOH HOH A . 
C 3 HOH 133 513 513 HOH HOH A . 
C 3 HOH 134 514 514 HOH HOH A . 
C 3 HOH 135 515 515 HOH HOH A . 
C 3 HOH 136 518 518 HOH HOH A . 
C 3 HOH 137 521 521 HOH HOH A . 
C 3 HOH 138 524 524 HOH HOH A . 
C 3 HOH 139 525 525 HOH HOH A . 
C 3 HOH 140 528 528 HOH HOH A . 
C 3 HOH 141 529 529 HOH HOH A . 
C 3 HOH 142 530 530 HOH HOH A . 
C 3 HOH 143 531 531 HOH HOH A . 
C 3 HOH 144 532 532 HOH HOH A . 
C 3 HOH 145 533 533 HOH HOH A . 
C 3 HOH 146 534 534 HOH HOH A . 
C 3 HOH 147 535 535 HOH HOH A . 
C 3 HOH 148 536 536 HOH HOH A . 
C 3 HOH 149 540 540 HOH HOH A . 
C 3 HOH 150 542 542 HOH HOH A . 
C 3 HOH 151 543 543 HOH HOH A . 
C 3 HOH 152 544 544 HOH HOH A . 
C 3 HOH 153 545 545 HOH HOH A . 
C 3 HOH 154 549 549 HOH HOH A . 
# 
loop_
_software.name 
_software.classification 
_software.version 
_software.citation_id 
_software.pdbx_ordinal 
X-PLOR 'model building' . ? 1 
X-PLOR refinement       . ? 2 
X-PLOR phasing          . ? 3 
# 
_cell.entry_id           1XNB 
_cell.length_a           44.000 
_cell.length_b           52.780 
_cell.length_c           78.390 
_cell.angle_alpha        90.00 
_cell.angle_beta         90.00 
_cell.angle_gamma        90.00 
_cell.Z_PDB              4 
_cell.pdbx_unique_axis   ? 
# 
_symmetry.entry_id                         1XNB 
_symmetry.space_group_name_H-M             'P 21 21 21' 
_symmetry.pdbx_full_space_group_name_H-M   ? 
_symmetry.cell_setting                     ? 
_symmetry.Int_Tables_number                19 
# 
_exptl.entry_id          1XNB 
_exptl.method            'X-RAY DIFFRACTION' 
_exptl.crystals_number   ? 
# 
_exptl_crystal.id                    1 
_exptl_crystal.density_meas          ? 
_exptl_crystal.density_Matthews      2.23 
_exptl_crystal.density_percent_sol   44.83 
_exptl_crystal.description           ? 
# 
_refine.entry_id                                 1XNB 
_refine.ls_number_reflns_obs                     27189 
_refine.ls_number_reflns_all                     ? 
_refine.pdbx_ls_sigma_I                          ? 
_refine.pdbx_ls_sigma_F                          2. 
_refine.pdbx_data_cutoff_high_absF               ? 
_refine.pdbx_data_cutoff_low_absF                ? 
_refine.pdbx_data_cutoff_high_rms_absF           ? 
_refine.ls_d_res_low                             8. 
_refine.ls_d_res_high                            1.49 
_refine.ls_percent_reflns_obs                    ? 
_refine.ls_R_factor_obs                          0.1650000 
_refine.ls_R_factor_all                          ? 
_refine.ls_R_factor_R_work                       0.1650000 
_refine.ls_R_factor_R_free                       ? 
_refine.ls_R_factor_R_free_error                 ? 
_refine.ls_R_factor_R_free_error_details         ? 
_refine.ls_percent_reflns_R_free                 ? 
_refine.ls_number_reflns_R_free                  ? 
_refine.ls_number_parameters                     ? 
_refine.ls_number_restraints                     ? 
_refine.occupancy_min                            ? 
_refine.occupancy_max                            ? 
_refine.B_iso_mean                               ? 
_refine.aniso_B[1][1]                            ? 
_refine.aniso_B[2][2]                            ? 
_refine.aniso_B[3][3]                            ? 
_refine.aniso_B[1][2]                            ? 
_refine.aniso_B[1][3]                            ? 
_refine.aniso_B[2][3]                            ? 
_refine.solvent_model_details                    ? 
_refine.solvent_model_param_ksol                 ? 
_refine.solvent_model_param_bsol                 ? 
_refine.pdbx_ls_cross_valid_method               ? 
_refine.details                                  
;ALL NON-GLYCINE RESIDUES LIE WITHIN THE ALLOWED REGIONS OF
A RAMACHANDRAN PLOT EXCEPT ASP 121 AND ALA 165.  THE
ELECTRON DENSITY FOR BOTH ASP 121 AND ALA 165 IS VERY
CLEAR.
;
_refine.pdbx_starting_model                      ? 
_refine.pdbx_method_to_determine_struct          ? 
_refine.pdbx_isotropic_thermal_model             ? 
_refine.pdbx_stereochemistry_target_values       ? 
_refine.pdbx_stereochem_target_val_spec_case     ? 
_refine.pdbx_R_Free_selection_details            ? 
_refine.pdbx_overall_ESU_R                       ? 
_refine.pdbx_overall_ESU_R_Free                  ? 
_refine.overall_SU_ML                            ? 
_refine.overall_SU_B                             ? 
_refine.pdbx_refine_id                           'X-RAY DIFFRACTION' 
_refine.pdbx_diffrn_id                           1 
_refine.pdbx_TLS_residual_ADP_flag               ? 
_refine.correlation_coeff_Fo_to_Fc               ? 
_refine.correlation_coeff_Fo_to_Fc_free          ? 
_refine.pdbx_solvent_vdw_probe_radii             ? 
_refine.pdbx_solvent_ion_probe_radii             ? 
_refine.pdbx_solvent_shrinkage_radii             ? 
_refine.pdbx_overall_phase_error                 ? 
_refine.overall_SU_R_Cruickshank_DPI             ? 
_refine.pdbx_overall_SU_R_free_Cruickshank_DPI   ? 
_refine.pdbx_overall_SU_R_Blow_DPI               ? 
_refine.pdbx_overall_SU_R_free_Blow_DPI          ? 
# 
_refine_hist.pdbx_refine_id                   'X-RAY DIFFRACTION' 
_refine_hist.cycle_id                         LAST 
_refine_hist.pdbx_number_atoms_protein        1448 
_refine_hist.pdbx_number_atoms_nucleic_acid   0 
_refine_hist.pdbx_number_atoms_ligand         5 
_refine_hist.number_atoms_solvent             154 
_refine_hist.number_atoms_total               1607 
_refine_hist.d_res_high                       1.49 
_refine_hist.d_res_low                        8. 
# 
loop_
_refine_ls_restr.type 
_refine_ls_restr.dev_ideal 
_refine_ls_restr.dev_ideal_target 
_refine_ls_restr.weight 
_refine_ls_restr.number 
_refine_ls_restr.pdbx_refine_id 
_refine_ls_restr.pdbx_restraint_function 
x_bond_d                0.010 ? ? ? 'X-RAY DIFFRACTION' ? 
x_bond_d_na             ?     ? ? ? 'X-RAY DIFFRACTION' ? 
x_bond_d_prot           ?     ? ? ? 'X-RAY DIFFRACTION' ? 
x_angle_d               ?     ? ? ? 'X-RAY DIFFRACTION' ? 
x_angle_d_na            ?     ? ? ? 'X-RAY DIFFRACTION' ? 
x_angle_d_prot          ?     ? ? ? 'X-RAY DIFFRACTION' ? 
x_angle_deg             1.61  ? ? ? 'X-RAY DIFFRACTION' ? 
x_angle_deg_na          ?     ? ? ? 'X-RAY DIFFRACTION' ? 
x_angle_deg_prot        ?     ? ? ? 'X-RAY DIFFRACTION' ? 
x_dihedral_angle_d      26.89 ? ? ? 'X-RAY DIFFRACTION' ? 
x_dihedral_angle_d_na   ?     ? ? ? 'X-RAY DIFFRACTION' ? 
x_dihedral_angle_d_prot ?     ? ? ? 'X-RAY DIFFRACTION' ? 
x_improper_angle_d      1.190 ? ? ? 'X-RAY DIFFRACTION' ? 
x_improper_angle_d_na   ?     ? ? ? 'X-RAY DIFFRACTION' ? 
x_improper_angle_d_prot ?     ? ? ? 'X-RAY DIFFRACTION' ? 
x_mcbond_it             ?     ? ? ? 'X-RAY DIFFRACTION' ? 
x_mcangle_it            ?     ? ? ? 'X-RAY DIFFRACTION' ? 
x_scbond_it             ?     ? ? ? 'X-RAY DIFFRACTION' ? 
x_scangle_it            ?     ? ? ? 'X-RAY DIFFRACTION' ? 
# 
_struct.entry_id                  1XNB 
_struct.title                     
;HIGH-RESOLUTION STRUCTURES OF XYLANASES FROM B. CIRCULANS AND T. HARZIANUM IDENTIFY A NEW FOLDING PATTERN AND IMPLICATIONS FOR THE ATOMIC BASIS OF THE CATALYSIS
;
_struct.pdbx_model_details        ? 
_struct.pdbx_CASP_flag            ? 
_struct.pdbx_model_type_details   ? 
# 
_struct_keywords.entry_id        1XNB 
_struct_keywords.pdbx_keywords   GLYCOSIDASE 
_struct_keywords.text            GLYCOSIDASE 
# 
loop_
_struct_asym.id 
_struct_asym.pdbx_blank_PDB_chainid_flag 
_struct_asym.pdbx_modified 
_struct_asym.entity_id 
_struct_asym.details 
A N N 1 ? 
B N N 2 ? 
C N N 3 ? 
# 
_struct_ref.id                         1 
_struct_ref.db_name                    UNP 
_struct_ref.db_code                    XYNA_BACCI 
_struct_ref.entity_id                  1 
_struct_ref.pdbx_db_accession          P09850 
_struct_ref.pdbx_align_begin           1 
_struct_ref.pdbx_seq_one_letter_code   
;MFKFKKNFLVGLSAALMSISLFSATASAASTDYWQNWTDGGGIVNAVNGSGGNYSVNWSNTGNFVVGKGWTTGSPFRTIN
YNAGVWAPNGNGYLTLYGWTRSPLIEYYVVDSWGTYRPTGTYKGTVKSDGGTYDIYTTTRYNAPSIDGDRTTFTQYWSVR
QSKRPTGSNATITFTNHVNAWKSHGMNLGSNWAYQVMATEGYQSSGSSNVTVW
;
_struct_ref.pdbx_db_isoform            ? 
# 
_struct_ref_seq.align_id                      1 
_struct_ref_seq.ref_id                        1 
_struct_ref_seq.pdbx_PDB_id_code              1XNB 
_struct_ref_seq.pdbx_strand_id                A 
_struct_ref_seq.seq_align_beg                 1 
_struct_ref_seq.pdbx_seq_align_beg_ins_code   ? 
_struct_ref_seq.seq_align_end                 185 
_struct_ref_seq.pdbx_seq_align_end_ins_code   ? 
_struct_ref_seq.pdbx_db_accession             P09850 
_struct_ref_seq.db_align_beg                  29 
_struct_ref_seq.pdbx_db_align_beg_ins_code    ? 
_struct_ref_seq.db_align_end                  213 
_struct_ref_seq.pdbx_db_align_end_ins_code    ? 
_struct_ref_seq.pdbx_auth_seq_align_beg       1 
_struct_ref_seq.pdbx_auth_seq_align_end       185 
# 
_pdbx_struct_assembly.id                   1 
_pdbx_struct_assembly.details              author_defined_assembly 
_pdbx_struct_assembly.method_details       ? 
_pdbx_struct_assembly.oligomeric_details   monomeric 
_pdbx_struct_assembly.oligomeric_count     1 
# 
_pdbx_struct_assembly_gen.assembly_id       1 
_pdbx_struct_assembly_gen.oper_expression   1 
_pdbx_struct_assembly_gen.asym_id_list      A,B,C 
# 
_pdbx_struct_oper_list.id                   1 
_pdbx_struct_oper_list.type                 'identity operation' 
_pdbx_struct_oper_list.name                 1_555 
_pdbx_struct_oper_list.symmetry_operation   x,y,z 
_pdbx_struct_oper_list.matrix[1][1]         1.0000000000 
_pdbx_struct_oper_list.matrix[1][2]         0.0000000000 
_pdbx_struct_oper_list.matrix[1][3]         0.0000000000 
_pdbx_struct_oper_list.vector[1]            0.0000000000 
_pdbx_struct_oper_list.matrix[2][1]         0.0000000000 
_pdbx_struct_oper_list.matrix[2][2]         1.0000000000 
_pdbx_struct_oper_list.matrix[2][3]         0.0000000000 
_pdbx_struct_oper_list.vector[2]            0.0000000000 
_pdbx_struct_oper_list.matrix[3][1]         0.0000000000 
_pdbx_struct_oper_list.matrix[3][2]         0.0000000000 
_pdbx_struct_oper_list.matrix[3][3]         1.0000000000 
_pdbx_struct_oper_list.vector[3]            0.0000000000 
# 
_struct_biol.id   1 
# 
_struct_conf.conf_type_id            HELX_P 
_struct_conf.id                      HELX_P1 
_struct_conf.pdbx_PDB_helix_id       A 
_struct_conf.beg_label_comp_id       THR 
_struct_conf.beg_label_asym_id       A 
_struct_conf.beg_label_seq_id        147 
_struct_conf.pdbx_beg_PDB_ins_code   ? 
_struct_conf.end_label_comp_id       LYS 
_struct_conf.end_label_asym_id       A 
_struct_conf.end_label_seq_id        154 
_struct_conf.pdbx_end_PDB_ins_code   ? 
_struct_conf.beg_auth_comp_id        THR 
_struct_conf.beg_auth_asym_id        A 
_struct_conf.beg_auth_seq_id         147 
_struct_conf.end_auth_comp_id        LYS 
_struct_conf.end_auth_asym_id        A 
_struct_conf.end_auth_seq_id         154 
_struct_conf.pdbx_PDB_helix_class    1 
_struct_conf.details                 ? 
_struct_conf.pdbx_PDB_helix_length   8 
# 
_struct_conf_type.id          HELX_P 
_struct_conf_type.criteria    ? 
_struct_conf_type.reference   ? 
# 
_struct_mon_prot_cis.pdbx_id                1 
_struct_mon_prot_cis.label_comp_id          SER 
_struct_mon_prot_cis.label_seq_id           74 
_struct_mon_prot_cis.label_asym_id          A 
_struct_mon_prot_cis.label_alt_id           . 
_struct_mon_prot_cis.pdbx_PDB_ins_code      ? 
_struct_mon_prot_cis.auth_comp_id           SER 
_struct_mon_prot_cis.auth_seq_id            74 
_struct_mon_prot_cis.auth_asym_id           A 
_struct_mon_prot_cis.pdbx_label_comp_id_2   PRO 
_struct_mon_prot_cis.pdbx_label_seq_id_2    75 
_struct_mon_prot_cis.pdbx_label_asym_id_2   A 
_struct_mon_prot_cis.pdbx_PDB_ins_code_2    ? 
_struct_mon_prot_cis.pdbx_auth_comp_id_2    PRO 
_struct_mon_prot_cis.pdbx_auth_seq_id_2     75 
_struct_mon_prot_cis.pdbx_auth_asym_id_2    A 
_struct_mon_prot_cis.pdbx_PDB_model_num     1 
_struct_mon_prot_cis.pdbx_omega_angle       -0.13 
# 
loop_
_struct_sheet.id 
_struct_sheet.type 
_struct_sheet.number_strands 
_struct_sheet.details 
A ? 5 ? 
B ? 5 ? 
C ? 6 ? 
# 
loop_
_struct_sheet_order.sheet_id 
_struct_sheet_order.range_id_1 
_struct_sheet_order.range_id_2 
_struct_sheet_order.offset 
_struct_sheet_order.sense 
A 1 2 ? anti-parallel 
A 2 3 ? anti-parallel 
A 3 4 ? anti-parallel 
A 4 5 ? anti-parallel 
B 1 2 ? anti-parallel 
B 2 3 ? anti-parallel 
B 3 4 ? anti-parallel 
B 4 5 ? anti-parallel 
C 1 2 ? anti-parallel 
C 2 3 ? anti-parallel 
C 3 4 ? parallel      
C 4 5 ? anti-parallel 
C 5 6 ? anti-parallel 
# 
loop_
_struct_sheet_range.sheet_id 
_struct_sheet_range.id 
_struct_sheet_range.beg_label_comp_id 
_struct_sheet_range.beg_label_asym_id 
_struct_sheet_range.beg_label_seq_id 
_struct_sheet_range.pdbx_beg_PDB_ins_code 
_struct_sheet_range.end_label_comp_id 
_struct_sheet_range.end_label_asym_id 
_struct_sheet_range.end_label_seq_id 
_struct_sheet_range.pdbx_end_PDB_ins_code 
_struct_sheet_range.beg_auth_comp_id 
_struct_sheet_range.beg_auth_asym_id 
_struct_sheet_range.beg_auth_seq_id 
_struct_sheet_range.end_auth_comp_id 
_struct_sheet_range.end_auth_asym_id 
_struct_sheet_range.end_auth_seq_id 
A 1 ILE A 15  ? GLY A 21  ? ILE A 15  GLY A 21  
A 2 ASN A 25  ? SER A 31  ? ASN A 25  SER A 31  
A 3 GLY A 178 ? VAL A 184 ? GLY A 178 VAL A 184 
A 4 ARG A 49  ? PRO A 60  ? ARG A 49  PRO A 60  
A 5 ASN A 141 ? PHE A 146 ? ASN A 141 PHE A 146 
B 1 SER A 2   ? THR A 10  ? SER A 2   THR A 10  
B 2 ASN A 35  ? VAL A 38  ? ASN A 35  VAL A 38  
B 3 ALA A 170 ? TYR A 174 ? ALA A 170 TYR A 174 
B 4 ASN A 63  ? LEU A 66  ? ASN A 63  LEU A 66  
B 5 SER A 84  ? GLY A 86  ? SER A 84  GLY A 86  
C 1 GLY A 96  ? SER A 100 ? GLY A 96  SER A 100 
C 2 GLY A 103 ? TYR A 113 ? GLY A 103 TYR A 113 
C 3 PHE A 125 ? VAL A 131 ? PHE A 125 VAL A 131 
C 4 ILE A 77  ? VAL A 81  ? ILE A 77  VAL A 81  
C 5 LEU A 68  ? ARG A 73  ? LEU A 68  ARG A 73  
C 6 ASN A 163 ? VAL A 168 ? ASN A 163 VAL A 168 
# 
loop_
_pdbx_struct_sheet_hbond.sheet_id 
_pdbx_struct_sheet_hbond.range_id_1 
_pdbx_struct_sheet_hbond.range_id_2 
_pdbx_struct_sheet_hbond.range_1_label_atom_id 
_pdbx_struct_sheet_hbond.range_1_label_comp_id 
_pdbx_struct_sheet_hbond.range_1_label_asym_id 
_pdbx_struct_sheet_hbond.range_1_label_seq_id 
_pdbx_struct_sheet_hbond.range_1_PDB_ins_code 
_pdbx_struct_sheet_hbond.range_1_auth_atom_id 
_pdbx_struct_sheet_hbond.range_1_auth_comp_id 
_pdbx_struct_sheet_hbond.range_1_auth_asym_id 
_pdbx_struct_sheet_hbond.range_1_auth_seq_id 
_pdbx_struct_sheet_hbond.range_2_label_atom_id 
_pdbx_struct_sheet_hbond.range_2_label_comp_id 
_pdbx_struct_sheet_hbond.range_2_label_asym_id 
_pdbx_struct_sheet_hbond.range_2_label_seq_id 
_pdbx_struct_sheet_hbond.range_2_PDB_ins_code 
_pdbx_struct_sheet_hbond.range_2_auth_atom_id 
_pdbx_struct_sheet_hbond.range_2_auth_comp_id 
_pdbx_struct_sheet_hbond.range_2_auth_asym_id 
_pdbx_struct_sheet_hbond.range_2_auth_seq_id 
A 1 2 N GLY A 21  ? N GLY A 21  O ASN A 25  ? O ASN A 25  
A 2 3 O TRP A 30  ? O TRP A 30  N GLY A 178 ? N GLY A 178 
A 3 4 O THR A 183 ? O THR A 183 N ASN A 54  ? N ASN A 54  
A 4 5 O TYR A 53  ? O TYR A 53  N ALA A 142 ? N ALA A 142 
B 1 2 O TRP A 9   ? O TRP A 9   N VAL A 37  ? N VAL A 37  
B 2 3 O VAL A 38  ? O VAL A 38  N THR A 171 ? N THR A 171 
B 3 4 N TYR A 174 ? N TYR A 174 O ASN A 63  ? O ASN A 63  
B 4 5 O LEU A 66  ? O LEU A 66  N SER A 84  ? N SER A 84  
C 1 2 O SER A 100 ? O SER A 100 N GLY A 103 ? N GLY A 103 
C 2 3 O ARG A 112 ? O ARG A 112 N PHE A 125 ? N PHE A 125 
C 3 4 O THR A 126 ? O THR A 126 N GLU A 78  ? N GLU A 78  
C 4 5 O VAL A 81  ? O VAL A 81  N LEU A 68  ? N LEU A 68  
C 5 6 O ARG A 73  ? O ARG A 73  N ASN A 163 ? N ASN A 163 
# 
loop_
_struct_site.id 
_struct_site.pdbx_evidence_code 
_struct_site.pdbx_auth_asym_id 
_struct_site.pdbx_auth_comp_id 
_struct_site.pdbx_auth_seq_id 
_struct_site.pdbx_auth_ins_code 
_struct_site.pdbx_num_residues 
_struct_site.details 
AS1 Author   ? ?   ?   ? 2 'CATALYTIC ACIDIC RESIDUES'                                                                       
AS2 Author   ? ?   ?   ? 4 'GROUP OF TYROSINE RESIDUES IN THE ACTIVE SITE THAT APPEAR TO BE IMPORTANT FOR SUBSTRATE BINDING' 
AC1 Software A SO4 191 ? 6 'BINDING SITE FOR RESIDUE SO4 A 191'                                                              
# 
loop_
_struct_site_gen.id 
_struct_site_gen.site_id 
_struct_site_gen.pdbx_num_res 
_struct_site_gen.label_comp_id 
_struct_site_gen.label_asym_id 
_struct_site_gen.label_seq_id 
_struct_site_gen.pdbx_auth_ins_code 
_struct_site_gen.auth_comp_id 
_struct_site_gen.auth_asym_id 
_struct_site_gen.auth_seq_id 
_struct_site_gen.label_atom_id 
_struct_site_gen.label_alt_id 
_struct_site_gen.symmetry 
_struct_site_gen.details 
1  AS1 2 GLU A 78  ? GLU A 78  . ? 1_555 ? 
2  AS1 2 GLU A 172 ? GLU A 172 . ? 1_555 ? 
3  AS2 4 TYR A 5   ? TYR A 5   . ? 1_555 ? 
4  AS2 4 TYR A 69  ? TYR A 69  . ? 1_555 ? 
5  AS2 4 TYR A 80  ? TYR A 80  . ? 1_555 ? 
6  AS2 4 TYR A 166 ? TYR A 166 . ? 1_555 ? 
7  AC1 6 ALA A 1   ? ALA A 1   . ? 1_555 ? 
8  AC1 6 GLY A 96  ? GLY A 96  . ? 3_655 ? 
9  AC1 6 THR A 97  ? THR A 97  . ? 3_655 ? 
10 AC1 6 HIS A 156 ? HIS A 156 . ? 3_655 ? 
11 AC1 6 HOH C .   ? HOH A 242 . ? 3_655 ? 
12 AC1 6 HOH C .   ? HOH A 403 . ? 3_655 ? 
# 
_pdbx_validate_rmsd_angle.id                         1 
_pdbx_validate_rmsd_angle.PDB_model_num              1 
_pdbx_validate_rmsd_angle.auth_atom_id_1             N 
_pdbx_validate_rmsd_angle.auth_asym_id_1             A 
_pdbx_validate_rmsd_angle.auth_comp_id_1             GLY 
_pdbx_validate_rmsd_angle.auth_seq_id_1              34 
_pdbx_validate_rmsd_angle.PDB_ins_code_1             ? 
_pdbx_validate_rmsd_angle.label_alt_id_1             ? 
_pdbx_validate_rmsd_angle.auth_atom_id_2             CA 
_pdbx_validate_rmsd_angle.auth_asym_id_2             A 
_pdbx_validate_rmsd_angle.auth_comp_id_2             GLY 
_pdbx_validate_rmsd_angle.auth_seq_id_2              34 
_pdbx_validate_rmsd_angle.PDB_ins_code_2             ? 
_pdbx_validate_rmsd_angle.label_alt_id_2             ? 
_pdbx_validate_rmsd_angle.auth_atom_id_3             C 
_pdbx_validate_rmsd_angle.auth_asym_id_3             A 
_pdbx_validate_rmsd_angle.auth_comp_id_3             GLY 
_pdbx_validate_rmsd_angle.auth_seq_id_3              34 
_pdbx_validate_rmsd_angle.PDB_ins_code_3             ? 
_pdbx_validate_rmsd_angle.label_alt_id_3             ? 
_pdbx_validate_rmsd_angle.angle_value                97.58 
_pdbx_validate_rmsd_angle.angle_target_value         113.10 
_pdbx_validate_rmsd_angle.angle_deviation            -15.52 
_pdbx_validate_rmsd_angle.angle_standard_deviation   2.50 
_pdbx_validate_rmsd_angle.linker_flag                N 
# 
loop_
_pdbx_validate_torsion.id 
_pdbx_validate_torsion.PDB_model_num 
_pdbx_validate_torsion.auth_comp_id 
_pdbx_validate_torsion.auth_asym_id 
_pdbx_validate_torsion.auth_seq_id 
_pdbx_validate_torsion.PDB_ins_code 
_pdbx_validate_torsion.label_alt_id 
_pdbx_validate_torsion.phi 
_pdbx_validate_torsion.psi 
1 1 ASN A 61  ? ? -111.55 59.20   
2 1 ASP A 121 ? ? 60.32   -157.89 
3 1 ALA A 165 ? ? -101.67 -157.51 
# 
loop_
_chem_comp_atom.comp_id 
_chem_comp_atom.atom_id 
_chem_comp_atom.type_symbol 
_chem_comp_atom.pdbx_aromatic_flag 
_chem_comp_atom.pdbx_stereo_config 
_chem_comp_atom.pdbx_ordinal 
ALA N    N N N 1   
ALA CA   C N S 2   
ALA C    C N N 3   
ALA O    O N N 4   
ALA CB   C N N 5   
ALA OXT  O N N 6   
ALA H    H N N 7   
ALA H2   H N N 8   
ALA HA   H N N 9   
ALA HB1  H N N 10  
ALA HB2  H N N 11  
ALA HB3  H N N 12  
ALA HXT  H N N 13  
ARG N    N N N 14  
ARG CA   C N S 15  
ARG C    C N N 16  
ARG O    O N N 17  
ARG CB   C N N 18  
ARG CG   C N N 19  
ARG CD   C N N 20  
ARG NE   N N N 21  
ARG CZ   C N N 22  
ARG NH1  N N N 23  
ARG NH2  N N N 24  
ARG OXT  O N N 25  
ARG H    H N N 26  
ARG H2   H N N 27  
ARG HA   H N N 28  
ARG HB2  H N N 29  
ARG HB3  H N N 30  
ARG HG2  H N N 31  
ARG HG3  H N N 32  
ARG HD2  H N N 33  
ARG HD3  H N N 34  
ARG HE   H N N 35  
ARG HH11 H N N 36  
ARG HH12 H N N 37  
ARG HH21 H N N 38  
ARG HH22 H N N 39  
ARG HXT  H N N 40  
ASN N    N N N 41  
ASN CA   C N S 42  
ASN C    C N N 43  
ASN O    O N N 44  
ASN CB   C N N 45  
ASN CG   C N N 46  
ASN OD1  O N N 47  
ASN ND2  N N N 48  
ASN OXT  O N N 49  
ASN H    H N N 50  
ASN H2   H N N 51  
ASN HA   H N N 52  
ASN HB2  H N N 53  
ASN HB3  H N N 54  
ASN HD21 H N N 55  
ASN HD22 H N N 56  
ASN HXT  H N N 57  
ASP N    N N N 58  
ASP CA   C N S 59  
ASP C    C N N 60  
ASP O    O N N 61  
ASP CB   C N N 62  
ASP CG   C N N 63  
ASP OD1  O N N 64  
ASP OD2  O N N 65  
ASP OXT  O N N 66  
ASP H    H N N 67  
ASP H2   H N N 68  
ASP HA   H N N 69  
ASP HB2  H N N 70  
ASP HB3  H N N 71  
ASP HD2  H N N 72  
ASP HXT  H N N 73  
GLN N    N N N 74  
GLN CA   C N S 75  
GLN C    C N N 76  
GLN O    O N N 77  
GLN CB   C N N 78  
GLN CG   C N N 79  
GLN CD   C N N 80  
GLN OE1  O N N 81  
GLN NE2  N N N 82  
GLN OXT  O N N 83  
GLN H    H N N 84  
GLN H2   H N N 85  
GLN HA   H N N 86  
GLN HB2  H N N 87  
GLN HB3  H N N 88  
GLN HG2  H N N 89  
GLN HG3  H N N 90  
GLN HE21 H N N 91  
GLN HE22 H N N 92  
GLN HXT  H N N 93  
GLU N    N N N 94  
GLU CA   C N S 95  
GLU C    C N N 96  
GLU O    O N N 97  
GLU CB   C N N 98  
GLU CG   C N N 99  
GLU CD   C N N 100 
GLU OE1  O N N 101 
GLU OE2  O N N 102 
GLU OXT  O N N 103 
GLU H    H N N 104 
GLU H2   H N N 105 
GLU HA   H N N 106 
GLU HB2  H N N 107 
GLU HB3  H N N 108 
GLU HG2  H N N 109 
GLU HG3  H N N 110 
GLU HE2  H N N 111 
GLU HXT  H N N 112 
GLY N    N N N 113 
GLY CA   C N N 114 
GLY C    C N N 115 
GLY O    O N N 116 
GLY OXT  O N N 117 
GLY H    H N N 118 
GLY H2   H N N 119 
GLY HA2  H N N 120 
GLY HA3  H N N 121 
GLY HXT  H N N 122 
HIS N    N N N 123 
HIS CA   C N S 124 
HIS C    C N N 125 
HIS O    O N N 126 
HIS CB   C N N 127 
HIS CG   C Y N 128 
HIS ND1  N Y N 129 
HIS CD2  C Y N 130 
HIS CE1  C Y N 131 
HIS NE2  N Y N 132 
HIS OXT  O N N 133 
HIS H    H N N 134 
HIS H2   H N N 135 
HIS HA   H N N 136 
HIS HB2  H N N 137 
HIS HB3  H N N 138 
HIS HD1  H N N 139 
HIS HD2  H N N 140 
HIS HE1  H N N 141 
HIS HE2  H N N 142 
HIS HXT  H N N 143 
HOH O    O N N 144 
HOH H1   H N N 145 
HOH H2   H N N 146 
ILE N    N N N 147 
ILE CA   C N S 148 
ILE C    C N N 149 
ILE O    O N N 150 
ILE CB   C N S 151 
ILE CG1  C N N 152 
ILE CG2  C N N 153 
ILE CD1  C N N 154 
ILE OXT  O N N 155 
ILE H    H N N 156 
ILE H2   H N N 157 
ILE HA   H N N 158 
ILE HB   H N N 159 
ILE HG12 H N N 160 
ILE HG13 H N N 161 
ILE HG21 H N N 162 
ILE HG22 H N N 163 
ILE HG23 H N N 164 
ILE HD11 H N N 165 
ILE HD12 H N N 166 
ILE HD13 H N N 167 
ILE HXT  H N N 168 
LEU N    N N N 169 
LEU CA   C N S 170 
LEU C    C N N 171 
LEU O    O N N 172 
LEU CB   C N N 173 
LEU CG   C N N 174 
LEU CD1  C N N 175 
LEU CD2  C N N 176 
LEU OXT  O N N 177 
LEU H    H N N 178 
LEU H2   H N N 179 
LEU HA   H N N 180 
LEU HB2  H N N 181 
LEU HB3  H N N 182 
LEU HG   H N N 183 
LEU HD11 H N N 184 
LEU HD12 H N N 185 
LEU HD13 H N N 186 
LEU HD21 H N N 187 
LEU HD22 H N N 188 
LEU HD23 H N N 189 
LEU HXT  H N N 190 
LYS N    N N N 191 
LYS CA   C N S 192 
LYS C    C N N 193 
LYS O    O N N 194 
LYS CB   C N N 195 
LYS CG   C N N 196 
LYS CD   C N N 197 
LYS CE   C N N 198 
LYS NZ   N N N 199 
LYS OXT  O N N 200 
LYS H    H N N 201 
LYS H2   H N N 202 
LYS HA   H N N 203 
LYS HB2  H N N 204 
LYS HB3  H N N 205 
LYS HG2  H N N 206 
LYS HG3  H N N 207 
LYS HD2  H N N 208 
LYS HD3  H N N 209 
LYS HE2  H N N 210 
LYS HE3  H N N 211 
LYS HZ1  H N N 212 
LYS HZ2  H N N 213 
LYS HZ3  H N N 214 
LYS HXT  H N N 215 
MET N    N N N 216 
MET CA   C N S 217 
MET C    C N N 218 
MET O    O N N 219 
MET CB   C N N 220 
MET CG   C N N 221 
MET SD   S N N 222 
MET CE   C N N 223 
MET OXT  O N N 224 
MET H    H N N 225 
MET H2   H N N 226 
MET HA   H N N 227 
MET HB2  H N N 228 
MET HB3  H N N 229 
MET HG2  H N N 230 
MET HG3  H N N 231 
MET HE1  H N N 232 
MET HE2  H N N 233 
MET HE3  H N N 234 
MET HXT  H N N 235 
PHE N    N N N 236 
PHE CA   C N S 237 
PHE C    C N N 238 
PHE O    O N N 239 
PHE CB   C N N 240 
PHE CG   C Y N 241 
PHE CD1  C Y N 242 
PHE CD2  C Y N 243 
PHE CE1  C Y N 244 
PHE CE2  C Y N 245 
PHE CZ   C Y N 246 
PHE OXT  O N N 247 
PHE H    H N N 248 
PHE H2   H N N 249 
PHE HA   H N N 250 
PHE HB2  H N N 251 
PHE HB3  H N N 252 
PHE HD1  H N N 253 
PHE HD2  H N N 254 
PHE HE1  H N N 255 
PHE HE2  H N N 256 
PHE HZ   H N N 257 
PHE HXT  H N N 258 
PRO N    N N N 259 
PRO CA   C N S 260 
PRO C    C N N 261 
PRO O    O N N 262 
PRO CB   C N N 263 
PRO CG   C N N 264 
PRO CD   C N N 265 
PRO OXT  O N N 266 
PRO H    H N N 267 
PRO HA   H N N 268 
PRO HB2  H N N 269 
PRO HB3  H N N 270 
PRO HG2  H N N 271 
PRO HG3  H N N 272 
PRO HD2  H N N 273 
PRO HD3  H N N 274 
PRO HXT  H N N 275 
SER N    N N N 276 
SER CA   C N S 277 
SER C    C N N 278 
SER O    O N N 279 
SER CB   C N N 280 
SER OG   O N N 281 
SER OXT  O N N 282 
SER H    H N N 283 
SER H2   H N N 284 
SER HA   H N N 285 
SER HB2  H N N 286 
SER HB3  H N N 287 
SER HG   H N N 288 
SER HXT  H N N 289 
SO4 S    S N N 290 
SO4 O1   O N N 291 
SO4 O2   O N N 292 
SO4 O3   O N N 293 
SO4 O4   O N N 294 
THR N    N N N 295 
THR CA   C N S 296 
THR C    C N N 297 
THR O    O N N 298 
THR CB   C N R 299 
THR OG1  O N N 300 
THR CG2  C N N 301 
THR OXT  O N N 302 
THR H    H N N 303 
THR H2   H N N 304 
THR HA   H N N 305 
THR HB   H N N 306 
THR HG1  H N N 307 
THR HG21 H N N 308 
THR HG22 H N N 309 
THR HG23 H N N 310 
THR HXT  H N N 311 
TRP N    N N N 312 
TRP CA   C N S 313 
TRP C    C N N 314 
TRP O    O N N 315 
TRP CB   C N N 316 
TRP CG   C Y N 317 
TRP CD1  C Y N 318 
TRP CD2  C Y N 319 
TRP NE1  N Y N 320 
TRP CE2  C Y N 321 
TRP CE3  C Y N 322 
TRP CZ2  C Y N 323 
TRP CZ3  C Y N 324 
TRP CH2  C Y N 325 
TRP OXT  O N N 326 
TRP H    H N N 327 
TRP H2   H N N 328 
TRP HA   H N N 329 
TRP HB2  H N N 330 
TRP HB3  H N N 331 
TRP HD1  H N N 332 
TRP HE1  H N N 333 
TRP HE3  H N N 334 
TRP HZ2  H N N 335 
TRP HZ3  H N N 336 
TRP HH2  H N N 337 
TRP HXT  H N N 338 
TYR N    N N N 339 
TYR CA   C N S 340 
TYR C    C N N 341 
TYR O    O N N 342 
TYR CB   C N N 343 
TYR CG   C Y N 344 
TYR CD1  C Y N 345 
TYR CD2  C Y N 346 
TYR CE1  C Y N 347 
TYR CE2  C Y N 348 
TYR CZ   C Y N 349 
TYR OH   O N N 350 
TYR OXT  O N N 351 
TYR H    H N N 352 
TYR H2   H N N 353 
TYR HA   H N N 354 
TYR HB2  H N N 355 
TYR HB3  H N N 356 
TYR HD1  H N N 357 
TYR HD2  H N N 358 
TYR HE1  H N N 359 
TYR HE2  H N N 360 
TYR HH   H N N 361 
TYR HXT  H N N 362 
VAL N    N N N 363 
VAL CA   C N S 364 
VAL C    C N N 365 
VAL O    O N N 366 
VAL CB   C N N 367 
VAL CG1  C N N 368 
VAL CG2  C N N 369 
VAL OXT  O N N 370 
VAL H    H N N 371 
VAL H2   H N N 372 
VAL HA   H N N 373 
VAL HB   H N N 374 
VAL HG11 H N N 375 
VAL HG12 H N N 376 
VAL HG13 H N N 377 
VAL HG21 H N N 378 
VAL HG22 H N N 379 
VAL HG23 H N N 380 
VAL HXT  H N N 381 
# 
loop_
_chem_comp_bond.comp_id 
_chem_comp_bond.atom_id_1 
_chem_comp_bond.atom_id_2 
_chem_comp_bond.value_order 
_chem_comp_bond.pdbx_aromatic_flag 
_chem_comp_bond.pdbx_stereo_config 
_chem_comp_bond.pdbx_ordinal 
ALA N   CA   sing N N 1   
ALA N   H    sing N N 2   
ALA N   H2   sing N N 3   
ALA CA  C    sing N N 4   
ALA CA  CB   sing N N 5   
ALA CA  HA   sing N N 6   
ALA C   O    doub N N 7   
ALA C   OXT  sing N N 8   
ALA CB  HB1  sing N N 9   
ALA CB  HB2  sing N N 10  
ALA CB  HB3  sing N N 11  
ALA OXT HXT  sing N N 12  
ARG N   CA   sing N N 13  
ARG N   H    sing N N 14  
ARG N   H2   sing N N 15  
ARG CA  C    sing N N 16  
ARG CA  CB   sing N N 17  
ARG CA  HA   sing N N 18  
ARG C   O    doub N N 19  
ARG C   OXT  sing N N 20  
ARG CB  CG   sing N N 21  
ARG CB  HB2  sing N N 22  
ARG CB  HB3  sing N N 23  
ARG CG  CD   sing N N 24  
ARG CG  HG2  sing N N 25  
ARG CG  HG3  sing N N 26  
ARG CD  NE   sing N N 27  
ARG CD  HD2  sing N N 28  
ARG CD  HD3  sing N N 29  
ARG NE  CZ   sing N N 30  
ARG NE  HE   sing N N 31  
ARG CZ  NH1  sing N N 32  
ARG CZ  NH2  doub N N 33  
ARG NH1 HH11 sing N N 34  
ARG NH1 HH12 sing N N 35  
ARG NH2 HH21 sing N N 36  
ARG NH2 HH22 sing N N 37  
ARG OXT HXT  sing N N 38  
ASN N   CA   sing N N 39  
ASN N   H    sing N N 40  
ASN N   H2   sing N N 41  
ASN CA  C    sing N N 42  
ASN CA  CB   sing N N 43  
ASN CA  HA   sing N N 44  
ASN C   O    doub N N 45  
ASN C   OXT  sing N N 46  
ASN CB  CG   sing N N 47  
ASN CB  HB2  sing N N 48  
ASN CB  HB3  sing N N 49  
ASN CG  OD1  doub N N 50  
ASN CG  ND2  sing N N 51  
ASN ND2 HD21 sing N N 52  
ASN ND2 HD22 sing N N 53  
ASN OXT HXT  sing N N 54  
ASP N   CA   sing N N 55  
ASP N   H    sing N N 56  
ASP N   H2   sing N N 57  
ASP CA  C    sing N N 58  
ASP CA  CB   sing N N 59  
ASP CA  HA   sing N N 60  
ASP C   O    doub N N 61  
ASP C   OXT  sing N N 62  
ASP CB  CG   sing N N 63  
ASP CB  HB2  sing N N 64  
ASP CB  HB3  sing N N 65  
ASP CG  OD1  doub N N 66  
ASP CG  OD2  sing N N 67  
ASP OD2 HD2  sing N N 68  
ASP OXT HXT  sing N N 69  
GLN N   CA   sing N N 70  
GLN N   H    sing N N 71  
GLN N   H2   sing N N 72  
GLN CA  C    sing N N 73  
GLN CA  CB   sing N N 74  
GLN CA  HA   sing N N 75  
GLN C   O    doub N N 76  
GLN C   OXT  sing N N 77  
GLN CB  CG   sing N N 78  
GLN CB  HB2  sing N N 79  
GLN CB  HB3  sing N N 80  
GLN CG  CD   sing N N 81  
GLN CG  HG2  sing N N 82  
GLN CG  HG3  sing N N 83  
GLN CD  OE1  doub N N 84  
GLN CD  NE2  sing N N 85  
GLN NE2 HE21 sing N N 86  
GLN NE2 HE22 sing N N 87  
GLN OXT HXT  sing N N 88  
GLU N   CA   sing N N 89  
GLU N   H    sing N N 90  
GLU N   H2   sing N N 91  
GLU CA  C    sing N N 92  
GLU CA  CB   sing N N 93  
GLU CA  HA   sing N N 94  
GLU C   O    doub N N 95  
GLU C   OXT  sing N N 96  
GLU CB  CG   sing N N 97  
GLU CB  HB2  sing N N 98  
GLU CB  HB3  sing N N 99  
GLU CG  CD   sing N N 100 
GLU CG  HG2  sing N N 101 
GLU CG  HG3  sing N N 102 
GLU CD  OE1  doub N N 103 
GLU CD  OE2  sing N N 104 
GLU OE2 HE2  sing N N 105 
GLU OXT HXT  sing N N 106 
GLY N   CA   sing N N 107 
GLY N   H    sing N N 108 
GLY N   H2   sing N N 109 
GLY CA  C    sing N N 110 
GLY CA  HA2  sing N N 111 
GLY CA  HA3  sing N N 112 
GLY C   O    doub N N 113 
GLY C   OXT  sing N N 114 
GLY OXT HXT  sing N N 115 
HIS N   CA   sing N N 116 
HIS N   H    sing N N 117 
HIS N   H2   sing N N 118 
HIS CA  C    sing N N 119 
HIS CA  CB   sing N N 120 
HIS CA  HA   sing N N 121 
HIS C   O    doub N N 122 
HIS C   OXT  sing N N 123 
HIS CB  CG   sing N N 124 
HIS CB  HB2  sing N N 125 
HIS CB  HB3  sing N N 126 
HIS CG  ND1  sing Y N 127 
HIS CG  CD2  doub Y N 128 
HIS ND1 CE1  doub Y N 129 
HIS ND1 HD1  sing N N 130 
HIS CD2 NE2  sing Y N 131 
HIS CD2 HD2  sing N N 132 
HIS CE1 NE2  sing Y N 133 
HIS CE1 HE1  sing N N 134 
HIS NE2 HE2  sing N N 135 
HIS OXT HXT  sing N N 136 
HOH O   H1   sing N N 137 
HOH O   H2   sing N N 138 
ILE N   CA   sing N N 139 
ILE N   H    sing N N 140 
ILE N   H2   sing N N 141 
ILE CA  C    sing N N 142 
ILE CA  CB   sing N N 143 
ILE CA  HA   sing N N 144 
ILE C   O    doub N N 145 
ILE C   OXT  sing N N 146 
ILE CB  CG1  sing N N 147 
ILE CB  CG2  sing N N 148 
ILE CB  HB   sing N N 149 
ILE CG1 CD1  sing N N 150 
ILE CG1 HG12 sing N N 151 
ILE CG1 HG13 sing N N 152 
ILE CG2 HG21 sing N N 153 
ILE CG2 HG22 sing N N 154 
ILE CG2 HG23 sing N N 155 
ILE CD1 HD11 sing N N 156 
ILE CD1 HD12 sing N N 157 
ILE CD1 HD13 sing N N 158 
ILE OXT HXT  sing N N 159 
LEU N   CA   sing N N 160 
LEU N   H    sing N N 161 
LEU N   H2   sing N N 162 
LEU CA  C    sing N N 163 
LEU CA  CB   sing N N 164 
LEU CA  HA   sing N N 165 
LEU C   O    doub N N 166 
LEU C   OXT  sing N N 167 
LEU CB  CG   sing N N 168 
LEU CB  HB2  sing N N 169 
LEU CB  HB3  sing N N 170 
LEU CG  CD1  sing N N 171 
LEU CG  CD2  sing N N 172 
LEU CG  HG   sing N N 173 
LEU CD1 HD11 sing N N 174 
LEU CD1 HD12 sing N N 175 
LEU CD1 HD13 sing N N 176 
LEU CD2 HD21 sing N N 177 
LEU CD2 HD22 sing N N 178 
LEU CD2 HD23 sing N N 179 
LEU OXT HXT  sing N N 180 
LYS N   CA   sing N N 181 
LYS N   H    sing N N 182 
LYS N   H2   sing N N 183 
LYS CA  C    sing N N 184 
LYS CA  CB   sing N N 185 
LYS CA  HA   sing N N 186 
LYS C   O    doub N N 187 
LYS C   OXT  sing N N 188 
LYS CB  CG   sing N N 189 
LYS CB  HB2  sing N N 190 
LYS CB  HB3  sing N N 191 
LYS CG  CD   sing N N 192 
LYS CG  HG2  sing N N 193 
LYS CG  HG3  sing N N 194 
LYS CD  CE   sing N N 195 
LYS CD  HD2  sing N N 196 
LYS CD  HD3  sing N N 197 
LYS CE  NZ   sing N N 198 
LYS CE  HE2  sing N N 199 
LYS CE  HE3  sing N N 200 
LYS NZ  HZ1  sing N N 201 
LYS NZ  HZ2  sing N N 202 
LYS NZ  HZ3  sing N N 203 
LYS OXT HXT  sing N N 204 
MET N   CA   sing N N 205 
MET N   H    sing N N 206 
MET N   H2   sing N N 207 
MET CA  C    sing N N 208 
MET CA  CB   sing N N 209 
MET CA  HA   sing N N 210 
MET C   O    doub N N 211 
MET C   OXT  sing N N 212 
MET CB  CG   sing N N 213 
MET CB  HB2  sing N N 214 
MET CB  HB3  sing N N 215 
MET CG  SD   sing N N 216 
MET CG  HG2  sing N N 217 
MET CG  HG3  sing N N 218 
MET SD  CE   sing N N 219 
MET CE  HE1  sing N N 220 
MET CE  HE2  sing N N 221 
MET CE  HE3  sing N N 222 
MET OXT HXT  sing N N 223 
PHE N   CA   sing N N 224 
PHE N   H    sing N N 225 
PHE N   H2   sing N N 226 
PHE CA  C    sing N N 227 
PHE CA  CB   sing N N 228 
PHE CA  HA   sing N N 229 
PHE C   O    doub N N 230 
PHE C   OXT  sing N N 231 
PHE CB  CG   sing N N 232 
PHE CB  HB2  sing N N 233 
PHE CB  HB3  sing N N 234 
PHE CG  CD1  doub Y N 235 
PHE CG  CD2  sing Y N 236 
PHE CD1 CE1  sing Y N 237 
PHE CD1 HD1  sing N N 238 
PHE CD2 CE2  doub Y N 239 
PHE CD2 HD2  sing N N 240 
PHE CE1 CZ   doub Y N 241 
PHE CE1 HE1  sing N N 242 
PHE CE2 CZ   sing Y N 243 
PHE CE2 HE2  sing N N 244 
PHE CZ  HZ   sing N N 245 
PHE OXT HXT  sing N N 246 
PRO N   CA   sing N N 247 
PRO N   CD   sing N N 248 
PRO N   H    sing N N 249 
PRO CA  C    sing N N 250 
PRO CA  CB   sing N N 251 
PRO CA  HA   sing N N 252 
PRO C   O    doub N N 253 
PRO C   OXT  sing N N 254 
PRO CB  CG   sing N N 255 
PRO CB  HB2  sing N N 256 
PRO CB  HB3  sing N N 257 
PRO CG  CD   sing N N 258 
PRO CG  HG2  sing N N 259 
PRO CG  HG3  sing N N 260 
PRO CD  HD2  sing N N 261 
PRO CD  HD3  sing N N 262 
PRO OXT HXT  sing N N 263 
SER N   CA   sing N N 264 
SER N   H    sing N N 265 
SER N   H2   sing N N 266 
SER CA  C    sing N N 267 
SER CA  CB   sing N N 268 
SER CA  HA   sing N N 269 
SER C   O    doub N N 270 
SER C   OXT  sing N N 271 
SER CB  OG   sing N N 272 
SER CB  HB2  sing N N 273 
SER CB  HB3  sing N N 274 
SER OG  HG   sing N N 275 
SER OXT HXT  sing N N 276 
SO4 S   O1   doub N N 277 
SO4 S   O2   doub N N 278 
SO4 S   O3   sing N N 279 
SO4 S   O4   sing N N 280 
THR N   CA   sing N N 281 
THR N   H    sing N N 282 
THR N   H2   sing N N 283 
THR CA  C    sing N N 284 
THR CA  CB   sing N N 285 
THR CA  HA   sing N N 286 
THR C   O    doub N N 287 
THR C   OXT  sing N N 288 
THR CB  OG1  sing N N 289 
THR CB  CG2  sing N N 290 
THR CB  HB   sing N N 291 
THR OG1 HG1  sing N N 292 
THR CG2 HG21 sing N N 293 
THR CG2 HG22 sing N N 294 
THR CG2 HG23 sing N N 295 
THR OXT HXT  sing N N 296 
TRP N   CA   sing N N 297 
TRP N   H    sing N N 298 
TRP N   H2   sing N N 299 
TRP CA  C    sing N N 300 
TRP CA  CB   sing N N 301 
TRP CA  HA   sing N N 302 
TRP C   O    doub N N 303 
TRP C   OXT  sing N N 304 
TRP CB  CG   sing N N 305 
TRP CB  HB2  sing N N 306 
TRP CB  HB3  sing N N 307 
TRP CG  CD1  doub Y N 308 
TRP CG  CD2  sing Y N 309 
TRP CD1 NE1  sing Y N 310 
TRP CD1 HD1  sing N N 311 
TRP CD2 CE2  doub Y N 312 
TRP CD2 CE3  sing Y N 313 
TRP NE1 CE2  sing Y N 314 
TRP NE1 HE1  sing N N 315 
TRP CE2 CZ2  sing Y N 316 
TRP CE3 CZ3  doub Y N 317 
TRP CE3 HE3  sing N N 318 
TRP CZ2 CH2  doub Y N 319 
TRP CZ2 HZ2  sing N N 320 
TRP CZ3 CH2  sing Y N 321 
TRP CZ3 HZ3  sing N N 322 
TRP CH2 HH2  sing N N 323 
TRP OXT HXT  sing N N 324 
TYR N   CA   sing N N 325 
TYR N   H    sing N N 326 
TYR N   H2   sing N N 327 
TYR CA  C    sing N N 328 
TYR CA  CB   sing N N 329 
TYR CA  HA   sing N N 330 
TYR C   O    doub N N 331 
TYR C   OXT  sing N N 332 
TYR CB  CG   sing N N 333 
TYR CB  HB2  sing N N 334 
TYR CB  HB3  sing N N 335 
TYR CG  CD1  doub Y N 336 
TYR CG  CD2  sing Y N 337 
TYR CD1 CE1  sing Y N 338 
TYR CD1 HD1  sing N N 339 
TYR CD2 CE2  doub Y N 340 
TYR CD2 HD2  sing N N 341 
TYR CE1 CZ   doub Y N 342 
TYR CE1 HE1  sing N N 343 
TYR CE2 CZ   sing Y N 344 
TYR CE2 HE2  sing N N 345 
TYR CZ  OH   sing N N 346 
TYR OH  HH   sing N N 347 
TYR OXT HXT  sing N N 348 
VAL N   CA   sing N N 349 
VAL N   H    sing N N 350 
VAL N   H2   sing N N 351 
VAL CA  C    sing N N 352 
VAL CA  CB   sing N N 353 
VAL CA  HA   sing N N 354 
VAL C   O    doub N N 355 
VAL C   OXT  sing N N 356 
VAL CB  CG1  sing N N 357 
VAL CB  CG2  sing N N 358 
VAL CB  HB   sing N N 359 
VAL CG1 HG11 sing N N 360 
VAL CG1 HG12 sing N N 361 
VAL CG1 HG13 sing N N 362 
VAL CG2 HG21 sing N N 363 
VAL CG2 HG22 sing N N 364 
VAL CG2 HG23 sing N N 365 
VAL OXT HXT  sing N N 366 
# 
_atom_sites.entry_id                    1XNB 
_atom_sites.fract_transf_matrix[1][1]   -0.00872074 
_atom_sites.fract_transf_matrix[1][2]   -0.00932436 
_atom_sites.fract_transf_matrix[1][3]   0.01880217 
_atom_sites.fract_transf_matrix[2][1]   0.00751975 
_atom_sites.fract_transf_matrix[2][2]   -0.01671491 
_atom_sites.fract_transf_matrix[2][3]   -0.00480147 
_atom_sites.fract_transf_matrix[3][1]   0.01063696 
_atom_sites.fract_transf_matrix[3][2]   0.00294819 
_atom_sites.fract_transf_matrix[3][3]   0.00639565 
_atom_sites.fract_transf_vector[1]      0.739178 
_atom_sites.fract_transf_vector[2]      0.482769 
_atom_sites.fract_transf_vector[3]      0.347150 
# 
_atom_sites_footnote.id     1 
_atom_sites_footnote.text   'CIS PROLINE - PRO      75' 
# 
loop_
_atom_type.symbol 
C 
N 
O 
S 
# 
loop_
_atom_site.group_PDB 
_atom_site.id 
_atom_site.type_symbol 
_atom_site.label_atom_id 
_atom_site.label_alt_id 
_atom_site.label_comp_id 
_atom_site.label_asym_id 
_atom_site.label_entity_id 
_atom_site.label_seq_id 
_atom_site.pdbx_PDB_ins_code 
_atom_site.Cartn_x 
_atom_site.Cartn_y 
_atom_site.Cartn_z 
_atom_site.occupancy 
_atom_site.B_iso_or_equiv 
_atom_site.pdbx_formal_charge 
_atom_site.auth_seq_id 
_atom_site.auth_comp_id 
_atom_site.auth_asym_id 
_atom_site.auth_atom_id 
_atom_site.pdbx_PDB_model_num 
ATOM   1    N N   . ALA A 1 1   ? 0.554   -16.942 -6.897  1.00 18.33 ? 1   ALA A N   1 
ATOM   2    C CA  . ALA A 1 1   ? 1.911   -17.190 -6.332  1.00 19.31 ? 1   ALA A CA  1 
ATOM   3    C C   . ALA A 1 1   ? 1.864   -17.225 -4.812  1.00 20.06 ? 1   ALA A C   1 
ATOM   4    O O   . ALA A 1 1   ? 0.933   -16.699 -4.195  1.00 20.69 ? 1   ALA A O   1 
ATOM   5    C CB  . ALA A 1 1   ? 2.872   -16.096 -6.786  1.00 19.54 ? 1   ALA A CB  1 
ATOM   6    N N   . SER A 1 2   ? 2.849   -17.881 -4.211  1.00 19.88 ? 2   SER A N   1 
ATOM   7    C CA  . SER A 1 2   ? 2.931   -17.937 -2.765  1.00 20.42 ? 2   SER A CA  1 
ATOM   8    C C   . SER A 1 2   ? 3.609   -16.664 -2.291  1.00 19.98 ? 2   SER A C   1 
ATOM   9    O O   . SER A 1 2   ? 4.560   -16.172 -2.916  1.00 20.11 ? 2   SER A O   1 
ATOM   10   C CB  . SER A 1 2   ? 3.760   -19.133 -2.300  1.00 22.28 ? 2   SER A CB  1 
ATOM   11   O OG  . SER A 1 2   ? 3.062   -20.342 -2.508  1.00 25.95 ? 2   SER A OG  1 
ATOM   12   N N   . THR A 1 3   ? 3.073   -16.102 -1.221  1.00 18.87 ? 3   THR A N   1 
ATOM   13   C CA  . THR A 1 3   ? 3.630   -14.908 -0.632  1.00 17.86 ? 3   THR A CA  1 
ATOM   14   C C   . THR A 1 3   ? 4.690   -15.436 0.317   1.00 17.15 ? 3   THR A C   1 
ATOM   15   O O   . THR A 1 3   ? 4.569   -16.554 0.821   1.00 18.90 ? 3   THR A O   1 
ATOM   16   C CB  . THR A 1 3   ? 2.550   -14.142 0.140   1.00 17.97 ? 3   THR A CB  1 
ATOM   17   O OG1 . THR A 1 3   ? 1.915   -15.025 1.075   1.00 17.35 ? 3   THR A OG1 1 
ATOM   18   C CG2 . THR A 1 3   ? 1.511   -13.588 -0.820  1.00 17.23 ? 3   THR A CG2 1 
ATOM   19   N N   . ASP A 1 4   ? 5.763   -14.690 0.504   1.00 15.85 ? 4   ASP A N   1 
ATOM   20   C CA  . ASP A 1 4   ? 6.831   -15.133 1.393   1.00 15.18 ? 4   ASP A CA  1 
ATOM   21   C C   . ASP A 1 4   ? 7.204   -14.064 2.389   1.00 14.74 ? 4   ASP A C   1 
ATOM   22   O O   . ASP A 1 4   ? 8.237   -14.154 3.044   1.00 16.12 ? 4   ASP A O   1 
ATOM   23   C CB  . ASP A 1 4   ? 8.070   -15.544 0.586   1.00 16.17 ? 4   ASP A CB  1 
ATOM   24   C CG  . ASP A 1 4   ? 8.586   -14.435 -0.324  1.00 18.31 ? 4   ASP A CG  1 
ATOM   25   O OD1 . ASP A 1 4   ? 8.439   -13.248 0.008   1.00 16.31 ? 4   ASP A OD1 1 
ATOM   26   O OD2 . ASP A 1 4   ? 9.160   -14.762 -1.384  1.00 21.64 ? 4   ASP A OD2 1 
ATOM   27   N N   . TYR A 1 5   ? 6.389   -13.022 2.480   1.00 13.01 ? 5   TYR A N   1 
ATOM   28   C CA  . TYR A 1 5   ? 6.687   -11.948 3.395   1.00 12.13 ? 5   TYR A CA  1 
ATOM   29   C C   . TYR A 1 5   ? 5.442   -11.519 4.162   1.00 12.00 ? 5   TYR A C   1 
ATOM   30   O O   . TYR A 1 5   ? 4.345   -11.437 3.600   1.00 11.49 ? 5   TYR A O   1 
ATOM   31   C CB  . TYR A 1 5   ? 7.301   -10.760 2.634   1.00 12.28 ? 5   TYR A CB  1 
ATOM   32   C CG  . TYR A 1 5   ? 7.840   -9.693  3.543   1.00 13.76 ? 5   TYR A CG  1 
ATOM   33   C CD1 . TYR A 1 5   ? 9.056   -9.857  4.202   1.00 15.67 ? 5   TYR A CD1 1 
ATOM   34   C CD2 . TYR A 1 5   ? 7.111   -8.544  3.794   1.00 14.20 ? 5   TYR A CD2 1 
ATOM   35   C CE1 . TYR A 1 5   ? 9.518   -8.897  5.096   1.00 17.33 ? 5   TYR A CE1 1 
ATOM   36   C CE2 . TYR A 1 5   ? 7.562   -7.593  4.676   1.00 16.65 ? 5   TYR A CE2 1 
ATOM   37   C CZ  . TYR A 1 5   ? 8.759   -7.771  5.329   1.00 16.54 ? 5   TYR A CZ  1 
ATOM   38   O OH  . TYR A 1 5   ? 9.167   -6.825  6.244   1.00 21.10 ? 5   TYR A OH  1 
ATOM   39   N N   . TRP A 1 6   ? 5.615   -11.320 5.462   1.00 11.99 ? 6   TRP A N   1 
ATOM   40   C CA  . TRP A 1 6   ? 4.547   -10.878 6.357   1.00 12.62 ? 6   TRP A CA  1 
ATOM   41   C C   . TRP A 1 6   ? 4.994   -9.554  6.975   1.00 12.35 ? 6   TRP A C   1 
ATOM   42   O O   . TRP A 1 6   ? 6.046   -9.469  7.617   1.00 12.81 ? 6   TRP A O   1 
ATOM   43   C CB  . TRP A 1 6   ? 4.291   -11.941 7.431   1.00 12.93 ? 6   TRP A CB  1 
ATOM   44   C CG  . TRP A 1 6   ? 3.479   -11.497 8.628   1.00 12.84 ? 6   TRP A CG  1 
ATOM   45   C CD1 . TRP A 1 6   ? 3.896   -11.501 9.928   1.00 13.87 ? 6   TRP A CD1 1 
ATOM   46   C CD2 . TRP A 1 6   ? 2.103   -11.078 8.651   1.00 12.57 ? 6   TRP A CD2 1 
ATOM   47   N NE1 . TRP A 1 6   ? 2.870   -11.122 10.755  1.00 14.55 ? 6   TRP A NE1 1 
ATOM   48   C CE2 . TRP A 1 6   ? 1.757   -10.859 10.001  1.00 13.64 ? 6   TRP A CE2 1 
ATOM   49   C CE3 . TRP A 1 6   ? 1.134   -10.870 7.667   1.00 12.99 ? 6   TRP A CE3 1 
ATOM   50   C CZ2 . TRP A 1 6   ? 0.481   -10.445 10.391  1.00 13.34 ? 6   TRP A CZ2 1 
ATOM   51   C CZ3 . TRP A 1 6   ? -0.137  -10.453 8.058   1.00 13.06 ? 6   TRP A CZ3 1 
ATOM   52   C CH2 . TRP A 1 6   ? -0.448  -10.248 9.406   1.00 12.53 ? 6   TRP A CH2 1 
ATOM   53   N N   . GLN A 1 7   ? 4.229   -8.507  6.686   1.00 12.18 ? 7   GLN A N   1 
ATOM   54   C CA  . GLN A 1 7   ? 4.492   -7.159  7.163   1.00 13.01 ? 7   GLN A CA  1 
ATOM   55   C C   . GLN A 1 7   ? 3.533   -6.848  8.301   1.00 12.95 ? 7   GLN A C   1 
ATOM   56   O O   . GLN A 1 7   ? 2.314   -6.928  8.136   1.00 11.41 ? 7   GLN A O   1 
ATOM   57   C CB  . GLN A 1 7   ? 4.276   -6.167  6.010   1.00 14.28 ? 7   GLN A CB  1 
ATOM   58   C CG  . GLN A 1 7   ? 4.279   -4.695  6.397   1.00 16.44 ? 7   GLN A CG  1 
ATOM   59   C CD  . GLN A 1 7   ? 5.613   -4.229  6.948   1.00 17.76 ? 7   GLN A CD  1 
ATOM   60   O OE1 . GLN A 1 7   ? 6.623   -4.939  6.873   1.00 19.75 ? 7   GLN A OE1 1 
ATOM   61   N NE2 . GLN A 1 7   ? 5.628   -3.024  7.501   1.00 19.97 ? 7   GLN A NE2 1 
ATOM   62   N N   . ASN A 1 8   ? 4.072   -6.520  9.467   1.00 13.03 ? 8   ASN A N   1 
ATOM   63   C CA  . ASN A 1 8   ? 3.226   -6.210  10.613  1.00 14.31 ? 8   ASN A CA  1 
ATOM   64   C C   . ASN A 1 8   ? 3.945   -5.164  11.443  1.00 14.87 ? 8   ASN A C   1 
ATOM   65   O O   . ASN A 1 8   ? 4.683   -5.492  12.373  1.00 15.95 ? 8   ASN A O   1 
ATOM   66   C CB  . ASN A 1 8   ? 2.979   -7.482  11.442  1.00 15.68 ? 8   ASN A CB  1 
ATOM   67   C CG  . ASN A 1 8   ? 2.121   -7.229  12.683  1.00 17.89 ? 8   ASN A CG  1 
ATOM   68   O OD1 . ASN A 1 8   ? 2.063   -8.066  13.590  1.00 21.37 ? 8   ASN A OD1 1 
ATOM   69   N ND2 . ASN A 1 8   ? 1.441   -6.101  12.720  1.00 17.58 ? 8   ASN A ND2 1 
ATOM   70   N N   . TRP A 1 9   ? 3.734   -3.904  11.092  1.00 13.77 ? 9   TRP A N   1 
ATOM   71   C CA  . TRP A 1 9   ? 4.380   -2.810  11.786  1.00 14.45 ? 9   TRP A CA  1 
ATOM   72   C C   . TRP A 1 9   ? 3.365   -1.857  12.393  1.00 14.19 ? 9   TRP A C   1 
ATOM   73   O O   . TRP A 1 9   ? 2.353   -1.538  11.772  1.00 12.93 ? 9   TRP A O   1 
ATOM   74   C CB  . TRP A 1 9   ? 5.282   -2.027  10.816  1.00 16.92 ? 9   TRP A CB  1 
ATOM   75   C CG  . TRP A 1 9   ? 5.905   -0.794  11.433  1.00 18.88 ? 9   TRP A CG  1 
ATOM   76   C CD1 . TRP A 1 9   ? 7.074   -0.732  12.139  1.00 20.77 ? 9   TRP A CD1 1 
ATOM   77   C CD2 . TRP A 1 9   ? 5.370   0.544   11.423  1.00 19.76 ? 9   TRP A CD2 1 
ATOM   78   N NE1 . TRP A 1 9   ? 7.296   0.556   12.572  1.00 21.88 ? 9   TRP A NE1 1 
ATOM   79   C CE2 . TRP A 1 9   ? 6.268   1.357   12.145  1.00 20.89 ? 9   TRP A CE2 1 
ATOM   80   C CE3 . TRP A 1 9   ? 4.223   1.128   10.875  1.00 19.77 ? 9   TRP A CE3 1 
ATOM   81   C CZ2 . TRP A 1 9   ? 6.053   2.722   12.332  1.00 20.74 ? 9   TRP A CZ2 1 
ATOM   82   C CZ3 . TRP A 1 9   ? 4.013   2.477   11.062  1.00 19.64 ? 9   TRP A CZ3 1 
ATOM   83   C CH2 . TRP A 1 9   ? 4.924   3.261   11.784  1.00 19.85 ? 9   TRP A CH2 1 
ATOM   84   N N   . THR A 1 10  ? 3.642   -1.409  13.613  1.00 14.15 ? 10  THR A N   1 
ATOM   85   C CA  . THR A 1 10  ? 2.794   -0.444  14.291  1.00 15.42 ? 10  THR A CA  1 
ATOM   86   C C   . THR A 1 10  ? 3.703   0.501   15.055  1.00 15.37 ? 10  THR A C   1 
ATOM   87   O O   . THR A 1 10  ? 4.793   0.109   15.469  1.00 16.44 ? 10  THR A O   1 
ATOM   88   C CB  . THR A 1 10  ? 1.826   -1.106  15.301  1.00 16.87 ? 10  THR A CB  1 
ATOM   89   O OG1 . THR A 1 10  ? 1.155   -0.087  16.054  1.00 17.95 ? 10  THR A OG1 1 
ATOM   90   C CG2 . THR A 1 10  ? 2.581   -2.017  16.274  1.00 18.37 ? 10  THR A CG2 1 
ATOM   91   N N   . ASP A 1 11  ? 3.285   1.754   15.200  1.00 14.99 ? 11  ASP A N   1 
ATOM   92   C CA  . ASP A 1 11  ? 4.079   2.700   15.976  1.00 16.29 ? 11  ASP A CA  1 
ATOM   93   C C   . ASP A 1 11  ? 3.762   2.537   17.469  1.00 17.51 ? 11  ASP A C   1 
ATOM   94   O O   . ASP A 1 11  ? 4.226   3.322   18.296  1.00 18.85 ? 11  ASP A O   1 
ATOM   95   C CB  . ASP A 1 11  ? 3.888   4.150   15.507  1.00 16.65 ? 11  ASP A CB  1 
ATOM   96   C CG  . ASP A 1 11  ? 2.448   4.653   15.634  1.00 16.24 ? 11  ASP A CG  1 
ATOM   97   O OD1 . ASP A 1 11  ? 1.585   4.000   16.266  1.00 16.25 ? 11  ASP A OD1 1 
ATOM   98   O OD2 . ASP A 1 11  ? 2.187   5.734   15.077  1.00 18.06 ? 11  ASP A OD2 1 
ATOM   99   N N   . GLY A 1 12  ? 2.934   1.544   17.796  1.00 17.14 ? 12  GLY A N   1 
ATOM   100  C CA  . GLY A 1 12  ? 2.599   1.262   19.184  1.00 17.85 ? 12  GLY A CA  1 
ATOM   101  C C   . GLY A 1 12  ? 1.294   1.811   19.723  1.00 17.39 ? 12  GLY A C   1 
ATOM   102  O O   . GLY A 1 12  ? 0.859   1.425   20.818  1.00 18.33 ? 12  GLY A O   1 
ATOM   103  N N   . GLY A 1 13  ? 0.658   2.701   18.973  1.00 15.94 ? 13  GLY A N   1 
ATOM   104  C CA  . GLY A 1 13  ? -0.590  3.273   19.431  1.00 14.87 ? 13  GLY A CA  1 
ATOM   105  C C   . GLY A 1 13  ? -1.820  2.407   19.242  1.00 15.19 ? 13  GLY A C   1 
ATOM   106  O O   . GLY A 1 13  ? -2.002  1.768   18.200  1.00 15.71 ? 13  GLY A O   1 
ATOM   107  N N   . GLY A 1 14  ? -2.668  2.387   20.264  1.00 13.67 ? 14  GLY A N   1 
ATOM   108  C CA  . GLY A 1 14  ? -3.909  1.643   20.205  1.00 12.80 ? 14  GLY A CA  1 
ATOM   109  C C   . GLY A 1 14  ? -3.775  0.149   20.024  1.00 13.15 ? 14  GLY A C   1 
ATOM   110  O O   . GLY A 1 14  ? -2.734  -0.447  20.335  1.00 14.89 ? 14  GLY A O   1 
ATOM   111  N N   . ILE A 1 15  ? -4.834  -0.450  19.491  1.00 12.35 ? 15  ILE A N   1 
ATOM   112  C CA  . ILE A 1 15  ? -4.896  -1.885  19.292  1.00 12.96 ? 15  ILE A CA  1 
ATOM   113  C C   . ILE A 1 15  ? -4.830  -2.249  17.820  1.00 11.08 ? 15  ILE A C   1 
ATOM   114  O O   . ILE A 1 15  ? -5.568  -1.692  17.014  1.00 11.04 ? 15  ILE A O   1 
ATOM   115  C CB  . ILE A 1 15  ? -6.247  -2.461  19.856  1.00 14.70 ? 15  ILE A CB  1 
ATOM   116  C CG1 . ILE A 1 15  ? -6.427  -2.063  21.326  1.00 16.58 ? 15  ILE A CG1 1 
ATOM   117  C CG2 . ILE A 1 15  ? -6.344  -3.971  19.637  1.00 15.10 ? 15  ILE A CG2 1 
ATOM   118  C CD1 . ILE A 1 15  ? -5.256  -2.416  22.223  1.00 18.49 ? 15  ILE A CD1 1 
ATOM   119  N N   . VAL A 1 16  ? -3.917  -3.153  17.481  1.00 11.34 ? 16  VAL A N   1 
ATOM   120  C CA  . VAL A 1 16  ? -3.786  -3.663  16.119  1.00 11.20 ? 16  VAL A CA  1 
ATOM   121  C C   . VAL A 1 16  ? -3.702  -5.180  16.265  1.00 12.26 ? 16  VAL A C   1 
ATOM   122  O O   . VAL A 1 16  ? -2.691  -5.713  16.721  1.00 14.88 ? 16  VAL A O   1 
ATOM   123  C CB  . VAL A 1 16  ? -2.522  -3.126  15.398  1.00 12.10 ? 16  VAL A CB  1 
ATOM   124  C CG1 . VAL A 1 16  ? -2.418  -3.731  13.983  1.00 14.00 ? 16  VAL A CG1 1 
ATOM   125  C CG2 . VAL A 1 16  ? -2.577  -1.608  15.318  1.00 12.25 ? 16  VAL A CG2 1 
ATOM   126  N N   . ASN A 1 17  ? -4.806  -5.864  16.000  1.00 11.04 ? 17  ASN A N   1 
ATOM   127  C CA  . ASN A 1 17  ? -4.830  -7.319  16.098  1.00 11.00 ? 17  ASN A CA  1 
ATOM   128  C C   . ASN A 1 17  ? -4.674  -7.850  14.679  1.00 11.44 ? 17  ASN A C   1 
ATOM   129  O O   . ASN A 1 17  ? -5.649  -7.935  13.926  1.00 12.32 ? 17  ASN A O   1 
ATOM   130  C CB  . ASN A 1 17  ? -6.152  -7.791  16.722  1.00 12.42 ? 17  ASN A CB  1 
ATOM   131  C CG  . ASN A 1 17  ? -6.323  -9.307  16.674  1.00 14.36 ? 17  ASN A CG  1 
ATOM   132  O OD1 . ASN A 1 17  ? -7.376  -9.806  16.259  1.00 17.55 ? 17  ASN A OD1 1 
ATOM   133  N ND2 . ASN A 1 17  ? -5.305  -10.040 17.094  1.00 14.17 ? 17  ASN A ND2 1 
ATOM   134  N N   . ALA A 1 18  ? -3.440  -8.183  14.318  1.00 11.62 ? 18  ALA A N   1 
ATOM   135  C CA  . ALA A 1 18  ? -3.127  -8.682  12.982  1.00 12.71 ? 18  ALA A CA  1 
ATOM   136  C C   . ALA A 1 18  ? -2.959  -10.188 13.020  1.00 13.84 ? 18  ALA A C   1 
ATOM   137  O O   . ALA A 1 18  ? -2.203  -10.713 13.838  1.00 15.19 ? 18  ALA A O   1 
ATOM   138  C CB  . ALA A 1 18  ? -1.854  -8.021  12.455  1.00 12.97 ? 18  ALA A CB  1 
ATOM   139  N N   . VAL A 1 19  ? -3.662  -10.883 12.137  1.00 13.17 ? 19  VAL A N   1 
ATOM   140  C CA  . VAL A 1 19  ? -3.592  -12.332 12.067  1.00 14.12 ? 19  VAL A CA  1 
ATOM   141  C C   . VAL A 1 19  ? -2.936  -12.780 10.767  1.00 13.80 ? 19  VAL A C   1 
ATOM   142  O O   . VAL A 1 19  ? -3.358  -12.390 9.678   1.00 12.62 ? 19  VAL A O   1 
ATOM   143  C CB  . VAL A 1 19  ? -4.992  -12.971 12.135  1.00 14.88 ? 19  VAL A CB  1 
ATOM   144  C CG1 . VAL A 1 19  ? -4.879  -14.485 12.046  1.00 15.63 ? 19  VAL A CG1 1 
ATOM   145  C CG2 . VAL A 1 19  ? -5.706  -12.547 13.418  1.00 16.37 ? 19  VAL A CG2 1 
ATOM   146  N N   . ASN A 1 20  ? -1.895  -13.588 10.898  1.00 13.51 ? 20  ASN A N   1 
ATOM   147  C CA  . ASN A 1 20  ? -1.163  -14.133 9.764   1.00 14.14 ? 20  ASN A CA  1 
ATOM   148  C C   . ASN A 1 20  ? -1.879  -15.454 9.449   1.00 14.74 ? 20  ASN A C   1 
ATOM   149  O O   . ASN A 1 20  ? -1.652  -16.459 10.121  1.00 15.02 ? 20  ASN A O   1 
ATOM   150  C CB  . ASN A 1 20  ? 0.293   -14.360 10.196  1.00 14.65 ? 20  ASN A CB  1 
ATOM   151  C CG  . ASN A 1 20  ? 1.183   -14.890 9.080   1.00 16.65 ? 20  ASN A CG  1 
ATOM   152  O OD1 . ASN A 1 20  ? 0.712   -15.337 8.045   1.00 16.50 ? 20  ASN A OD1 1 
ATOM   153  N ND2 . ASN A 1 20  ? 2.488   -14.846 9.306   1.00 18.70 ? 20  ASN A ND2 1 
ATOM   154  N N   . GLY A 1 21  ? -2.799  -15.422 8.488   1.00 13.55 ? 21  GLY A N   1 
ATOM   155  C CA  . GLY A 1 21  ? -3.567  -16.609 8.142   1.00 14.08 ? 21  GLY A CA  1 
ATOM   156  C C   . GLY A 1 21  ? -2.887  -17.587 7.206   1.00 14.37 ? 21  GLY A C   1 
ATOM   157  O O   . GLY A 1 21  ? -1.705  -17.441 6.905   1.00 13.97 ? 21  GLY A O   1 
ATOM   158  N N   . SER A 1 22  ? -3.625  -18.601 6.748   1.00 13.91 ? 22  SER A N   1 
ATOM   159  C CA  . SER A 1 22  ? -3.054  -19.593 5.839   1.00 14.93 ? 22  SER A CA  1 
ATOM   160  C C   . SER A 1 22  ? -2.828  -18.993 4.455   1.00 13.94 ? 22  SER A C   1 
ATOM   161  O O   . SER A 1 22  ? -3.564  -18.094 4.021   1.00 13.16 ? 22  SER A O   1 
ATOM   162  C CB  . SER A 1 22  ? -3.943  -20.848 5.724   1.00 16.96 ? 22  SER A CB  1 
ATOM   163  O OG  . SER A 1 22  ? -5.205  -20.541 5.171   1.00 22.65 ? 22  SER A OG  1 
ATOM   164  N N   . GLY A 1 23  ? -1.804  -19.498 3.773   1.00 13.47 ? 23  GLY A N   1 
ATOM   165  C CA  . GLY A 1 23  ? -1.489  -19.024 2.442   1.00 12.04 ? 23  GLY A CA  1 
ATOM   166  C C   . GLY A 1 23  ? -1.275  -17.522 2.414   1.00 11.45 ? 23  GLY A C   1 
ATOM   167  O O   . GLY A 1 23  ? -0.534  -16.972 3.217   1.00 11.61 ? 23  GLY A O   1 
ATOM   168  N N   . GLY A 1 24  ? -1.953  -16.859 1.484   1.00 10.66 ? 24  GLY A N   1 
ATOM   169  C CA  . GLY A 1 24  ? -1.823  -15.420 1.362   1.00 10.10 ? 24  GLY A CA  1 
ATOM   170  C C   . GLY A 1 24  ? -2.897  -14.638 2.090   1.00 10.48 ? 24  GLY A C   1 
ATOM   171  O O   . GLY A 1 24  ? -3.070  -13.444 1.840   1.00 9.94  ? 24  GLY A O   1 
ATOM   172  N N   . ASN A 1 25  ? -3.601  -15.279 3.016   1.00 9.74  ? 25  ASN A N   1 
ATOM   173  C CA  . ASN A 1 25  ? -4.661  -14.600 3.747   1.00 8.61  ? 25  ASN A CA  1 
ATOM   174  C C   . ASN A 1 25  ? -4.202  -13.959 5.055   1.00 9.28  ? 25  ASN A C   1 
ATOM   175  O O   . ASN A 1 25  ? -3.342  -14.484 5.758   1.00 10.02 ? 25  ASN A O   1 
ATOM   176  C CB  . ASN A 1 25  ? -5.802  -15.590 4.059   1.00 9.73  ? 25  ASN A CB  1 
ATOM   177  C CG  . ASN A 1 25  ? -6.912  -14.961 4.869   1.00 10.64 ? 25  ASN A CG  1 
ATOM   178  O OD1 . ASN A 1 25  ? -7.030  -15.193 6.082   1.00 12.77 ? 25  ASN A OD1 1 
ATOM   179  N ND2 . ASN A 1 25  ? -7.738  -14.154 4.214   1.00 10.25 ? 25  ASN A ND2 1 
ATOM   180  N N   . TYR A 1 26  ? -4.756  -12.797 5.361   1.00 8.45  ? 26  TYR A N   1 
ATOM   181  C CA  . TYR A 1 26  ? -4.468  -12.136 6.628   1.00 8.16  ? 26  TYR A CA  1 
ATOM   182  C C   . TYR A 1 26  ? -5.676  -11.300 7.000   1.00 8.88  ? 26  TYR A C   1 
ATOM   183  O O   . TYR A 1 26  ? -6.546  -11.027 6.154   1.00 8.49  ? 26  TYR A O   1 
ATOM   184  C CB  . TYR A 1 26  ? -3.200  -11.261 6.557   1.00 8.48  ? 26  TYR A CB  1 
ATOM   185  C CG  . TYR A 1 26  ? -3.344  -9.972  5.767   1.00 7.99  ? 26  TYR A CG  1 
ATOM   186  C CD1 . TYR A 1 26  ? -3.770  -8.798  6.381   1.00 8.33  ? 26  TYR A CD1 1 
ATOM   187  C CD2 . TYR A 1 26  ? -3.028  -9.927  4.411   1.00 8.99  ? 26  TYR A CD2 1 
ATOM   188  C CE1 . TYR A 1 26  ? -3.881  -7.615  5.669   1.00 9.33  ? 26  TYR A CE1 1 
ATOM   189  C CE2 . TYR A 1 26  ? -3.131  -8.755  3.699   1.00 8.67  ? 26  TYR A CE2 1 
ATOM   190  C CZ  . TYR A 1 26  ? -3.561  -7.604  4.323   1.00 8.78  ? 26  TYR A CZ  1 
ATOM   191  O OH  . TYR A 1 26  ? -3.707  -6.437  3.592   1.00 9.17  ? 26  TYR A OH  1 
ATOM   192  N N   . SER A 1 27  ? -5.783  -10.955 8.279   1.00 9.06  ? 27  SER A N   1 
ATOM   193  C CA  . SER A 1 27  ? -6.871  -10.100 8.728   1.00 9.61  ? 27  SER A CA  1 
ATOM   194  C C   . SER A 1 27  ? -6.348  -9.148  9.778   1.00 9.94  ? 27  SER A C   1 
ATOM   195  O O   . SER A 1 27  ? -5.300  -9.380  10.377  1.00 10.81 ? 27  SER A O   1 
ATOM   196  C CB  . SER A 1 27  ? -8.060  -10.918 9.254   1.00 10.92 ? 27  SER A CB  1 
ATOM   197  O OG  . SER A 1 27  ? -7.676  -11.751 10.322  1.00 14.68 ? 27  SER A OG  1 
ATOM   198  N N   . VAL A 1 28  ? -7.030  -8.028  9.932   1.00 9.22  ? 28  VAL A N   1 
ATOM   199  C CA  . VAL A 1 28  ? -6.643  -7.036  10.922  1.00 10.15 ? 28  VAL A CA  1 
ATOM   200  C C   . VAL A 1 28  ? -7.888  -6.429  11.533  1.00 10.76 ? 28  VAL A C   1 
ATOM   201  O O   . VAL A 1 28  ? -8.868  -6.170  10.825  1.00 11.05 ? 28  VAL A O   1 
ATOM   202  C CB  . VAL A 1 28  ? -5.871  -5.827  10.300  1.00 11.46 ? 28  VAL A CB  1 
ATOM   203  C CG1 . VAL A 1 28  ? -5.181  -5.016  11.408  1.00 12.23 ? 28  VAL A CG1 1 
ATOM   204  C CG2 . VAL A 1 28  ? -4.880  -6.268  9.262   1.00 13.51 ? 28  VAL A CG2 1 
ATOM   205  N N   . ASN A 1 29  ? -7.865  -6.257  12.853  1.00 10.45 ? 29  ASN A N   1 
ATOM   206  C CA  . ASN A 1 29  ? -8.937  -5.578  13.580  1.00 11.78 ? 29  ASN A CA  1 
ATOM   207  C C   . ASN A 1 29  ? -8.146  -4.497  14.281  1.00 10.44 ? 29  ASN A C   1 
ATOM   208  O O   . ASN A 1 29  ? -7.163  -4.798  14.958  1.00 11.82 ? 29  ASN A O   1 
ATOM   209  C CB  . ASN A 1 29  ? -9.584  -6.476  14.639  1.00 15.32 ? 29  ASN A CB  1 
ATOM   210  C CG  . ASN A 1 29  ? -10.149 -7.735  14.053  1.00 19.15 ? 29  ASN A CG  1 
ATOM   211  O OD1 . ASN A 1 29  ? -11.071 -7.695  13.234  1.00 23.12 ? 29  ASN A OD1 1 
ATOM   212  N ND2 . ASN A 1 29  ? -9.589  -8.867  14.440  1.00 21.05 ? 29  ASN A ND2 1 
ATOM   213  N N   . TRP A 1 30  ? -8.521  -3.242  14.101  1.00 8.92  ? 30  TRP A N   1 
ATOM   214  C CA  . TRP A 1 30  ? -7.777  -2.170  14.740  1.00 7.45  ? 30  TRP A CA  1 
ATOM   215  C C   . TRP A 1 30  ? -8.688  -1.184  15.437  1.00 7.19  ? 30  TRP A C   1 
ATOM   216  O O   . TRP A 1 30  ? -9.840  -0.984  15.030  1.00 8.11  ? 30  TRP A O   1 
ATOM   217  C CB  . TRP A 1 30  ? -6.826  -1.482  13.743  1.00 7.83  ? 30  TRP A CB  1 
ATOM   218  C CG  . TRP A 1 30  ? -7.450  -0.617  12.678  1.00 7.67  ? 30  TRP A CG  1 
ATOM   219  C CD1 . TRP A 1 30  ? -7.558  0.742   12.704  1.00 7.10  ? 30  TRP A CD1 1 
ATOM   220  C CD2 . TRP A 1 30  ? -7.901  -1.030  11.374  1.00 7.62  ? 30  TRP A CD2 1 
ATOM   221  N NE1 . TRP A 1 30  ? -8.026  1.204   11.496  1.00 7.87  ? 30  TRP A NE1 1 
ATOM   222  C CE2 . TRP A 1 30  ? -8.246  0.137   10.664  1.00 6.76  ? 30  TRP A CE2 1 
ATOM   223  C CE3 . TRP A 1 30  ? -8.030  -2.273  10.735  1.00 8.59  ? 30  TRP A CE3 1 
ATOM   224  C CZ2 . TRP A 1 30  ? -8.718  0.104   9.341   1.00 8.70  ? 30  TRP A CZ2 1 
ATOM   225  C CZ3 . TRP A 1 30  ? -8.493  -2.304  9.420   1.00 7.69  ? 30  TRP A CZ3 1 
ATOM   226  C CH2 . TRP A 1 30  ? -8.830  -1.123  8.745   1.00 7.65  ? 30  TRP A CH2 1 
ATOM   227  N N   . SER A 1 31  ? -8.170  -0.563  16.488  1.00 8.43  ? 31  SER A N   1 
ATOM   228  C CA  . SER A 1 31  ? -8.961  0.368   17.259  1.00 9.10  ? 31  SER A CA  1 
ATOM   229  C C   . SER A 1 31  ? -8.106  1.485   17.847  1.00 8.44  ? 31  SER A C   1 
ATOM   230  O O   . SER A 1 31  ? -7.086  1.214   18.485  1.00 9.41  ? 31  SER A O   1 
ATOM   231  C CB  . SER A 1 31  ? -9.645  -0.408  18.393  1.00 10.68 ? 31  SER A CB  1 
ATOM   232  O OG  . SER A 1 31  ? -10.545 0.418   19.097  1.00 16.71 ? 31  SER A OG  1 
ATOM   233  N N   . ASN A 1 32  ? -8.513  2.731   17.596  1.00 9.08  ? 32  ASN A N   1 
ATOM   234  C CA  . ASN A 1 32  ? -7.857  3.938   18.128  1.00 9.01  ? 32  ASN A CA  1 
ATOM   235  C C   . ASN A 1 32  ? -6.349  3.860   18.034  1.00 9.98  ? 32  ASN A C   1 
ATOM   236  O O   . ASN A 1 32  ? -5.622  4.000   19.020  1.00 10.34 ? 32  ASN A O   1 
ATOM   237  C CB  . ASN A 1 32  ? -8.271  4.123   19.585  1.00 11.25 ? 32  ASN A CB  1 
ATOM   238  C CG  . ASN A 1 32  ? -9.765  4.255   19.734  1.00 13.09 ? 32  ASN A CG  1 
ATOM   239  O OD1 . ASN A 1 32  ? -10.359 5.230   19.272  1.00 14.87 ? 32  ASN A OD1 1 
ATOM   240  N ND2 . ASN A 1 32  ? -10.383 3.275   20.377  1.00 13.95 ? 32  ASN A ND2 1 
ATOM   241  N N   . THR A 1 33  ? -5.880  3.688   16.813  1.00 9.98  ? 33  THR A N   1 
ATOM   242  C CA  . THR A 1 33  ? -4.463  3.511   16.572  1.00 9.83  ? 33  THR A CA  1 
ATOM   243  C C   . THR A 1 33  ? -3.658  4.773   16.315  1.00 9.01  ? 33  THR A C   1 
ATOM   244  O O   . THR A 1 33  ? -4.182  5.888   16.294  1.00 9.49  ? 33  THR A O   1 
ATOM   245  C CB  . THR A 1 33  ? -4.262  2.632   15.303  1.00 10.23 ? 33  THR A CB  1 
ATOM   246  O OG1 . THR A 1 33  ? -4.768  3.343   14.160  1.00 10.47 ? 33  THR A OG1 1 
ATOM   247  C CG2 . THR A 1 33  ? -4.980  1.301   15.444  1.00 10.13 ? 33  THR A CG2 1 
ATOM   248  N N   . GLY A 1 34  ? -2.359  4.547   16.151  1.00 9.69  ? 34  GLY A N   1 
ATOM   249  C CA  . GLY A 1 34  ? -1.444  5.583   15.724  1.00 9.63  ? 34  GLY A CA  1 
ATOM   250  C C   . GLY A 1 34  ? -1.375  5.194   14.243  1.00 9.84  ? 34  GLY A C   1 
ATOM   251  O O   . GLY A 1 34  ? -2.422  5.004   13.603  1.00 9.61  ? 34  GLY A O   1 
ATOM   252  N N   . ASN A 1 35  ? -0.176  4.958   13.718  1.00 9.19  ? 35  ASN A N   1 
ATOM   253  C CA  . ASN A 1 35  ? 0.003   4.540   12.323  1.00 9.43  ? 35  ASN A CA  1 
ATOM   254  C C   . ASN A 1 35  ? 0.465   3.083   12.328  1.00 9.05  ? 35  ASN A C   1 
ATOM   255  O O   . ASN A 1 35  ? 1.232   2.668   13.191  1.00 10.02 ? 35  ASN A O   1 
ATOM   256  C CB  . ASN A 1 35  ? 1.067   5.425   11.646  1.00 10.39 ? 35  ASN A CB  1 
ATOM   257  C CG  . ASN A 1 35  ? 1.262   5.123   10.156  1.00 13.36 ? 35  ASN A CG  1 
ATOM   258  O OD1 . ASN A 1 35  ? 2.389   5.191   9.663   1.00 15.83 ? 35  ASN A OD1 1 
ATOM   259  N ND2 . ASN A 1 35  ? 0.182   4.835   9.432   1.00 13.29 ? 35  ASN A ND2 1 
ATOM   260  N N   . PHE A 1 36  ? -0.065  2.284   11.411  1.00 8.65  ? 36  PHE A N   1 
ATOM   261  C CA  . PHE A 1 36  ? 0.337   0.884   11.297  1.00 7.87  ? 36  PHE A CA  1 
ATOM   262  C C   . PHE A 1 36  ? 0.186   0.457   9.850   1.00 7.39  ? 36  PHE A C   1 
ATOM   263  O O   . PHE A 1 36  ? -0.597  1.053   9.097   1.00 8.53  ? 36  PHE A O   1 
ATOM   264  C CB  . PHE A 1 36  ? -0.534  -0.037  12.169  1.00 9.60  ? 36  PHE A CB  1 
ATOM   265  C CG  . PHE A 1 36  ? -1.944  -0.180  11.675  1.00 9.72  ? 36  PHE A CG  1 
ATOM   266  C CD1 . PHE A 1 36  ? -2.917  0.724   12.059  1.00 9.71  ? 36  PHE A CD1 1 
ATOM   267  C CD2 . PHE A 1 36  ? -2.284  -1.194  10.781  1.00 10.11 ? 36  PHE A CD2 1 
ATOM   268  C CE1 . PHE A 1 36  ? -4.209  0.625   11.561  1.00 11.13 ? 36  PHE A CE1 1 
ATOM   269  C CE2 . PHE A 1 36  ? -3.569  -1.294  10.284  1.00 10.46 ? 36  PHE A CE2 1 
ATOM   270  C CZ  . PHE A 1 36  ? -4.532  -0.383  10.673  1.00 10.05 ? 36  PHE A CZ  1 
ATOM   271  N N   . VAL A 1 37  ? 0.919   -0.583  9.482   1.00 8.14  ? 37  VAL A N   1 
ATOM   272  C CA  . VAL A 1 37  ? 0.867   -1.149  8.137   1.00 8.64  ? 37  VAL A CA  1 
ATOM   273  C C   . VAL A 1 37  ? 0.980   -2.655  8.295   1.00 8.55  ? 37  VAL A C   1 
ATOM   274  O O   . VAL A 1 37  ? 1.948   -3.157  8.890   1.00 9.65  ? 37  VAL A O   1 
ATOM   275  C CB  . VAL A 1 37  ? 2.028   -0.676  7.228   1.00 8.95  ? 37  VAL A CB  1 
ATOM   276  C CG1 . VAL A 1 37  ? 1.862   -1.289  5.824   1.00 10.41 ? 37  VAL A CG1 1 
ATOM   277  C CG2 . VAL A 1 37  ? 2.067   0.841   7.153   1.00 10.67 ? 37  VAL A CG2 1 
ATOM   278  N N   . VAL A 1 38  ? -0.015  -3.371  7.785   1.00 7.70  ? 38  VAL A N   1 
ATOM   279  C CA  . VAL A 1 38  ? -0.040  -4.824  7.861   1.00 8.07  ? 38  VAL A CA  1 
ATOM   280  C C   . VAL A 1 38  ? -0.338  -5.378  6.477   1.00 8.08  ? 38  VAL A C   1 
ATOM   281  O O   . VAL A 1 38  ? -1.182  -4.846  5.776   1.00 9.18  ? 38  VAL A O   1 
ATOM   282  C CB  . VAL A 1 38  ? -1.164  -5.295  8.824   1.00 9.27  ? 38  VAL A CB  1 
ATOM   283  C CG1 . VAL A 1 38  ? -1.298  -6.813  8.792   1.00 11.20 ? 38  VAL A CG1 1 
ATOM   284  C CG2 . VAL A 1 38  ? -0.884  -4.804  10.233  1.00 10.34 ? 38  VAL A CG2 1 
ATOM   285  N N   . GLY A 1 39  ? 0.334   -6.447  6.086   1.00 8.60  ? 39  GLY A N   1 
ATOM   286  C CA  . GLY A 1 39  ? 0.051   -7.015  4.780   1.00 8.74  ? 39  GLY A CA  1 
ATOM   287  C C   . GLY A 1 39  ? 0.909   -8.210  4.429   1.00 8.93  ? 39  GLY A C   1 
ATOM   288  O O   . GLY A 1 39  ? 1.842   -8.553  5.160   1.00 9.79  ? 39  GLY A O   1 
ATOM   289  N N   . LYS A 1 40  ? 0.557   -8.867  3.332   1.00 8.26  ? 40  LYS A N   1 
ATOM   290  C CA  . LYS A 1 40  ? 1.312   -10.015 2.856   1.00 7.70  ? 40  LYS A CA  1 
ATOM   291  C C   . LYS A 1 40  ? 1.793   -9.759  1.442   1.00 7.77  ? 40  LYS A C   1 
ATOM   292  O O   . LYS A 1 40  ? 1.141   -9.058  0.669   1.00 7.96  ? 40  LYS A O   1 
ATOM   293  C CB  . LYS A 1 40  ? 0.478   -11.299 2.899   1.00 8.97  ? 40  LYS A CB  1 
ATOM   294  C CG  . LYS A 1 40  ? 0.419   -11.926 4.277   1.00 11.20 ? 40  LYS A CG  1 
ATOM   295  C CD  . LYS A 1 40  ? -0.190  -13.306 4.211   1.00 11.09 ? 40  LYS A CD  1 
ATOM   296  C CE  . LYS A 1 40  ? -0.085  -13.975 5.567   1.00 11.98 ? 40  LYS A CE  1 
ATOM   297  N NZ  . LYS A 1 40  ? -0.720  -15.324 5.548   1.00 10.87 ? 40  LYS A NZ  1 
ATOM   298  N N   . GLY A 1 41  ? 2.940   -10.332 1.115   1.00 8.05  ? 41  GLY A N   1 
ATOM   299  C CA  . GLY A 1 41  ? 3.475   -10.141 -0.207  1.00 8.34  ? 41  GLY A CA  1 
ATOM   300  C C   . GLY A 1 41  ? 4.792   -10.845 -0.398  1.00 8.45  ? 41  GLY A C   1 
ATOM   301  O O   . GLY A 1 41  ? 4.958   -12.005 0.006   1.00 8.58  ? 41  GLY A O   1 
ATOM   302  N N   . TRP A 1 42  ? 5.738   -10.105 -0.966  1.00 8.59  ? 42  TRP A N   1 
ATOM   303  C CA  . TRP A 1 42  ? 7.050   -10.632 -1.306  1.00 9.19  ? 42  TRP A CA  1 
ATOM   304  C C   . TRP A 1 42  ? 8.211   -9.869  -0.686  1.00 9.37  ? 42  TRP A C   1 
ATOM   305  O O   . TRP A 1 42  ? 8.171   -8.649  -0.549  1.00 9.69  ? 42  TRP A O   1 
ATOM   306  C CB  . TRP A 1 42  ? 7.180   -10.657 -2.837  1.00 9.98  ? 42  TRP A CB  1 
ATOM   307  C CG  . TRP A 1 42  ? 6.093   -11.494 -3.441  1.00 11.09 ? 42  TRP A CG  1 
ATOM   308  C CD1 . TRP A 1 42  ? 6.145   -12.831 -3.697  1.00 12.42 ? 42  TRP A CD1 1 
ATOM   309  C CD2 . TRP A 1 42  ? 4.750   -11.076 -3.743  1.00 11.70 ? 42  TRP A CD2 1 
ATOM   310  N NE1 . TRP A 1 42  ? 4.919   -13.276 -4.123  1.00 13.57 ? 42  TRP A NE1 1 
ATOM   311  C CE2 . TRP A 1 42  ? 4.045   -12.222 -4.162  1.00 12.67 ? 42  TRP A CE2 1 
ATOM   312  C CE3 . TRP A 1 42  ? 4.075   -9.848  -3.688  1.00 11.73 ? 42  TRP A CE3 1 
ATOM   313  C CZ2 . TRP A 1 42  ? 2.700   -12.179 -4.523  1.00 11.97 ? 42  TRP A CZ2 1 
ATOM   314  C CZ3 . TRP A 1 42  ? 2.733   -9.808  -4.046  1.00 12.62 ? 42  TRP A CZ3 1 
ATOM   315  C CH2 . TRP A 1 42  ? 2.063   -10.967 -4.458  1.00 11.83 ? 42  TRP A CH2 1 
ATOM   316  N N   . THR A 1 43  ? 9.238   -10.618 -0.294  1.00 10.42 ? 43  THR A N   1 
ATOM   317  C CA  . THR A 1 43  ? 10.430  -10.064 0.330   1.00 11.50 ? 43  THR A CA  1 
ATOM   318  C C   . THR A 1 43  ? 11.164  -9.109  -0.611  1.00 11.37 ? 43  THR A C   1 
ATOM   319  O O   . THR A 1 43  ? 11.722  -8.102  -0.172  1.00 11.60 ? 43  THR A O   1 
ATOM   320  C CB  . THR A 1 43  ? 11.374  -11.206 0.759   1.00 14.38 ? 43  THR A CB  1 
ATOM   321  O OG1 . THR A 1 43  ? 10.656  -12.115 1.606   1.00 17.01 ? 43  THR A OG1 1 
ATOM   322  C CG2 . THR A 1 43  ? 12.579  -10.662 1.521   1.00 15.67 ? 43  THR A CG2 1 
ATOM   323  N N   . THR A 1 44  ? 11.188  -9.436  -1.894  1.00 11.32 ? 44  THR A N   1 
ATOM   324  C CA  . THR A 1 44  ? 11.840  -8.572  -2.861  1.00 12.06 ? 44  THR A CA  1 
ATOM   325  C C   . THR A 1 44  ? 10.837  -8.163  -3.927  1.00 10.68 ? 44  THR A C   1 
ATOM   326  O O   . THR A 1 44  ? 10.292  -9.002  -4.649  1.00 11.17 ? 44  THR A O   1 
ATOM   327  C CB  . THR A 1 44  ? 13.054  -9.258  -3.501  1.00 14.38 ? 44  THR A CB  1 
ATOM   328  O OG1 . THR A 1 44  ? 13.969  -9.638  -2.466  1.00 16.45 ? 44  THR A OG1 1 
ATOM   329  C CG2 . THR A 1 44  ? 13.754  -8.307  -4.467  1.00 15.47 ? 44  THR A CG2 1 
ATOM   330  N N   . GLY A 1 45  ? 10.538  -6.875  -3.954  1.00 8.66  ? 45  GLY A N   1 
ATOM   331  C CA  . GLY A 1 45  ? 9.602   -6.364  -4.929  1.00 9.19  ? 45  GLY A CA  1 
ATOM   332  C C   . GLY A 1 45  ? 10.159  -6.422  -6.336  1.00 9.05  ? 45  GLY A C   1 
ATOM   333  O O   . GLY A 1 45  ? 11.371  -6.523  -6.550  1.00 10.24 ? 45  GLY A O   1 
ATOM   334  N N   . SER A 1 46  ? 9.261   -6.324  -7.302  1.00 9.07  ? 46  SER A N   1 
ATOM   335  C CA  . SER A 1 46  ? 9.630   -6.350  -8.706  1.00 9.81  ? 46  SER A CA  1 
ATOM   336  C C   . SER A 1 46  ? 8.725   -5.400  -9.476  1.00 9.25  ? 46  SER A C   1 
ATOM   337  O O   . SER A 1 46  ? 7.534   -5.301  -9.178  1.00 9.61  ? 46  SER A O   1 
ATOM   338  C CB  . SER A 1 46  ? 9.437   -7.765  -9.263  1.00 10.40 ? 46  SER A CB  1 
ATOM   339  O OG  . SER A 1 46  ? 9.529   -7.761  -10.683 1.00 11.59 ? 46  SER A OG  1 
ATOM   340  N N   . PRO A 1 47  ? 9.292   -4.648  -10.438 1.00 9.61  ? 47  PRO A N   1 
ATOM   341  C CA  . PRO A 1 47  ? 8.490   -3.724  -11.239 1.00 9.41  ? 47  PRO A CA  1 
ATOM   342  C C   . PRO A 1 47  ? 7.665   -4.498  -12.288 1.00 9.36  ? 47  PRO A C   1 
ATOM   343  O O   . PRO A 1 47  ? 6.838   -3.903  -12.987 1.00 10.32 ? 47  PRO A O   1 
ATOM   344  C CB  . PRO A 1 47  ? 9.552   -2.824  -11.885 1.00 10.25 ? 47  PRO A CB  1 
ATOM   345  C CG  . PRO A 1 47  ? 10.705  -3.746  -12.060 1.00 9.90  ? 47  PRO A CG  1 
ATOM   346  C CD  . PRO A 1 47  ? 10.728  -4.526  -10.761 1.00 9.37  ? 47  PRO A CD  1 
ATOM   347  N N   . PHE A 1 48  ? 7.871   -5.819  -12.373 1.00 7.81  ? 48  PHE A N   1 
ATOM   348  C CA  . PHE A 1 48  ? 7.157   -6.653  -13.345 1.00 8.92  ? 48  PHE A CA  1 
ATOM   349  C C   . PHE A 1 48  ? 6.072   -7.533  -12.733 1.00 9.45  ? 48  PHE A C   1 
ATOM   350  O O   . PHE A 1 48  ? 5.369   -8.239  -13.452 1.00 9.42  ? 48  PHE A O   1 
ATOM   351  C CB  . PHE A 1 48  ? 8.136   -7.558  -14.099 1.00 10.44 ? 48  PHE A CB  1 
ATOM   352  C CG  . PHE A 1 48  ? 9.280   -6.816  -14.705 1.00 12.63 ? 48  PHE A CG  1 
ATOM   353  C CD1 . PHE A 1 48  ? 9.043   -5.793  -15.608 1.00 14.40 ? 48  PHE A CD1 1 
ATOM   354  C CD2 . PHE A 1 48  ? 10.582  -7.084  -14.313 1.00 14.99 ? 48  PHE A CD2 1 
ATOM   355  C CE1 . PHE A 1 48  ? 10.096  -5.038  -16.106 1.00 16.04 ? 48  PHE A CE1 1 
ATOM   356  C CE2 . PHE A 1 48  ? 11.635  -6.334  -14.806 1.00 14.35 ? 48  PHE A CE2 1 
ATOM   357  C CZ  . PHE A 1 48  ? 11.391  -5.314  -15.698 1.00 14.83 ? 48  PHE A CZ  1 
ATOM   358  N N   . ARG A 1 49  ? 5.929   -7.483  -11.413 1.00 8.78  ? 49  ARG A N   1 
ATOM   359  C CA  . ARG A 1 49  ? 4.943   -8.323  -10.741 1.00 8.91  ? 49  ARG A CA  1 
ATOM   360  C C   . ARG A 1 49  ? 3.499   -7.906  -10.965 1.00 7.43  ? 49  ARG A C   1 
ATOM   361  O O   . ARG A 1 49  ? 3.196   -6.718  -11.076 1.00 8.09  ? 49  ARG A O   1 
ATOM   362  C CB  . ARG A 1 49  ? 5.221   -8.359  -9.239  1.00 9.69  ? 49  ARG A CB  1 
ATOM   363  C CG  . ARG A 1 49  ? 4.416   -9.448  -8.531  1.00 11.01 ? 49  ARG A CG  1 
ATOM   364  C CD  . ARG A 1 49  ? 4.655   -9.464  -7.046  1.00 12.01 ? 49  ARG A CD  1 
ATOM   365  N NE  . ARG A 1 49  ? 6.070   -9.477  -6.710  1.00 17.85 ? 49  ARG A NE  1 
ATOM   366  C CZ  . ARG A 1 49  ? 6.843   -10.556 -6.735  1.00 17.63 ? 49  ARG A CZ  1 
ATOM   367  N NH1 . ARG A 1 49  ? 6.344   -11.733 -7.088  1.00 20.11 ? 49  ARG A NH1 1 
ATOM   368  N NH2 . ARG A 1 49  ? 8.114   -10.455 -6.370  1.00 19.26 ? 49  ARG A NH2 1 
ATOM   369  N N   . THR A 1 50  ? 2.623   -8.898  -11.105 1.00 7.62  ? 50  THR A N   1 
ATOM   370  C CA  . THR A 1 50  ? 1.192   -8.649  -11.238 1.00 8.77  ? 50  THR A CA  1 
ATOM   371  C C   . THR A 1 50  ? 0.627   -9.197  -9.930  1.00 9.25  ? 50  THR A C   1 
ATOM   372  O O   . THR A 1 50  ? 0.806   -10.377 -9.610  1.00 10.70 ? 50  THR A O   1 
ATOM   373  C CB  . THR A 1 50  ? 0.590   -9.387  -12.441 1.00 9.53  ? 50  THR A CB  1 
ATOM   374  O OG1 . THR A 1 50  ? 1.228   -8.928  -13.634 1.00 10.49 ? 50  THR A OG1 1 
ATOM   375  C CG2 . THR A 1 50  ? -0.892  -9.120  -12.541 1.00 10.41 ? 50  THR A CG2 1 
ATOM   376  N N   . ILE A 1 51  ? 0.058   -8.302  -9.131  1.00 8.49  ? 51  ILE A N   1 
ATOM   377  C CA  . ILE A 1 51  ? -0.488  -8.663  -7.831  1.00 9.59  ? 51  ILE A CA  1 
ATOM   378  C C   . ILE A 1 51  ? -1.984  -8.940  -7.899  1.00 9.65  ? 51  ILE A C   1 
ATOM   379  O O   . ILE A 1 51  ? -2.748  -8.190  -8.514  1.00 9.59  ? 51  ILE A O   1 
ATOM   380  C CB  . ILE A 1 51  ? -0.208  -7.548  -6.786  1.00 9.93  ? 51  ILE A CB  1 
ATOM   381  C CG1 . ILE A 1 51  ? 1.304   -7.307  -6.636  1.00 11.66 ? 51  ILE A CG1 1 
ATOM   382  C CG2 . ILE A 1 51  ? -0.782  -7.933  -5.440  1.00 11.65 ? 51  ILE A CG2 1 
ATOM   383  C CD1 . ILE A 1 51  ? 1.877   -6.281  -7.627  1.00 11.63 ? 51  ILE A CD1 1 
ATOM   384  N N   . ASN A 1 52  ? -2.396  -10.044 -7.287  1.00 9.67  ? 52  ASN A N   1 
ATOM   385  C CA  . ASN A 1 52  ? -3.812  -10.415 -7.251  1.00 9.37  ? 52  ASN A CA  1 
ATOM   386  C C   . ASN A 1 52  ? -4.251  -10.384 -5.806  1.00 8.75  ? 52  ASN A C   1 
ATOM   387  O O   . ASN A 1 52  ? -3.484  -10.742 -4.904  1.00 8.30  ? 52  ASN A O   1 
ATOM   388  C CB  . ASN A 1 52  ? -4.025  -11.842 -7.758  1.00 12.19 ? 52  ASN A CB  1 
ATOM   389  C CG  . ASN A 1 52  ? -3.581  -12.024 -9.179  1.00 17.10 ? 52  ASN A CG  1 
ATOM   390  O OD1 . ASN A 1 52  ? -4.291  -11.638 -10.107 1.00 20.50 ? 52  ASN A OD1 1 
ATOM   391  N ND2 . ASN A 1 52  ? -2.389  -12.586 -9.364  1.00 19.32 ? 52  ASN A ND2 1 
ATOM   392  N N   . TYR A 1 53  ? -5.474  -9.938  -5.572  1.00 8.34  ? 53  TYR A N   1 
ATOM   393  C CA  . TYR A 1 53  ? -5.987  -9.929  -4.209  1.00 8.40  ? 53  TYR A CA  1 
ATOM   394  C C   . TYR A 1 53  ? -7.502  -9.931  -4.213  1.00 8.05  ? 53  TYR A C   1 
ATOM   395  O O   . TYR A 1 53  ? -8.142  -9.681  -5.234  1.00 8.15  ? 53  TYR A O   1 
ATOM   396  C CB  . TYR A 1 53  ? -5.454  -8.730  -3.389  1.00 8.59  ? 53  TYR A CB  1 
ATOM   397  C CG  . TYR A 1 53  ? -6.113  -7.406  -3.730  1.00 8.34  ? 53  TYR A CG  1 
ATOM   398  C CD1 . TYR A 1 53  ? -5.633  -6.607  -4.770  1.00 8.01  ? 53  TYR A CD1 1 
ATOM   399  C CD2 . TYR A 1 53  ? -7.241  -6.972  -3.037  1.00 8.07  ? 53  TYR A CD2 1 
ATOM   400  C CE1 . TYR A 1 53  ? -6.271  -5.413  -5.115  1.00 7.34  ? 53  TYR A CE1 1 
ATOM   401  C CE2 . TYR A 1 53  ? -7.881  -5.785  -3.372  1.00 6.68  ? 53  TYR A CE2 1 
ATOM   402  C CZ  . TYR A 1 53  ? -7.391  -5.010  -4.415  1.00 6.74  ? 53  TYR A CZ  1 
ATOM   403  O OH  . TYR A 1 53  ? -8.044  -3.846  -4.748  1.00 8.10  ? 53  TYR A OH  1 
ATOM   404  N N   . ASN A 1 54  ? -8.065  -10.303 -3.074  1.00 7.44  ? 54  ASN A N   1 
ATOM   405  C CA  . ASN A 1 54  ? -9.501  -10.303 -2.889  1.00 8.22  ? 54  ASN A CA  1 
ATOM   406  C C   . ASN A 1 54  ? -9.691  -9.878  -1.443  1.00 8.01  ? 54  ASN A C   1 
ATOM   407  O O   . ASN A 1 54  ? -9.261  -10.580 -0.523  1.00 7.77  ? 54  ASN A O   1 
ATOM   408  C CB  . ASN A 1 54  ? -10.102 -11.703 -3.115  1.00 8.61  ? 54  ASN A CB  1 
ATOM   409  C CG  . ASN A 1 54  ? -11.634 -11.705 -3.035  1.00 9.55  ? 54  ASN A CG  1 
ATOM   410  O OD1 . ASN A 1 54  ? -12.309 -12.235 -3.925  1.00 11.70 ? 54  ASN A OD1 1 
ATOM   411  N ND2 . ASN A 1 54  ? -12.183 -11.140 -1.978  1.00 8.66  ? 54  ASN A ND2 1 
ATOM   412  N N   . ALA A 1 55  ? -10.265 -8.701  -1.239  1.00 6.83  ? 55  ALA A N   1 
ATOM   413  C CA  . ALA A 1 55  ? -10.515 -8.217  0.113   1.00 8.30  ? 55  ALA A CA  1 
ATOM   414  C C   . ALA A 1 55  ? -11.929 -8.654  0.506   1.00 9.02  ? 55  ALA A C   1 
ATOM   415  O O   . ALA A 1 55  ? -12.916 -8.030  0.101   1.00 9.19  ? 55  ALA A O   1 
ATOM   416  C CB  . ALA A 1 55  ? -10.374 -6.688  0.185   1.00 9.31  ? 55  ALA A CB  1 
ATOM   417  N N   . GLY A 1 56  ? -12.013 -9.755  1.247   1.00 9.63  ? 56  GLY A N   1 
ATOM   418  C CA  . GLY A 1 56  ? -13.302 -10.265 1.689   1.00 9.86  ? 56  GLY A CA  1 
ATOM   419  C C   . GLY A 1 56  ? -14.010 -9.307  2.636   1.00 11.26 ? 56  GLY A C   1 
ATOM   420  O O   . GLY A 1 56  ? -15.245 -9.309  2.737   1.00 11.89 ? 56  GLY A O   1 
ATOM   421  N N   . VAL A 1 57  ? -13.231 -8.547  3.401   1.00 9.71  ? 57  VAL A N   1 
ATOM   422  C CA  . VAL A 1 57  ? -13.775 -7.546  4.310   1.00 9.80  ? 57  VAL A CA  1 
ATOM   423  C C   . VAL A 1 57  ? -12.920 -6.286  4.183   1.00 9.35  ? 57  VAL A C   1 
ATOM   424  O O   . VAL A 1 57  ? -11.681 -6.365  4.227   1.00 8.50  ? 57  VAL A O   1 
ATOM   425  C CB  . VAL A 1 57  ? -13.726 -8.004  5.801   1.00 10.76 ? 57  VAL A CB  1 
ATOM   426  C CG1 . VAL A 1 57  ? -14.223 -6.890  6.716   1.00 11.09 ? 57  VAL A CG1 1 
ATOM   427  C CG2 . VAL A 1 57  ? -14.570 -9.243  5.999   1.00 11.74 ? 57  VAL A CG2 1 
ATOM   428  N N   . TRP A 1 58  ? -13.570 -5.153  3.935   1.00 9.02  ? 58  TRP A N   1 
ATOM   429  C CA  . TRP A 1 58  ? -12.884 -3.865  3.875   1.00 9.01  ? 58  TRP A CA  1 
ATOM   430  C C   . TRP A 1 58  ? -13.856 -2.944  4.592   1.00 10.04 ? 58  TRP A C   1 
ATOM   431  O O   . TRP A 1 58  ? -14.802 -2.439  4.004   1.00 10.47 ? 58  TRP A O   1 
ATOM   432  C CB  . TRP A 1 58  ? -12.602 -3.386  2.437   1.00 8.77  ? 58  TRP A CB  1 
ATOM   433  C CG  . TRP A 1 58  ? -11.945 -2.021  2.423   1.00 8.67  ? 58  TRP A CG  1 
ATOM   434  C CD1 . TRP A 1 58  ? -12.423 -0.885  1.831   1.00 9.11  ? 58  TRP A CD1 1 
ATOM   435  C CD2 . TRP A 1 58  ? -10.747 -1.631  3.122   1.00 8.61  ? 58  TRP A CD2 1 
ATOM   436  N NE1 . TRP A 1 58  ? -11.611 0.181   2.122   1.00 9.67  ? 58  TRP A NE1 1 
ATOM   437  C CE2 . TRP A 1 58  ? -10.575 -0.245  2.913   1.00 8.83  ? 58  TRP A CE2 1 
ATOM   438  C CE3 . TRP A 1 58  ? -9.812  -2.318  3.911   1.00 8.42  ? 58  TRP A CE3 1 
ATOM   439  C CZ2 . TRP A 1 58  ? -9.505  0.470   3.462   1.00 9.49  ? 58  TRP A CZ2 1 
ATOM   440  C CZ3 . TRP A 1 58  ? -8.750  -1.611  4.457   1.00 8.88  ? 58  TRP A CZ3 1 
ATOM   441  C CH2 . TRP A 1 58  ? -8.607  -0.229  4.230   1.00 10.02 ? 58  TRP A CH2 1 
ATOM   442  N N   . ALA A 1 59  ? -13.606 -2.736  5.878   1.00 9.25  ? 59  ALA A N   1 
ATOM   443  C CA  . ALA A 1 59  ? -14.498 -1.954  6.724   1.00 10.20 ? 59  ALA A CA  1 
ATOM   444  C C   . ALA A 1 59  ? -13.808 -0.926  7.615   1.00 11.28 ? 59  ALA A C   1 
ATOM   445  O O   . ALA A 1 59  ? -13.783 -1.059  8.850   1.00 11.63 ? 59  ALA A O   1 
ATOM   446  C CB  . ALA A 1 59  ? -15.334 -2.909  7.573   1.00 10.71 ? 59  ALA A CB  1 
ATOM   447  N N   . PRO A 1 60  ? -13.164 0.073   7.007   1.00 11.35 ? 60  PRO A N   1 
ATOM   448  C CA  . PRO A 1 60  ? -12.502 1.085   7.825   1.00 11.57 ? 60  PRO A CA  1 
ATOM   449  C C   . PRO A 1 60  ? -13.545 2.053   8.395   1.00 12.90 ? 60  PRO A C   1 
ATOM   450  O O   . PRO A 1 60  ? -14.495 2.416   7.710   1.00 13.73 ? 60  PRO A O   1 
ATOM   451  C CB  . PRO A 1 60  ? -11.581 1.787   6.816   1.00 12.09 ? 60  PRO A CB  1 
ATOM   452  C CG  . PRO A 1 60  ? -12.362 1.696   5.530   1.00 11.86 ? 60  PRO A CG  1 
ATOM   453  C CD  . PRO A 1 60  ? -12.895 0.279   5.564   1.00 11.77 ? 60  PRO A CD  1 
ATOM   454  N N   . ASN A 1 61  ? -13.383 2.418   9.660   1.00 13.50 ? 61  ASN A N   1 
ATOM   455  C CA  . ASN A 1 61  ? -14.250 3.381   10.335  1.00 15.98 ? 61  ASN A CA  1 
ATOM   456  C C   . ASN A 1 61  ? -13.369 4.596   10.565  1.00 17.18 ? 61  ASN A C   1 
ATOM   457  O O   . ASN A 1 61  ? -13.072 4.955   11.716  1.00 21.05 ? 61  ASN A O   1 
ATOM   458  C CB  . ASN A 1 61  ? -14.675 2.862   11.711  1.00 17.46 ? 61  ASN A CB  1 
ATOM   459  C CG  . ASN A 1 61  ? -16.050 2.293   11.716  1.00 19.92 ? 61  ASN A CG  1 
ATOM   460  O OD1 . ASN A 1 61  ? -16.693 2.174   10.679  1.00 22.68 ? 61  ASN A OD1 1 
ATOM   461  N ND2 . ASN A 1 61  ? -16.527 1.938   12.894  1.00 22.14 ? 61  ASN A ND2 1 
ATOM   462  N N   . GLY A 1 62  ? -12.849 5.155   9.483   1.00 14.50 ? 62  GLY A N   1 
ATOM   463  C CA  . GLY A 1 62  ? -11.983 6.308   9.592   1.00 12.29 ? 62  GLY A CA  1 
ATOM   464  C C   . GLY A 1 62  ? -10.924 6.226   8.517   1.00 10.98 ? 62  GLY A C   1 
ATOM   465  O O   . GLY A 1 62  ? -11.147 5.592   7.485   1.00 10.80 ? 62  GLY A O   1 
ATOM   466  N N   . ASN A 1 63  ? -9.755  6.793   8.795   1.00 9.68  ? 63  ASN A N   1 
ATOM   467  C CA  . ASN A 1 63  ? -8.642  6.832   7.842   1.00 9.82  ? 63  ASN A CA  1 
ATOM   468  C C   . ASN A 1 63  ? -7.894  5.503   7.723   1.00 9.39  ? 63  ASN A C   1 
ATOM   469  O O   . ASN A 1 63  ? -7.217  5.076   8.656   1.00 9.70  ? 63  ASN A O   1 
ATOM   470  C CB  . ASN A 1 63  ? -7.678  7.951   8.256   1.00 10.96 ? 63  ASN A CB  1 
ATOM   471  C CG  . ASN A 1 63  ? -6.614  8.262   7.200   1.00 12.54 ? 63  ASN A CG  1 
ATOM   472  O OD1 . ASN A 1 63  ? -5.851  9.220   7.351   1.00 16.87 ? 63  ASN A OD1 1 
ATOM   473  N ND2 . ASN A 1 63  ? -6.561  7.473   6.134   1.00 13.41 ? 63  ASN A ND2 1 
ATOM   474  N N   . GLY A 1 64  ? -8.053  4.845   6.577   1.00 8.72  ? 64  GLY A N   1 
ATOM   475  C CA  . GLY A 1 64  ? -7.383  3.581   6.311   1.00 8.20  ? 64  GLY A CA  1 
ATOM   476  C C   . GLY A 1 64  ? -7.280  3.391   4.802   1.00 7.81  ? 64  GLY A C   1 
ATOM   477  O O   . GLY A 1 64  ? -8.162  3.856   4.075   1.00 7.90  ? 64  GLY A O   1 
ATOM   478  N N   . TYR A 1 65  ? -6.210  2.741   4.340   1.00 7.17  ? 65  TYR A N   1 
ATOM   479  C CA  . TYR A 1 65  ? -5.986  2.487   2.906   1.00 5.91  ? 65  TYR A CA  1 
ATOM   480  C C   . TYR A 1 65  ? -5.854  0.988   2.608   1.00 6.24  ? 65  TYR A C   1 
ATOM   481  O O   . TYR A 1 65  ? -5.251  0.239   3.388   1.00 6.93  ? 65  TYR A O   1 
ATOM   482  C CB  . TYR A 1 65  ? -4.659  3.099   2.408   1.00 6.59  ? 65  TYR A CB  1 
ATOM   483  C CG  . TYR A 1 65  ? -4.383  4.541   2.764   1.00 7.77  ? 65  TYR A CG  1 
ATOM   484  C CD1 . TYR A 1 65  ? -5.390  5.499   2.749   1.00 8.33  ? 65  TYR A CD1 1 
ATOM   485  C CD2 . TYR A 1 65  ? -3.091  4.950   3.087   1.00 9.10  ? 65  TYR A CD2 1 
ATOM   486  C CE1 . TYR A 1 65  ? -5.119  6.818   3.047   1.00 9.70  ? 65  TYR A CE1 1 
ATOM   487  C CE2 . TYR A 1 65  ? -2.807  6.267   3.382   1.00 10.03 ? 65  TYR A CE2 1 
ATOM   488  C CZ  . TYR A 1 65  ? -3.825  7.201   3.364   1.00 11.03 ? 65  TYR A CZ  1 
ATOM   489  O OH  . TYR A 1 65  ? -3.559  8.526   3.678   1.00 12.58 ? 65  TYR A OH  1 
ATOM   490  N N   . LEU A 1 66  ? -6.410  0.569   1.479   1.00 5.22  ? 66  LEU A N   1 
ATOM   491  C CA  . LEU A 1 66  ? -6.286  -0.801  0.987   1.00 5.69  ? 66  LEU A CA  1 
ATOM   492  C C   . LEU A 1 66  ? -5.374  -0.485  -0.201  1.00 6.27  ? 66  LEU A C   1 
ATOM   493  O O   . LEU A 1 66  ? -5.834  0.047   -1.236  1.00 5.65  ? 66  LEU A O   1 
ATOM   494  C CB  . LEU A 1 66  ? -7.638  -1.344  0.536   1.00 6.82  ? 66  LEU A CB  1 
ATOM   495  C CG  . LEU A 1 66  ? -7.565  -2.730  -0.095  1.00 8.11  ? 66  LEU A CG  1 
ATOM   496  C CD1 . LEU A 1 66  ? -6.980  -3.726  0.931   1.00 9.96  ? 66  LEU A CD1 1 
ATOM   497  C CD2 . LEU A 1 66  ? -8.961  -3.145  -0.555  1.00 9.93  ? 66  LEU A CD2 1 
ATOM   498  N N   . THR A 1 67  ? -4.112  -0.897  -0.098  1.00 5.80  ? 67  THR A N   1 
ATOM   499  C CA  . THR A 1 67  ? -3.129  -0.454  -1.075  1.00 6.29  ? 67  THR A CA  1 
ATOM   500  C C   . THR A 1 67  ? -1.928  -1.356  -1.284  1.00 5.63  ? 67  THR A C   1 
ATOM   501  O O   . THR A 1 67  ? -1.518  -2.067  -0.371  1.00 6.05  ? 67  THR A O   1 
ATOM   502  C CB  . THR A 1 67  ? -2.575  0.930   -0.535  1.00 5.96  ? 67  THR A CB  1 
ATOM   503  O OG1 . THR A 1 67  ? -1.608  1.492   -1.429  1.00 6.10  ? 67  THR A OG1 1 
ATOM   504  C CG2 . THR A 1 67  ? -1.904  0.775   0.850   1.00 6.00  ? 67  THR A CG2 1 
ATOM   505  N N   . LEU A 1 68  ? -1.394  -1.366  -2.503  1.00 5.40  ? 68  LEU A N   1 
ATOM   506  C CA  . LEU A 1 68  ? -0.144  -2.072  -2.765  1.00 5.49  ? 68  LEU A CA  1 
ATOM   507  C C   . LEU A 1 68  ? 0.845   -1.129  -2.063  1.00 6.25  ? 68  LEU A C   1 
ATOM   508  O O   . LEU A 1 68  ? 0.716   0.112   -2.138  1.00 6.00  ? 68  LEU A O   1 
ATOM   509  C CB  . LEU A 1 68  ? 0.164   -2.123  -4.258  1.00 6.82  ? 68  LEU A CB  1 
ATOM   510  C CG  . LEU A 1 68  ? 1.465   -2.846  -4.598  1.00 8.11  ? 68  LEU A CG  1 
ATOM   511  C CD1 . LEU A 1 68  ? 1.344   -4.329  -4.293  1.00 10.67 ? 68  LEU A CD1 1 
ATOM   512  C CD2 . LEU A 1 68  ? 1.822   -2.604  -6.064  1.00 10.31 ? 68  LEU A CD2 1 
ATOM   513  N N   . TYR A 1 69  ? 1.845   -1.697  -1.412  1.00 5.93  ? 69  TYR A N   1 
ATOM   514  C CA  . TYR A 1 69  ? 2.764   -0.899  -0.624  1.00 6.40  ? 69  TYR A CA  1 
ATOM   515  C C   . TYR A 1 69  ? 4.156   -1.480  -0.687  1.00 6.50  ? 69  TYR A C   1 
ATOM   516  O O   . TYR A 1 69  ? 4.335   -2.686  -0.604  1.00 6.16  ? 69  TYR A O   1 
ATOM   517  C CB  . TYR A 1 69  ? 2.249   -0.918  0.827   1.00 8.09  ? 69  TYR A CB  1 
ATOM   518  C CG  . TYR A 1 69  ? 3.125   -0.217  1.826   1.00 7.98  ? 69  TYR A CG  1 
ATOM   519  C CD1 . TYR A 1 69  ? 3.112   1.170   1.929   1.00 8.47  ? 69  TYR A CD1 1 
ATOM   520  C CD2 . TYR A 1 69  ? 3.975   -0.937  2.666   1.00 8.47  ? 69  TYR A CD2 1 
ATOM   521  C CE1 . TYR A 1 69  ? 3.921   1.818   2.825   1.00 9.84  ? 69  TYR A CE1 1 
ATOM   522  C CE2 . TYR A 1 69  ? 4.787   -0.293  3.568   1.00 8.84  ? 69  TYR A CE2 1 
ATOM   523  C CZ  . TYR A 1 69  ? 4.758   1.084   3.636   1.00 8.62  ? 69  TYR A CZ  1 
ATOM   524  O OH  . TYR A 1 69  ? 5.598   1.729   4.511   1.00 10.16 ? 69  TYR A OH  1 
ATOM   525  N N   . GLY A 1 70  ? 5.155   -0.623  -0.830  1.00 5.96  ? 70  GLY A N   1 
ATOM   526  C CA  . GLY A 1 70  ? 6.502   -1.149  -0.871  1.00 7.20  ? 70  GLY A CA  1 
ATOM   527  C C   . GLY A 1 70  ? 7.551   -0.068  -0.783  1.00 6.73  ? 70  GLY A C   1 
ATOM   528  O O   . GLY A 1 70  ? 7.241   1.121   -0.692  1.00 6.23  ? 70  GLY A O   1 
ATOM   529  N N   . TRP A 1 71  ? 8.807   -0.495  -0.789  1.00 7.44  ? 71  TRP A N   1 
ATOM   530  C CA  . TRP A 1 71  ? 9.918   0.437   -0.717  1.00 7.19  ? 71  TRP A CA  1 
ATOM   531  C C   . TRP A 1 71  ? 11.042  0.076   -1.655  1.00 7.55  ? 71  TRP A C   1 
ATOM   532  O O   . TRP A 1 71  ? 11.188  -1.077  -2.063  1.00 7.51  ? 71  TRP A O   1 
ATOM   533  C CB  . TRP A 1 71  ? 10.578  0.389   0.670   1.00 8.22  ? 71  TRP A CB  1 
ATOM   534  C CG  . TRP A 1 71  ? 9.798   0.926   1.811   1.00 9.29  ? 71  TRP A CG  1 
ATOM   535  C CD1 . TRP A 1 71  ? 8.827   0.271   2.522   1.00 8.48  ? 71  TRP A CD1 1 
ATOM   536  C CD2 . TRP A 1 71  ? 9.959   2.208   2.430   1.00 9.15  ? 71  TRP A CD2 1 
ATOM   537  N NE1 . TRP A 1 71  ? 8.376   1.074   3.542   1.00 9.59  ? 71  TRP A NE1 1 
ATOM   538  C CE2 . TRP A 1 71  ? 9.053   2.266   3.513   1.00 10.03 ? 71  TRP A CE2 1 
ATOM   539  C CE3 . TRP A 1 71  ? 10.778  3.316   2.173   1.00 9.98  ? 71  TRP A CE3 1 
ATOM   540  C CZ2 . TRP A 1 71  ? 8.941   3.390   4.339   1.00 10.01 ? 71  TRP A CZ2 1 
ATOM   541  C CZ3 . TRP A 1 71  ? 10.668  4.428   2.986   1.00 11.32 ? 71  TRP A CZ3 1 
ATOM   542  C CH2 . TRP A 1 71  ? 9.755   4.460   4.056   1.00 10.98 ? 71  TRP A CH2 1 
ATOM   543  N N   . THR A 1 72  ? 11.833  1.087   -1.985  1.00 8.76  ? 72  THR A N   1 
ATOM   544  C CA  . THR A 1 72  ? 13.080  0.870   -2.704  1.00 9.59  ? 72  THR A CA  1 
ATOM   545  C C   . THR A 1 72  ? 14.086  1.692   -1.908  1.00 10.75 ? 72  THR A C   1 
ATOM   546  O O   . THR A 1 72  ? 13.707  2.586   -1.132  1.00 9.98  ? 72  THR A O   1 
ATOM   547  C CB  . THR A 1 72  ? 13.131  1.390   -4.167  1.00 9.73  ? 72  THR A CB  1 
ATOM   548  O OG1 . THR A 1 72  ? 12.936  2.808   -4.200  1.00 10.64 ? 72  THR A OG1 1 
ATOM   549  C CG2 . THR A 1 72  ? 12.136  0.677   -5.049  1.00 9.39  ? 72  THR A CG2 1 
ATOM   550  N N   . ARG A 1 73  ? 15.357  1.355   -2.067  1.00 13.02 ? 73  ARG A N   1 
ATOM   551  C CA  . ARG A 1 73  ? 16.459  2.085   -1.449  1.00 14.84 ? 73  ARG A CA  1 
ATOM   552  C C   . ARG A 1 73  ? 17.293  2.566   -2.637  1.00 15.51 ? 73  ARG A C   1 
ATOM   553  O O   . ARG A 1 73  ? 17.182  2.016   -3.738  1.00 15.15 ? 73  ARG A O   1 
ATOM   554  C CB  . ARG A 1 73  ? 17.305  1.169   -0.560  1.00 16.15 ? 73  ARG A CB  1 
ATOM   555  C CG  . ARG A 1 73  ? 16.617  0.729   0.716   1.00 17.84 ? 73  ARG A CG  1 
ATOM   556  C CD  . ARG A 1 73  ? 17.594  -0.006  1.617   1.00 19.57 ? 73  ARG A CD  1 
ATOM   557  N NE  . ARG A 1 73  ? 17.023  -0.343  2.920   1.00 21.53 ? 73  ARG A NE  1 
ATOM   558  C CZ  . ARG A 1 73  ? 16.364  -1.469  3.176   1.00 22.76 ? 73  ARG A CZ  1 
ATOM   559  N NH1 . ARG A 1 73  ? 16.182  -2.364  2.217   1.00 24.75 ? 73  ARG A NH1 1 
ATOM   560  N NH2 . ARG A 1 73  ? 15.912  -1.716  4.397   1.00 24.48 ? 73  ARG A NH2 1 
ATOM   561  N N   . SER A 1 74  ? 18.102  3.600   -2.414  1.00 17.17 ? 74  SER A N   1 
ATOM   562  C CA  . SER A 1 74  ? 18.965  4.175   -3.448  1.00 18.87 ? 74  SER A CA  1 
ATOM   563  C C   . SER A 1 74  ? 18.217  4.622   -4.712  1.00 18.14 ? 74  SER A C   1 
ATOM   564  O O   . SER A 1 74  ? 18.429  4.082   -5.803  1.00 18.61 ? 74  SER A O   1 
ATOM   565  C CB  . SER A 1 74  ? 20.083  3.189   -3.806  1.00 20.01 ? 74  SER A CB  1 
ATOM   566  O OG  . SER A 1 74  ? 20.811  2.830   -2.638  1.00 24.58 ? 74  SER A OG  1 
ATOM   567  N N   . PRO A 1 75  ? 17.337  5.624   -4.583  1.00 18.19 ? 75  PRO A N   1 
ATOM   568  C CA  . PRO A 1 75  ? 17.019  6.332   -3.338  1.00 17.70 ? 75  PRO A CA  1 
ATOM   569  C C   . PRO A 1 75  ? 15.877  5.690   -2.555  1.00 16.38 ? 75  PRO A C   1 
ATOM   570  O O   . PRO A 1 75  ? 15.194  4.782   -3.039  1.00 15.18 ? 75  PRO A O   1 
ATOM   571  C CB  . PRO A 1 75  ? 16.629  7.720   -3.830  1.00 18.39 ? 75  PRO A CB  1 
ATOM   572  C CG  . PRO A 1 75  ? 15.929  7.415   -5.107  1.00 19.26 ? 75  PRO A CG  1 
ATOM   573  C CD  . PRO A 1 75  ? 16.784  6.341   -5.748  1.00 19.15 ? 75  PRO A CD  1 
ATOM   574  N N   . LEU A 1 76  ? 15.710  6.162   -1.330  1.00 14.90 ? 76  LEU A N   1 
ATOM   575  C CA  . LEU A 1 76  ? 14.676  5.686   -0.430  1.00 14.14 ? 76  LEU A CA  1 
ATOM   576  C C   . LEU A 1 76  ? 13.326  6.224   -0.900  1.00 13.02 ? 76  LEU A C   1 
ATOM   577  O O   . LEU A 1 76  ? 13.100  7.435   -0.897  1.00 12.38 ? 76  LEU A O   1 
ATOM   578  C CB  . LEU A 1 76  ? 14.985  6.190   0.978   1.00 16.41 ? 76  LEU A CB  1 
ATOM   579  C CG  . LEU A 1 76  ? 14.313  5.521   2.164   1.00 18.60 ? 76  LEU A CG  1 
ATOM   580  C CD1 . LEU A 1 76  ? 14.686  4.046   2.205   1.00 18.69 ? 76  LEU A CD1 1 
ATOM   581  C CD2 . LEU A 1 76  ? 14.771  6.223   3.435   1.00 19.84 ? 76  LEU A CD2 1 
ATOM   582  N N   . ILE A 1 77  ? 12.427  5.323   -1.294  1.00 11.27 ? 77  ILE A N   1 
ATOM   583  C CA  . ILE A 1 77  ? 11.105  5.724   -1.771  1.00 10.49 ? 77  ILE A CA  1 
ATOM   584  C C   . ILE A 1 77  ? 10.045  4.764   -1.233  1.00 8.65  ? 77  ILE A C   1 
ATOM   585  O O   . ILE A 1 77  ? 10.250  3.549   -1.237  1.00 9.15  ? 77  ILE A O   1 
ATOM   586  C CB  . ILE A 1 77  ? 11.038  5.702   -3.331  1.00 11.63 ? 77  ILE A CB  1 
ATOM   587  C CG1 . ILE A 1 77  ? 11.950  6.790   -3.911  1.00 12.93 ? 77  ILE A CG1 1 
ATOM   588  C CG2 . ILE A 1 77  ? 9.602   5.914   -3.814  1.00 11.10 ? 77  ILE A CG2 1 
ATOM   589  C CD1 . ILE A 1 77  ? 12.185  6.687   -5.378  1.00 14.77 ? 77  ILE A CD1 1 
ATOM   590  N N   . GLU A 1 78  ? 8.965   5.322   -0.693  1.00 7.61  ? 78  GLU A N   1 
ATOM   591  C CA  . GLU A 1 78  ? 7.836   4.539   -0.180  1.00 7.45  ? 78  GLU A CA  1 
ATOM   592  C C   . GLU A 1 78  ? 6.763   4.715   -1.258  1.00 8.18  ? 78  GLU A C   1 
ATOM   593  O O   . GLU A 1 78  ? 6.390   5.854   -1.568  1.00 9.31  ? 78  GLU A O   1 
ATOM   594  C CB  . GLU A 1 78  ? 7.360   5.140   1.142   1.00 8.03  ? 78  GLU A CB  1 
ATOM   595  C CG  . GLU A 1 78  ? 6.229   4.377   1.848   1.00 9.53  ? 78  GLU A CG  1 
ATOM   596  C CD  . GLU A 1 78  ? 5.814   5.047   3.149   1.00 10.97 ? 78  GLU A CD  1 
ATOM   597  O OE1 . GLU A 1 78  ? 5.730   6.285   3.185   1.00 11.08 ? 78  GLU A OE1 1 
ATOM   598  O OE2 . GLU A 1 78  ? 5.568   4.342   4.159   1.00 11.56 ? 78  GLU A OE2 1 
ATOM   599  N N   . TYR A 1 79  ? 6.273   3.628   -1.843  1.00 7.33  ? 79  TYR A N   1 
ATOM   600  C CA  . TYR A 1 79  ? 5.284   3.775   -2.905  1.00 6.26  ? 79  TYR A CA  1 
ATOM   601  C C   . TYR A 1 79  ? 3.953   3.101   -2.586  1.00 7.21  ? 79  TYR A C   1 
ATOM   602  O O   . TYR A 1 79  ? 3.896   2.122   -1.827  1.00 6.06  ? 79  TYR A O   1 
ATOM   603  C CB  . TYR A 1 79  ? 5.849   3.307   -4.254  1.00 6.64  ? 79  TYR A CB  1 
ATOM   604  C CG  . TYR A 1 79  ? 6.180   1.828   -4.324  1.00 6.94  ? 79  TYR A CG  1 
ATOM   605  C CD1 . TYR A 1 79  ? 5.170   0.878   -4.501  1.00 6.26  ? 79  TYR A CD1 1 
ATOM   606  C CD2 . TYR A 1 79  ? 7.491   1.381   -4.204  1.00 6.86  ? 79  TYR A CD2 1 
ATOM   607  C CE1 . TYR A 1 79  ? 5.454   -0.467  -4.555  1.00 6.79  ? 79  TYR A CE1 1 
ATOM   608  C CE2 . TYR A 1 79  ? 7.787   0.017   -4.260  1.00 7.49  ? 79  TYR A CE2 1 
ATOM   609  C CZ  . TYR A 1 79  ? 6.760   -0.896  -4.432  1.00 7.04  ? 79  TYR A CZ  1 
ATOM   610  O OH  . TYR A 1 79  ? 7.011   -2.247  -4.475  1.00 9.24  ? 79  TYR A OH  1 
ATOM   611  N N   . TYR A 1 80  ? 2.917   3.575   -3.272  1.00 6.42  ? 80  TYR A N   1 
ATOM   612  C CA  . TYR A 1 80  ? 1.554   3.115   -3.072  1.00 6.02  ? 80  TYR A CA  1 
ATOM   613  C C   . TYR A 1 80  ? 0.734   3.027   -4.346  1.00 6.46  ? 80  TYR A C   1 
ATOM   614  O O   . TYR A 1 80  ? 0.891   3.859   -5.239  1.00 6.59  ? 80  TYR A O   1 
ATOM   615  C CB  . TYR A 1 80  ? 0.800   4.160   -2.236  1.00 5.77  ? 80  TYR A CB  1 
ATOM   616  C CG  . TYR A 1 80  ? 1.217   4.330   -0.806  1.00 5.56  ? 80  TYR A CG  1 
ATOM   617  C CD1 . TYR A 1 80  ? 2.222   5.226   -0.449  1.00 7.46  ? 80  TYR A CD1 1 
ATOM   618  C CD2 . TYR A 1 80  ? 0.536   3.671   0.195   1.00 7.66  ? 80  TYR A CD2 1 
ATOM   619  C CE1 . TYR A 1 80  ? 2.531   5.458   0.878   1.00 7.54  ? 80  TYR A CE1 1 
ATOM   620  C CE2 . TYR A 1 80  ? 0.831   3.892   1.512   1.00 8.82  ? 80  TYR A CE2 1 
ATOM   621  C CZ  . TYR A 1 80  ? 1.825   4.786   1.850   1.00 9.70  ? 80  TYR A CZ  1 
ATOM   622  O OH  . TYR A 1 80  ? 2.089   5.014   3.185   1.00 10.09 ? 80  TYR A OH  1 
ATOM   623  N N   . VAL A 1 81  ? -0.138  2.023   -4.416  1.00 5.79  ? 81  VAL A N   1 
ATOM   624  C CA  . VAL A 1 81  ? -1.143  1.938   -5.487  1.00 4.77  ? 81  VAL A CA  1 
ATOM   625  C C   . VAL A 1 81  ? -2.415  1.704   -4.657  1.00 5.69  ? 81  VAL A C   1 
ATOM   626  O O   . VAL A 1 81  ? -2.701  0.583   -4.209  1.00 6.10  ? 81  VAL A O   1 
ATOM   627  C CB  . VAL A 1 81  ? -0.929  0.815   -6.505  1.00 6.78  ? 81  VAL A CB  1 
ATOM   628  C CG1 . VAL A 1 81  ? -2.092  0.839   -7.495  1.00 7.13  ? 81  VAL A CG1 1 
ATOM   629  C CG2 . VAL A 1 81  ? 0.379   1.032   -7.269  1.00 7.37  ? 81  VAL A CG2 1 
ATOM   630  N N   . VAL A 1 82  ? -3.128  2.789   -4.398  1.00 5.00  ? 82  VAL A N   1 
ATOM   631  C CA  . VAL A 1 82  ? -4.315  2.755   -3.552  1.00 5.75  ? 82  VAL A CA  1 
ATOM   632  C C   . VAL A 1 82  ? -5.585  2.419   -4.309  1.00 6.48  ? 82  VAL A C   1 
ATOM   633  O O   . VAL A 1 82  ? -6.011  3.196   -5.156  1.00 6.64  ? 82  VAL A O   1 
ATOM   634  C CB  . VAL A 1 82  ? -4.495  4.118   -2.823  1.00 6.05  ? 82  VAL A CB  1 
ATOM   635  C CG1 . VAL A 1 82  ? -5.682  4.059   -1.876  1.00 7.58  ? 82  VAL A CG1 1 
ATOM   636  C CG2 . VAL A 1 82  ? -3.232  4.492   -2.047  1.00 6.48  ? 82  VAL A CG2 1 
ATOM   637  N N   . ASP A 1 83  ? -6.226  1.304   -3.944  1.00 6.07  ? 83  ASP A N   1 
ATOM   638  C CA  . ASP A 1 83  ? -7.473  0.873   -4.596  1.00 6.07  ? 83  ASP A CA  1 
ATOM   639  C C   . ASP A 1 83  ? -8.723  1.306   -3.842  1.00 6.70  ? 83  ASP A C   1 
ATOM   640  O O   . ASP A 1 83  ? -9.775  1.505   -4.437  1.00 7.58  ? 83  ASP A O   1 
ATOM   641  C CB  . ASP A 1 83  ? -7.487  -0.639  -4.823  1.00 5.50  ? 83  ASP A CB  1 
ATOM   642  C CG  . ASP A 1 83  ? -6.968  -1.033  -6.198  1.00 6.22  ? 83  ASP A CG  1 
ATOM   643  O OD1 . ASP A 1 83  ? -6.716  -0.142  -7.039  1.00 7.68  ? 83  ASP A OD1 1 
ATOM   644  O OD2 . ASP A 1 83  ? -6.830  -2.238  -6.444  1.00 7.45  ? 83  ASP A OD2 1 
ATOM   645  N N   . SER A 1 84  ? -8.630  1.386   -2.521  1.00 6.66  ? 84  SER A N   1 
ATOM   646  C CA  . SER A 1 84  ? -9.748  1.851   -1.726  1.00 6.79  ? 84  SER A CA  1 
ATOM   647  C C   . SER A 1 84  ? -9.234  2.525   -0.464  1.00 6.79  ? 84  SER A C   1 
ATOM   648  O O   . SER A 1 84  ? -8.051  2.426   -0.121  1.00 6.96  ? 84  SER A O   1 
ATOM   649  C CB  . SER A 1 84  ? -10.716 0.730   -1.384  1.00 6.85  ? 84  SER A CB  1 
ATOM   650  O OG  . SER A 1 84  ? -11.852 1.303   -0.767  1.00 7.31  ? 84  SER A OG  1 
ATOM   651  N N   . TRP A 1 85  ? -10.122 3.251   0.194   1.00 7.13  ? 85  TRP A N   1 
ATOM   652  C CA  . TRP A 1 85  ? -9.762  3.993   1.390   1.00 7.48  ? 85  TRP A CA  1 
ATOM   653  C C   . TRP A 1 85  ? -10.997 4.155   2.261   1.00 8.52  ? 85  TRP A C   1 
ATOM   654  O O   . TRP A 1 85  ? -12.088 3.670   1.909   1.00 8.86  ? 85  TRP A O   1 
ATOM   655  C CB  . TRP A 1 85  ? -9.178  5.366   0.996   1.00 7.68  ? 85  TRP A CB  1 
ATOM   656  C CG  . TRP A 1 85  ? -10.086 6.197   0.120   1.00 8.75  ? 85  TRP A CG  1 
ATOM   657  C CD1 . TRP A 1 85  ? -11.032 7.088   0.540   1.00 9.79  ? 85  TRP A CD1 1 
ATOM   658  C CD2 . TRP A 1 85  ? -10.160 6.182   -1.320  1.00 8.63  ? 85  TRP A CD2 1 
ATOM   659  N NE1 . TRP A 1 85  ? -11.700 7.616   -0.544  1.00 9.96  ? 85  TRP A NE1 1 
ATOM   660  C CE2 . TRP A 1 85  ? -11.183 7.077   -1.694  1.00 8.34  ? 85  TRP A CE2 1 
ATOM   661  C CE3 . TRP A 1 85  ? -9.461  5.497   -2.326  1.00 8.91  ? 85  TRP A CE3 1 
ATOM   662  C CZ2 . TRP A 1 85  ? -11.526 7.306   -3.030  1.00 8.03  ? 85  TRP A CZ2 1 
ATOM   663  C CZ3 . TRP A 1 85  ? -9.812  5.731   -3.653  1.00 9.49  ? 85  TRP A CZ3 1 
ATOM   664  C CH2 . TRP A 1 85  ? -10.832 6.627   -3.984  1.00 8.81  ? 85  TRP A CH2 1 
ATOM   665  N N   . GLY A 1 86  ? -10.816 4.801   3.405   1.00 8.48  ? 86  GLY A N   1 
ATOM   666  C CA  . GLY A 1 86  ? -11.916 5.025   4.319   1.00 8.50  ? 86  GLY A CA  1 
ATOM   667  C C   . GLY A 1 86  ? -12.528 6.394   4.144   1.00 9.43  ? 86  GLY A C   1 
ATOM   668  O O   . GLY A 1 86  ? -13.134 6.706   3.112   1.00 10.88 ? 86  GLY A O   1 
ATOM   669  N N   . THR A 1 87  ? -12.318 7.245   5.128   1.00 9.32  ? 87  THR A N   1 
ATOM   670  C CA  . THR A 1 87  ? -12.888 8.583   5.104   1.00 10.30 ? 87  THR A CA  1 
ATOM   671  C C   . THR A 1 87  ? -12.025 9.622   4.412   1.00 10.95 ? 87  THR A C   1 
ATOM   672  O O   . THR A 1 87  ? -12.497 10.726  4.128   1.00 13.08 ? 87  THR A O   1 
ATOM   673  C CB  . THR A 1 87  ? -13.154 9.076   6.541   1.00 10.08 ? 87  THR A CB  1 
ATOM   674  O OG1 . THR A 1 87  ? -11.954 8.930   7.317   1.00 11.54 ? 87  THR A OG1 1 
ATOM   675  C CG2 . THR A 1 87  ? -14.285 8.273   7.186   1.00 11.32 ? 87  THR A CG2 1 
ATOM   676  N N   . TYR A 1 88  ? -10.768 9.284   4.148   1.00 10.91 ? 88  TYR A N   1 
ATOM   677  C CA  . TYR A 1 88  ? -9.832  10.236  3.543   1.00 11.50 ? 88  TYR A CA  1 
ATOM   678  C C   . TYR A 1 88  ? -9.150  9.680   2.303   1.00 10.14 ? 88  TYR A C   1 
ATOM   679  O O   . TYR A 1 88  ? -8.543  8.609   2.355   1.00 9.74  ? 88  TYR A O   1 
ATOM   680  C CB  . TYR A 1 88  ? -8.769  10.630  4.591   1.00 12.56 ? 88  TYR A CB  1 
ATOM   681  C CG  . TYR A 1 88  ? -7.593  11.418  4.049   1.00 15.51 ? 88  TYR A CG  1 
ATOM   682  C CD1 . TYR A 1 88  ? -7.757  12.725  3.606   1.00 17.62 ? 88  TYR A CD1 1 
ATOM   683  C CD2 . TYR A 1 88  ? -6.341  10.832  3.915   1.00 16.05 ? 88  TYR A CD2 1 
ATOM   684  C CE1 . TYR A 1 88  ? -6.705  13.417  3.029   1.00 18.53 ? 88  TYR A CE1 1 
ATOM   685  C CE2 . TYR A 1 88  ? -5.288  11.513  3.347   1.00 17.78 ? 88  TYR A CE2 1 
ATOM   686  C CZ  . TYR A 1 88  ? -5.473  12.803  2.898   1.00 19.28 ? 88  TYR A CZ  1 
ATOM   687  O OH  . TYR A 1 88  ? -4.433  13.458  2.268   1.00 21.63 ? 88  TYR A OH  1 
ATOM   688  N N   . ARG A 1 89  ? -9.286  10.383  1.182   1.00 10.29 ? 89  ARG A N   1 
ATOM   689  C CA  . ARG A 1 89  ? -8.633  9.953   -0.056  1.00 9.73  ? 89  ARG A CA  1 
ATOM   690  C C   . ARG A 1 89  ? -7.275  10.646  -0.080  1.00 9.24  ? 89  ARG A C   1 
ATOM   691  O O   . ARG A 1 89  ? -7.198  11.878  -0.043  1.00 9.63  ? 89  ARG A O   1 
ATOM   692  C CB  . ARG A 1 89  ? -9.461  10.347  -1.287  1.00 9.70  ? 89  ARG A CB  1 
ATOM   693  C CG  . ARG A 1 89  ? -8.858  9.866   -2.586  1.00 9.04  ? 89  ARG A CG  1 
ATOM   694  C CD  . ARG A 1 89  ? -9.671  10.278  -3.807  1.00 8.61  ? 89  ARG A CD  1 
ATOM   695  N NE  . ARG A 1 89  ? -9.028  9.772   -5.021  1.00 8.06  ? 89  ARG A NE  1 
ATOM   696  C CZ  . ARG A 1 89  ? -8.248  10.503  -5.817  1.00 7.30  ? 89  ARG A CZ  1 
ATOM   697  N NH1 . ARG A 1 89  ? -8.032  11.787  -5.554  1.00 8.21  ? 89  ARG A NH1 1 
ATOM   698  N NH2 . ARG A 1 89  ? -7.601  9.917   -6.814  1.00 8.63  ? 89  ARG A NH2 1 
ATOM   699  N N   . PRO A 1 90  ? -6.185  9.866   -0.103  1.00 8.98  ? 90  PRO A N   1 
ATOM   700  C CA  . PRO A 1 90  ? -4.857  10.487  -0.119  1.00 9.86  ? 90  PRO A CA  1 
ATOM   701  C C   . PRO A 1 90  ? -4.552  11.230  -1.416  1.00 10.87 ? 90  PRO A C   1 
ATOM   702  O O   . PRO A 1 90  ? -4.843  10.735  -2.510  1.00 12.34 ? 90  PRO A O   1 
ATOM   703  C CB  . PRO A 1 90  ? -3.918  9.299   0.105   1.00 10.53 ? 90  PRO A CB  1 
ATOM   704  C CG  . PRO A 1 90  ? -4.646  8.152   -0.520  1.00 10.66 ? 90  PRO A CG  1 
ATOM   705  C CD  . PRO A 1 90  ? -6.096  8.392   -0.152  1.00 10.00 ? 90  PRO A CD  1 
ATOM   706  N N   . THR A 1 91  ? -4.011  12.436  -1.295  1.00 10.88 ? 91  THR A N   1 
ATOM   707  C CA  . THR A 1 91  ? -3.653  13.224  -2.473  1.00 12.78 ? 91  THR A CA  1 
ATOM   708  C C   . THR A 1 91  ? -2.306  13.898  -2.212  1.00 13.02 ? 91  THR A C   1 
ATOM   709  O O   . THR A 1 91  ? -1.771  13.821  -1.107  1.00 15.00 ? 91  THR A O   1 
ATOM   710  C CB  . THR A 1 91  ? -4.720  14.290  -2.822  1.00 13.53 ? 91  THR A CB  1 
ATOM   711  O OG1 . THR A 1 91  ? -4.796  15.266  -1.771  1.00 15.95 ? 91  THR A OG1 1 
ATOM   712  C CG2 . THR A 1 91  ? -6.100  13.643  -3.025  1.00 13.67 ? 91  THR A CG2 1 
ATOM   713  N N   . GLY A 1 92  ? -1.741  14.523  -3.236  1.00 12.40 ? 92  GLY A N   1 
ATOM   714  C CA  . GLY A 1 92  ? -0.460  15.200  -3.089  1.00 12.19 ? 92  GLY A CA  1 
ATOM   715  C C   . GLY A 1 92  ? -0.290  16.105  -4.285  1.00 12.47 ? 92  GLY A C   1 
ATOM   716  O O   . GLY A 1 92  ? -1.272  16.688  -4.752  1.00 12.93 ? 92  GLY A O   1 
ATOM   717  N N   . THR A 1 93  ? 0.939   16.227  -4.781  1.00 11.12 ? 93  THR A N   1 
ATOM   718  C CA  . THR A 1 93  ? 1.219   17.047  -5.957  1.00 11.89 ? 93  THR A CA  1 
ATOM   719  C C   . THR A 1 93  ? 0.817   16.231  -7.189  1.00 10.26 ? 93  THR A C   1 
ATOM   720  O O   . THR A 1 93  ? 1.389   15.174  -7.458  1.00 10.20 ? 93  THR A O   1 
ATOM   721  C CB  . THR A 1 93  ? 2.716   17.399  -6.008  1.00 12.72 ? 93  THR A CB  1 
ATOM   722  O OG1 . THR A 1 93  ? 3.054   18.127  -4.820  1.00 14.34 ? 93  THR A OG1 1 
ATOM   723  C CG2 . THR A 1 93  ? 3.043   18.242  -7.234  1.00 13.42 ? 93  THR A CG2 1 
ATOM   724  N N   . TYR A 1 94  ? -0.186  16.715  -7.911  1.00 10.72 ? 94  TYR A N   1 
ATOM   725  C CA  . TYR A 1 94  ? -0.697  16.031  -9.090  1.00 10.66 ? 94  TYR A CA  1 
ATOM   726  C C   . TYR A 1 94  ? 0.308   15.983  -10.245 1.00 10.63 ? 94  TYR A C   1 
ATOM   727  O O   . TYR A 1 94  ? 0.853   17.022  -10.655 1.00 11.05 ? 94  TYR A O   1 
ATOM   728  C CB  . TYR A 1 94  ? -1.988  16.704  -9.556  1.00 12.05 ? 94  TYR A CB  1 
ATOM   729  C CG  . TYR A 1 94  ? -2.597  16.070  -10.785 1.00 11.42 ? 94  TYR A CG  1 
ATOM   730  C CD1 . TYR A 1 94  ? -3.338  14.901  -10.693 1.00 12.30 ? 94  TYR A CD1 1 
ATOM   731  C CD2 . TYR A 1 94  ? -2.437  16.646  -12.041 1.00 13.31 ? 94  TYR A CD2 1 
ATOM   732  C CE1 . TYR A 1 94  ? -3.905  14.328  -11.810 1.00 12.81 ? 94  TYR A CE1 1 
ATOM   733  C CE2 . TYR A 1 94  ? -2.996  16.078  -13.164 1.00 12.97 ? 94  TYR A CE2 1 
ATOM   734  C CZ  . TYR A 1 94  ? -3.730  14.919  -13.043 1.00 12.96 ? 94  TYR A CZ  1 
ATOM   735  O OH  . TYR A 1 94  ? -4.283  14.344  -14.162 1.00 14.70 ? 94  TYR A OH  1 
ATOM   736  N N   . LYS A 1 95  ? 0.497   14.789  -10.800 1.00 9.21  ? 95  LYS A N   1 
ATOM   737  C CA  . LYS A 1 95  ? 1.423   14.571  -11.903 1.00 10.28 ? 95  LYS A CA  1 
ATOM   738  C C   . LYS A 1 95  ? 0.738   14.150  -13.195 1.00 10.67 ? 95  LYS A C   1 
ATOM   739  O O   . LYS A 1 95  ? 1.222   14.464  -14.282 1.00 11.94 ? 95  LYS A O   1 
ATOM   740  C CB  . LYS A 1 95  ? 2.438   13.497  -11.517 1.00 11.53 ? 95  LYS A CB  1 
ATOM   741  C CG  . LYS A 1 95  ? 3.340   13.876  -10.351 1.00 14.81 ? 95  LYS A CG  1 
ATOM   742  C CD  . LYS A 1 95  ? 4.273   15.005  -10.753 1.00 18.34 ? 95  LYS A CD  1 
ATOM   743  C CE  . LYS A 1 95  ? 5.113   15.478  -9.593  1.00 21.49 ? 95  LYS A CE  1 
ATOM   744  N NZ  . LYS A 1 95  ? 5.851   16.701  -10.003 1.00 25.81 ? 95  LYS A NZ  1 
ATOM   745  N N   . GLY A 1 96  ? -0.376  13.435  -13.089 1.00 9.63  ? 96  GLY A N   1 
ATOM   746  C CA  . GLY A 1 96  ? -1.073  12.964  -14.276 1.00 9.52  ? 96  GLY A CA  1 
ATOM   747  C C   . GLY A 1 96  ? -1.940  11.781  -13.894 1.00 9.31  ? 96  GLY A C   1 
ATOM   748  O O   . GLY A 1 96  ? -2.227  11.610  -12.713 1.00 8.60  ? 96  GLY A O   1 
ATOM   749  N N   . THR A 1 97  ? -2.359  10.979  -14.868 1.00 9.12  ? 97  THR A N   1 
ATOM   750  C CA  . THR A 1 97  ? -3.199  9.809   -14.591 1.00 9.34  ? 97  THR A CA  1 
ATOM   751  C C   . THR A 1 97  ? -2.700  8.595   -15.348 1.00 10.18 ? 97  THR A C   1 
ATOM   752  O O   . THR A 1 97  ? -1.898  8.713   -16.289 1.00 11.43 ? 97  THR A O   1 
ATOM   753  C CB  . THR A 1 97  ? -4.667  10.018  -15.015 1.00 9.69  ? 97  THR A CB  1 
ATOM   754  O OG1 . THR A 1 97  ? -4.741  10.224  -16.439 1.00 11.71 ? 97  THR A OG1 1 
ATOM   755  C CG2 . THR A 1 97  ? -5.282  11.190  -14.288 1.00 9.44  ? 97  THR A CG2 1 
ATOM   756  N N   . VAL A 1 98  ? -3.141  7.422   -14.909 1.00 9.67  ? 98  VAL A N   1 
ATOM   757  C CA  . VAL A 1 98  ? -2.799  6.174   -15.573 1.00 9.58  ? 98  VAL A CA  1 
ATOM   758  C C   . VAL A 1 98  ? -4.014  5.264   -15.463 1.00 9.79  ? 98  VAL A C   1 
ATOM   759  O O   . VAL A 1 98  ? -4.669  5.213   -14.415 1.00 9.42  ? 98  VAL A O   1 
ATOM   760  C CB  . VAL A 1 98  ? -1.538  5.483   -14.965 1.00 9.89  ? 98  VAL A CB  1 
ATOM   761  C CG1 . VAL A 1 98  ? -1.717  5.205   -13.470 1.00 10.73 ? 98  VAL A CG1 1 
ATOM   762  C CG2 . VAL A 1 98  ? -1.250  4.176   -15.706 1.00 11.43 ? 98  VAL A CG2 1 
ATOM   763  N N   . LYS A 1 99  ? -4.381  4.637   -16.576 1.00 9.58  ? 99  LYS A N   1 
ATOM   764  C CA  . LYS A 1 99  ? -5.506  3.712   -16.592 1.00 10.51 ? 99  LYS A CA  1 
ATOM   765  C C   . LYS A 1 99  ? -4.901  2.321   -16.501 1.00 9.66  ? 99  LYS A C   1 
ATOM   766  O O   . LYS A 1 99  ? -3.964  1.985   -17.244 1.00 10.46 ? 99  LYS A O   1 
ATOM   767  C CB  . LYS A 1 99  ? -6.312  3.845   -17.889 1.00 13.55 ? 99  LYS A CB  1 
ATOM   768  C CG  . LYS A 1 99  ? -6.610  5.282   -18.298 1.00 19.51 ? 99  LYS A CG  1 
ATOM   769  C CD  . LYS A 1 99  ? -5.422  5.857   -19.112 1.00 24.42 ? 99  LYS A CD  1 
ATOM   770  C CE  . LYS A 1 99  ? -5.501  7.374   -19.342 1.00 26.58 ? 99  LYS A CE  1 
ATOM   771  N NZ  . LYS A 1 99  ? -5.419  8.150   -18.068 1.00 26.87 ? 99  LYS A NZ  1 
ATOM   772  N N   . SER A 1 100 ? -5.381  1.523   -15.553 1.00 8.51  ? 100 SER A N   1 
ATOM   773  C CA  . SER A 1 100 ? -4.849  0.182   -15.395 1.00 8.87  ? 100 SER A CA  1 
ATOM   774  C C   . SER A 1 100 ? -5.888  -0.693  -14.709 1.00 8.93  ? 100 SER A C   1 
ATOM   775  O O   . SER A 1 100 ? -6.605  -0.225  -13.817 1.00 9.88  ? 100 SER A O   1 
ATOM   776  C CB  . SER A 1 100 ? -3.568  0.230   -14.535 1.00 9.71  ? 100 SER A CB  1 
ATOM   777  O OG  . SER A 1 100 ? -2.897  -1.019  -14.508 1.00 10.29 ? 100 SER A OG  1 
ATOM   778  N N   . ASP A 1 101 ? -5.971  -1.950  -15.134 1.00 8.29  ? 101 ASP A N   1 
ATOM   779  C CA  . ASP A 1 101 ? -6.875  -2.912  -14.515 1.00 9.37  ? 101 ASP A CA  1 
ATOM   780  C C   . ASP A 1 101 ? -8.310  -2.428  -14.324 1.00 10.29 ? 101 ASP A C   1 
ATOM   781  O O   . ASP A 1 101 ? -8.905  -2.647  -13.271 1.00 11.25 ? 101 ASP A O   1 
ATOM   782  C CB  . ASP A 1 101 ? -6.293  -3.363  -13.167 1.00 8.66  ? 101 ASP A CB  1 
ATOM   783  C CG  . ASP A 1 101 ? -4.857  -3.808  -13.289 1.00 9.02  ? 101 ASP A CG  1 
ATOM   784  O OD1 . ASP A 1 101 ? -4.620  -4.919  -13.806 1.00 11.65 ? 101 ASP A OD1 1 
ATOM   785  O OD2 . ASP A 1 101 ? -3.957  -3.031  -12.900 1.00 8.07  ? 101 ASP A OD2 1 
ATOM   786  N N   . GLY A 1 102 ? -8.844  -1.750  -15.340 1.00 10.67 ? 102 GLY A N   1 
ATOM   787  C CA  . GLY A 1 102 ? -10.213 -1.282  -15.288 1.00 11.43 ? 102 GLY A CA  1 
ATOM   788  C C   . GLY A 1 102 ? -10.467 -0.001  -14.532 1.00 12.16 ? 102 GLY A C   1 
ATOM   789  O O   . GLY A 1 102 ? -11.618 0.426   -14.447 1.00 15.33 ? 102 GLY A O   1 
ATOM   790  N N   . GLY A 1 103 ? -9.430  0.612   -13.971 1.00 10.79 ? 103 GLY A N   1 
ATOM   791  C CA  . GLY A 1 103 ? -9.635  1.842   -13.236 1.00 10.20 ? 103 GLY A CA  1 
ATOM   792  C C   . GLY A 1 103 ? -8.717  2.958   -13.694 1.00 9.28  ? 103 GLY A C   1 
ATOM   793  O O   . GLY A 1 103 ? -7.777  2.715   -14.457 1.00 10.35 ? 103 GLY A O   1 
ATOM   794  N N   . THR A 1 104 ? -9.051  4.188   -13.309 1.00 8.90  ? 104 THR A N   1 
ATOM   795  C CA  . THR A 1 104 ? -8.220  5.352   -13.632 1.00 8.76  ? 104 THR A CA  1 
ATOM   796  C C   . THR A 1 104 ? -7.640  5.827   -12.307 1.00 8.48  ? 104 THR A C   1 
ATOM   797  O O   . THR A 1 104 ? -8.376  5.994   -11.321 1.00 8.48  ? 104 THR A O   1 
ATOM   798  C CB  . THR A 1 104 ? -9.032  6.470   -14.265 1.00 10.19 ? 104 THR A CB  1 
ATOM   799  O OG1 . THR A 1 104 ? -9.632  5.962   -15.465 1.00 13.49 ? 104 THR A OG1 1 
ATOM   800  C CG2 . THR A 1 104 ? -8.133  7.667   -14.600 1.00 10.05 ? 104 THR A CG2 1 
ATOM   801  N N   . TYR A 1 105 ? -6.331  6.037   -12.290 1.00 6.76  ? 105 TYR A N   1 
ATOM   802  C CA  . TYR A 1 105 ? -5.636  6.441   -11.084 1.00 7.17  ? 105 TYR A CA  1 
ATOM   803  C C   . TYR A 1 105 ? -4.965  7.790   -11.266 1.00 7.84  ? 105 TYR A C   1 
ATOM   804  O O   . TYR A 1 105 ? -4.418  8.070   -12.330 1.00 8.58  ? 105 TYR A O   1 
ATOM   805  C CB  . TYR A 1 105 ? -4.526  5.423   -10.762 1.00 6.94  ? 105 TYR A CB  1 
ATOM   806  C CG  . TYR A 1 105 ? -4.992  4.017   -10.425 1.00 6.96  ? 105 TYR A CG  1 
ATOM   807  C CD1 . TYR A 1 105 ? -5.402  3.144   -11.425 1.00 7.57  ? 105 TYR A CD1 1 
ATOM   808  C CD2 . TYR A 1 105 ? -4.996  3.558   -9.104  1.00 6.14  ? 105 TYR A CD2 1 
ATOM   809  C CE1 . TYR A 1 105 ? -5.800  1.857   -11.129 1.00 8.29  ? 105 TYR A CE1 1 
ATOM   810  C CE2 . TYR A 1 105 ? -5.393  2.270   -8.797  1.00 7.36  ? 105 TYR A CE2 1 
ATOM   811  C CZ  . TYR A 1 105 ? -5.791  1.424   -9.813  1.00 7.95  ? 105 TYR A CZ  1 
ATOM   812  O OH  . TYR A 1 105 ? -6.158  0.113   -9.540  1.00 8.58  ? 105 TYR A OH  1 
ATOM   813  N N   . ASP A 1 106 ? -5.039  8.628   -10.243 1.00 7.03  ? 106 ASP A N   1 
ATOM   814  C CA  . ASP A 1 106 ? -4.332  9.908   -10.261 1.00 7.26  ? 106 ASP A CA  1 
ATOM   815  C C   . ASP A 1 106 ? -2.935  9.599   -9.737  1.00 6.47  ? 106 ASP A C   1 
ATOM   816  O O   . ASP A 1 106 ? -2.772  8.749   -8.841  1.00 8.76  ? 106 ASP A O   1 
ATOM   817  C CB  . ASP A 1 106 ? -4.992  10.910  -9.326  1.00 7.40  ? 106 ASP A CB  1 
ATOM   818  C CG  . ASP A 1 106 ? -6.322  11.371  -9.840  1.00 8.23  ? 106 ASP A CG  1 
ATOM   819  O OD1 . ASP A 1 106 ? -6.401  11.637  -11.056 1.00 8.43  ? 106 ASP A OD1 1 
ATOM   820  O OD2 . ASP A 1 106 ? -7.276  11.451  -9.044  1.00 8.95  ? 106 ASP A OD2 1 
ATOM   821  N N   . ILE A 1 107 ? -1.931  10.277  -10.274 1.00 6.53  ? 107 ILE A N   1 
ATOM   822  C CA  . ILE A 1 107 ? -0.550  10.082  -9.844  1.00 7.02  ? 107 ILE A CA  1 
ATOM   823  C C   . ILE A 1 107 ? -0.125  11.290  -9.015  1.00 6.78  ? 107 ILE A C   1 
ATOM   824  O O   . ILE A 1 107 ? -0.276  12.434  -9.451  1.00 7.02  ? 107 ILE A O   1 
ATOM   825  C CB  . ILE A 1 107 ? 0.389   9.924   -11.059 1.00 7.71  ? 107 ILE A CB  1 
ATOM   826  C CG1 . ILE A 1 107 ? -0.035  8.704   -11.888 1.00 7.43  ? 107 ILE A CG1 1 
ATOM   827  C CG2 . ILE A 1 107 ? 1.843   9.810   -10.591 1.00 6.90  ? 107 ILE A CG2 1 
ATOM   828  C CD1 . ILE A 1 107 ? 0.666   8.608   -13.261 1.00 8.89  ? 107 ILE A CD1 1 
ATOM   829  N N   . TYR A 1 108 ? 0.394   11.034  -7.822  1.00 6.86  ? 108 TYR A N   1 
ATOM   830  C CA  . TYR A 1 108 ? 0.830   12.108  -6.926  1.00 7.04  ? 108 TYR A CA  1 
ATOM   831  C C   . TYR A 1 108 ? 2.184   11.837  -6.313  1.00 7.03  ? 108 TYR A C   1 
ATOM   832  O O   . TYR A 1 108 ? 2.605   10.680  -6.196  1.00 6.26  ? 108 TYR A O   1 
ATOM   833  C CB  . TYR A 1 108 ? -0.107  12.244  -5.718  1.00 7.69  ? 108 TYR A CB  1 
ATOM   834  C CG  . TYR A 1 108 ? -1.558  12.512  -6.018  1.00 8.59  ? 108 TYR A CG  1 
ATOM   835  C CD1 . TYR A 1 108 ? -1.970  13.747  -6.502  1.00 8.94  ? 108 TYR A CD1 1 
ATOM   836  C CD2 . TYR A 1 108 ? -2.526  11.541  -5.773  1.00 8.12  ? 108 TYR A CD2 1 
ATOM   837  C CE1 . TYR A 1 108 ? -3.308  14.010  -6.734  1.00 9.47  ? 108 TYR A CE1 1 
ATOM   838  C CE2 . TYR A 1 108 ? -3.860  11.792  -6.002  1.00 8.64  ? 108 TYR A CE2 1 
ATOM   839  C CZ  . TYR A 1 108 ? -4.249  13.028  -6.483  1.00 10.10 ? 108 TYR A CZ  1 
ATOM   840  O OH  . TYR A 1 108 ? -5.579  13.282  -6.714  1.00 9.89  ? 108 TYR A OH  1 
ATOM   841  N N   . THR A 1 109 ? 2.848   12.912  -5.896  1.00 7.86  ? 109 THR A N   1 
ATOM   842  C CA  . THR A 1 109 ? 4.089   12.771  -5.139  1.00 8.51  ? 109 THR A CA  1 
ATOM   843  C C   . THR A 1 109 ? 3.911   13.588  -3.877  1.00 8.81  ? 109 THR A C   1 
ATOM   844  O O   . THR A 1 109 ? 3.171   14.591  -3.855  1.00 9.00  ? 109 THR A O   1 
ATOM   845  C CB  . THR A 1 109 ? 5.363   13.287  -5.862  1.00 9.85  ? 109 THR A CB  1 
ATOM   846  O OG1 . THR A 1 109 ? 5.229   14.689  -6.137  1.00 11.90 ? 109 THR A OG1 1 
ATOM   847  C CG2 . THR A 1 109 ? 5.623   12.511  -7.133  1.00 12.26 ? 109 THR A CG2 1 
ATOM   848  N N   . THR A 1 110 ? 4.513   13.105  -2.802  1.00 8.83  ? 110 THR A N   1 
ATOM   849  C CA  . THR A 1 110 ? 4.510   13.801  -1.523  1.00 10.03 ? 110 THR A CA  1 
ATOM   850  C C   . THR A 1 110 ? 5.885   13.546  -0.910  1.00 9.97  ? 110 THR A C   1 
ATOM   851  O O   . THR A 1 110 ? 6.661   12.721  -1.400  1.00 10.75 ? 110 THR A O   1 
ATOM   852  C CB  . THR A 1 110 ? 3.431   13.278  -0.524  1.00 10.86 ? 110 THR A CB  1 
ATOM   853  O OG1 . THR A 1 110 ? 3.594   11.872  -0.319  1.00 10.92 ? 110 THR A OG1 1 
ATOM   854  C CG2 . THR A 1 110 ? 2.003   13.581  -1.016  1.00 10.74 ? 110 THR A CG2 1 
ATOM   855  N N   . THR A 1 111 ? 6.178   14.253  0.170   1.00 10.88 ? 111 THR A N   1 
ATOM   856  C CA  . THR A 1 111 ? 7.437   14.096  0.873   1.00 11.05 ? 111 THR A CA  1 
ATOM   857  C C   . THR A 1 111 ? 7.119   13.993  2.353   1.00 11.49 ? 111 THR A C   1 
ATOM   858  O O   . THR A 1 111 ? 6.219   14.668  2.845   1.00 12.19 ? 111 THR A O   1 
ATOM   859  C CB  . THR A 1 111 ? 8.333   15.316  0.634   1.00 12.75 ? 111 THR A CB  1 
ATOM   860  O OG1 . THR A 1 111 ? 8.512   15.488  -0.776  1.00 14.52 ? 111 THR A OG1 1 
ATOM   861  C CG2 . THR A 1 111 ? 9.701   15.136  1.310   1.00 13.67 ? 111 THR A CG2 1 
ATOM   862  N N   . ARG A 1 112 ? 7.803   13.082  3.032   1.00 10.99 ? 112 ARG A N   1 
ATOM   863  C CA  . ARG A 1 112 ? 7.658   12.893  4.475   1.00 12.03 ? 112 ARG A CA  1 
ATOM   864  C C   . ARG A 1 112 ? 8.915   13.466  5.128   1.00 11.52 ? 112 ARG A C   1 
ATOM   865  O O   . ARG A 1 112 ? 10.032  13.244  4.651   1.00 11.79 ? 112 ARG A O   1 
ATOM   866  C CB  . ARG A 1 112 ? 7.540   11.407  4.811   1.00 14.43 ? 112 ARG A CB  1 
ATOM   867  C CG  . ARG A 1 112 ? 6.253   10.795  4.335   1.00 16.00 ? 112 ARG A CG  1 
ATOM   868  C CD  . ARG A 1 112 ? 5.119   11.087  5.288   1.00 19.98 ? 112 ARG A CD  1 
ATOM   869  N NE  . ARG A 1 112 ? 5.084   10.084  6.347   1.00 23.53 ? 112 ARG A NE  1 
ATOM   870  C CZ  . ARG A 1 112 ? 4.869   10.343  7.634   1.00 25.69 ? 112 ARG A CZ  1 
ATOM   871  N NH1 . ARG A 1 112 ? 4.663   11.591  8.051   1.00 26.95 ? 112 ARG A NH1 1 
ATOM   872  N NH2 . ARG A 1 112 ? 4.900   9.347   8.513   1.00 27.37 ? 112 ARG A NH2 1 
ATOM   873  N N   . TYR A 1 113 ? 8.724   14.225  6.198   1.00 11.46 ? 113 TYR A N   1 
ATOM   874  C CA  . TYR A 1 113 ? 9.830   14.861  6.907   1.00 12.13 ? 113 TYR A CA  1 
ATOM   875  C C   . TYR A 1 113 ? 10.000  14.302  8.314   1.00 13.04 ? 113 TYR A C   1 
ATOM   876  O O   . TYR A 1 113 ? 9.049   14.316  9.108   1.00 13.85 ? 113 TYR A O   1 
ATOM   877  C CB  . TYR A 1 113 ? 9.592   16.375  6.981   1.00 12.63 ? 113 TYR A CB  1 
ATOM   878  C CG  . TYR A 1 113 ? 9.436   17.016  5.616   1.00 13.18 ? 113 TYR A CG  1 
ATOM   879  C CD1 . TYR A 1 113 ? 10.553  17.463  4.911   1.00 14.16 ? 113 TYR A CD1 1 
ATOM   880  C CD2 . TYR A 1 113 ? 8.185   17.139  5.024   1.00 13.55 ? 113 TYR A CD2 1 
ATOM   881  C CE1 . TYR A 1 113 ? 10.430  18.012  3.657   1.00 14.40 ? 113 TYR A CE1 1 
ATOM   882  C CE2 . TYR A 1 113 ? 8.051   17.692  3.760   1.00 13.89 ? 113 TYR A CE2 1 
ATOM   883  C CZ  . TYR A 1 113 ? 9.182   18.125  3.087   1.00 14.68 ? 113 TYR A CZ  1 
ATOM   884  O OH  . TYR A 1 113 ? 9.077   18.697  1.840   1.00 15.55 ? 113 TYR A OH  1 
ATOM   885  N N   . ASN A 1 114 ? 11.213  13.833  8.609   1.00 12.95 ? 114 ASN A N   1 
ATOM   886  C CA  . ASN A 1 114 ? 11.562  13.274  9.921   1.00 13.07 ? 114 ASN A CA  1 
ATOM   887  C C   . ASN A 1 114 ? 10.540  12.213  10.330  1.00 13.00 ? 114 ASN A C   1 
ATOM   888  O O   . ASN A 1 114 ? 9.983   12.245  11.436  1.00 13.38 ? 114 ASN A O   1 
ATOM   889  C CB  . ASN A 1 114 ? 11.610  14.394  10.969  1.00 14.70 ? 114 ASN A CB  1 
ATOM   890  C CG  . ASN A 1 114 ? 12.302  13.958  12.254  1.00 15.89 ? 114 ASN A CG  1 
ATOM   891  O OD1 . ASN A 1 114 ? 13.340  13.298  12.215  1.00 17.77 ? 114 ASN A OD1 1 
ATOM   892  N ND2 . ASN A 1 114 ? 11.749  14.355  13.390  1.00 17.35 ? 114 ASN A ND2 1 
ATOM   893  N N   . ALA A 1 115 ? 10.325  11.258  9.434   1.00 11.69 ? 115 ALA A N   1 
ATOM   894  C CA  . ALA A 1 115 ? 9.351   10.198  9.649   1.00 11.68 ? 115 ALA A CA  1 
ATOM   895  C C   . ALA A 1 115 ? 10.040  8.850   9.659   1.00 11.60 ? 115 ALA A C   1 
ATOM   896  O O   . ALA A 1 115 ? 11.100  8.685   9.067   1.00 11.34 ? 115 ALA A O   1 
ATOM   897  C CB  . ALA A 1 115 ? 8.308   10.239  8.522   1.00 12.56 ? 115 ALA A CB  1 
ATOM   898  N N   . PRO A 1 116 ? 9.431   7.853   10.320  1.00 12.27 ? 116 PRO A N   1 
ATOM   899  C CA  . PRO A 1 116 ? 10.032  6.516   10.370  1.00 13.00 ? 116 PRO A CA  1 
ATOM   900  C C   . PRO A 1 116 ? 10.092  5.909   8.970   1.00 13.57 ? 116 PRO A C   1 
ATOM   901  O O   . PRO A 1 116 ? 9.148   6.039   8.181   1.00 13.91 ? 116 PRO A O   1 
ATOM   902  C CB  . PRO A 1 116 ? 9.053   5.728   11.249  1.00 13.75 ? 116 PRO A CB  1 
ATOM   903  C CG  . PRO A 1 116 ? 8.348   6.781   12.056  1.00 15.47 ? 116 PRO A CG  1 
ATOM   904  C CD  . PRO A 1 116 ? 8.167   7.904   11.074  1.00 13.17 ? 116 PRO A CD  1 
ATOM   905  N N   . SER A 1 117 ? 11.208  5.270   8.643   1.00 13.88 ? 117 SER A N   1 
ATOM   906  C CA  . SER A 1 117 ? 11.335  4.647   7.343   1.00 14.44 ? 117 SER A CA  1 
ATOM   907  C C   . SER A 1 117 ? 11.589  3.170   7.551   1.00 14.67 ? 117 SER A C   1 
ATOM   908  O O   . SER A 1 117 ? 11.681  2.696   8.690   1.00 14.53 ? 117 SER A O   1 
ATOM   909  C CB  . SER A 1 117 ? 12.493  5.255   6.557   1.00 15.38 ? 117 SER A CB  1 
ATOM   910  O OG  . SER A 1 117 ? 13.725  4.767   7.055   1.00 17.58 ? 117 SER A OG  1 
ATOM   911  N N   . ILE A 1 118 ? 11.787  2.466   6.446   1.00 14.22 ? 118 ILE A N   1 
ATOM   912  C CA  . ILE A 1 118 ? 12.031  1.038   6.471   1.00 16.04 ? 118 ILE A CA  1 
ATOM   913  C C   . ILE A 1 118 ? 13.264  0.662   7.292   1.00 17.41 ? 118 ILE A C   1 
ATOM   914  O O   . ILE A 1 118 ? 13.261  -0.364  7.953   1.00 18.47 ? 118 ILE A O   1 
ATOM   915  C CB  . ILE A 1 118 ? 12.141  0.482   5.029   1.00 15.36 ? 118 ILE A CB  1 
ATOM   916  C CG1 . ILE A 1 118 ? 12.285  -1.035  5.055   1.00 16.08 ? 118 ILE A CG1 1 
ATOM   917  C CG2 . ILE A 1 118 ? 13.290  1.139   4.278   1.00 14.47 ? 118 ILE A CG2 1 
ATOM   918  C CD1 . ILE A 1 118 ? 12.249  -1.668  3.681   1.00 16.70 ? 118 ILE A CD1 1 
ATOM   919  N N   . ASP A 1 119 ? 14.276  1.527   7.293   1.00 19.80 ? 119 ASP A N   1 
ATOM   920  C CA  . ASP A 1 119 ? 15.534  1.288   8.014   1.00 22.05 ? 119 ASP A CA  1 
ATOM   921  C C   . ASP A 1 119 ? 15.474  1.571   9.508   1.00 22.75 ? 119 ASP A C   1 
ATOM   922  O O   . ASP A 1 119 ? 16.483  1.401   10.207  1.00 24.19 ? 119 ASP A O   1 
ATOM   923  C CB  . ASP A 1 119 ? 16.647  2.173   7.438   1.00 24.51 ? 119 ASP A CB  1 
ATOM   924  C CG  . ASP A 1 119 ? 17.095  1.742   6.055   1.00 26.62 ? 119 ASP A CG  1 
ATOM   925  O OD1 . ASP A 1 119 ? 17.136  0.524   5.797   1.00 27.28 ? 119 ASP A OD1 1 
ATOM   926  O OD2 . ASP A 1 119 ? 17.431  2.633   5.237   1.00 29.67 ? 119 ASP A OD2 1 
ATOM   927  N N   . GLY A 1 120 ? 14.320  2.008   10.003  1.00 21.47 ? 120 GLY A N   1 
ATOM   928  C CA  . GLY A 1 120 ? 14.219  2.355   11.409  1.00 21.00 ? 120 GLY A CA  1 
ATOM   929  C C   . GLY A 1 120 ? 14.648  3.811   11.537  1.00 20.33 ? 120 GLY A C   1 
ATOM   930  O O   . GLY A 1 120 ? 15.058  4.437   10.547  1.00 21.73 ? 120 GLY A O   1 
ATOM   931  N N   . ASP A 1 121 ? 14.585  4.354   12.744  1.00 18.93 ? 121 ASP A N   1 
ATOM   932  C CA  . ASP A 1 121 ? 14.946  5.750   12.980  1.00 17.86 ? 121 ASP A CA  1 
ATOM   933  C C   . ASP A 1 121 ? 14.048  6.687   12.162  1.00 17.28 ? 121 ASP A C   1 
ATOM   934  O O   . ASP A 1 121 ? 12.934  6.295   11.800  1.00 20.06 ? 121 ASP A O   1 
ATOM   935  C CB  . ASP A 1 121 ? 16.447  5.980   12.743  1.00 16.46 ? 121 ASP A CB  1 
ATOM   936  C CG  . ASP A 1 121 ? 17.298  5.287   13.797  1.00 16.11 ? 121 ASP A CG  1 
ATOM   937  O OD1 . ASP A 1 121 ? 16.837  5.225   14.955  1.00 16.31 ? 121 ASP A OD1 1 
ATOM   938  O OD2 . ASP A 1 121 ? 18.392  4.782   13.467  1.00 16.02 ? 121 ASP A OD2 1 
ATOM   939  N N   . ARG A 1 122 ? 14.489  7.912   11.897  1.00 14.83 ? 122 ARG A N   1 
ATOM   940  C CA  . ARG A 1 122 ? 13.660  8.862   11.163  1.00 13.59 ? 122 ARG A CA  1 
ATOM   941  C C   . ARG A 1 122 ? 14.448  9.565   10.081  1.00 12.41 ? 122 ARG A C   1 
ATOM   942  O O   . ARG A 1 122 ? 15.629  9.838   10.256  1.00 12.78 ? 122 ARG A O   1 
ATOM   943  C CB  . ARG A 1 122 ? 13.107  9.921   12.113  1.00 14.66 ? 122 ARG A CB  1 
ATOM   944  C CG  . ARG A 1 122 ? 12.135  9.387   13.144  1.00 20.36 ? 122 ARG A CG  1 
ATOM   945  C CD  . ARG A 1 122 ? 11.654  10.505  14.029  1.00 24.86 ? 122 ARG A CD  1 
ATOM   946  N NE  . ARG A 1 122 ? 10.588  10.072  14.924  1.00 29.36 ? 122 ARG A NE  1 
ATOM   947  C CZ  . ARG A 1 122 ? 9.535   10.817  15.250  1.00 32.11 ? 122 ARG A CZ  1 
ATOM   948  N NH1 . ARG A 1 122 ? 9.395   12.040  14.747  1.00 33.62 ? 122 ARG A NH1 1 
ATOM   949  N NH2 . ARG A 1 122 ? 8.638   10.356  16.114  1.00 33.46 ? 122 ARG A NH2 1 
ATOM   950  N N   . THR A 1 123 ? 13.788  9.888   8.973   1.00 11.55 ? 123 THR A N   1 
ATOM   951  C CA  . THR A 1 123 ? 14.466  10.591  7.896   1.00 11.24 ? 123 THR A CA  1 
ATOM   952  C C   . THR A 1 123 ? 13.445  11.261  6.983   1.00 11.36 ? 123 THR A C   1 
ATOM   953  O O   . THR A 1 123 ? 12.241  11.240  7.259   1.00 11.87 ? 123 THR A O   1 
ATOM   954  C CB  . THR A 1 123 ? 15.396  9.642   7.103   1.00 11.75 ? 123 THR A CB  1 
ATOM   955  O OG1 . THR A 1 123 ? 16.344  10.420  6.360   1.00 13.15 ? 123 THR A OG1 1 
ATOM   956  C CG2 . THR A 1 123 ? 14.599  8.734   6.161   1.00 11.87 ? 123 THR A CG2 1 
ATOM   957  N N   . THR A 1 124 ? 13.941  11.923  5.944   1.00 10.37 ? 124 THR A N   1 
ATOM   958  C CA  . THR A 1 124 ? 13.083  12.602  4.983   1.00 11.56 ? 124 THR A CA  1 
ATOM   959  C C   . THR A 1 124 ? 13.119  11.785  3.682   1.00 11.72 ? 124 THR A C   1 
ATOM   960  O O   . THR A 1 124 ? 14.193  11.425  3.189   1.00 12.47 ? 124 THR A O   1 
ATOM   961  C CB  . THR A 1 124 ? 13.592  14.035  4.738   1.00 11.78 ? 124 THR A CB  1 
ATOM   962  O OG1 . THR A 1 124 ? 13.412  14.816  5.936   1.00 13.61 ? 124 THR A OG1 1 
ATOM   963  C CG2 . THR A 1 124 ? 12.845  14.675  3.571   1.00 12.80 ? 124 THR A CG2 1 
ATOM   964  N N   . PHE A 1 125 ? 11.951  11.459  3.141   1.00 9.98  ? 125 PHE A N   1 
ATOM   965  C CA  . PHE A 1 125 ? 11.904  10.662  1.918   1.00 9.84  ? 125 PHE A CA  1 
ATOM   966  C C   . PHE A 1 125 ? 10.682  10.990  1.083   1.00 9.32  ? 125 PHE A C   1 
ATOM   967  O O   . PHE A 1 125 ? 9.713   11.571  1.580   1.00 9.74  ? 125 PHE A O   1 
ATOM   968  C CB  . PHE A 1 125 ? 11.946  9.152   2.243   1.00 10.29 ? 125 PHE A CB  1 
ATOM   969  C CG  . PHE A 1 125 ? 10.863  8.695   3.187   1.00 10.47 ? 125 PHE A CG  1 
ATOM   970  C CD1 . PHE A 1 125 ? 9.617   8.300   2.706   1.00 10.34 ? 125 PHE A CD1 1 
ATOM   971  C CD2 . PHE A 1 125 ? 11.081  8.679   4.562   1.00 10.42 ? 125 PHE A CD2 1 
ATOM   972  C CE1 . PHE A 1 125 ? 8.612   7.903   3.578   1.00 10.75 ? 125 PHE A CE1 1 
ATOM   973  C CE2 . PHE A 1 125 ? 10.081  8.284   5.436   1.00 10.28 ? 125 PHE A CE2 1 
ATOM   974  C CZ  . PHE A 1 125 ? 8.841   7.896   4.935   1.00 10.45 ? 125 PHE A CZ  1 
ATOM   975  N N   . THR A 1 126 ? 10.750  10.631  -0.193  1.00 9.94  ? 126 THR A N   1 
ATOM   976  C CA  . THR A 1 126 ? 9.660   10.863  -1.129  1.00 10.22 ? 126 THR A CA  1 
ATOM   977  C C   . THR A 1 126 ? 8.730   9.659   -1.193  1.00 9.14  ? 126 THR A C   1 
ATOM   978  O O   . THR A 1 126 ? 9.151   8.514   -0.968  1.00 9.57  ? 126 THR A O   1 
ATOM   979  C CB  . THR A 1 126 ? 10.208  11.097  -2.540  1.00 13.30 ? 126 THR A CB  1 
ATOM   980  O OG1 . THR A 1 126 ? 11.238  12.091  -2.483  1.00 16.04 ? 126 THR A OG1 1 
ATOM   981  C CG2 . THR A 1 126 ? 9.105   11.597  -3.467  1.00 15.05 ? 126 THR A CG2 1 
ATOM   982  N N   . GLN A 1 127 ? 7.458   9.943   -1.448  1.00 8.81  ? 127 GLN A N   1 
ATOM   983  C CA  . GLN A 1 127 ? 6.428   8.916   -1.597  1.00 8.30  ? 127 GLN A CA  1 
ATOM   984  C C   . GLN A 1 127 ? 5.829   9.072   -2.997  1.00 8.16  ? 127 GLN A C   1 
ATOM   985  O O   . GLN A 1 127 ? 5.590   10.201  -3.453  1.00 9.32  ? 127 GLN A O   1 
ATOM   986  C CB  . GLN A 1 127 ? 5.302   9.116   -0.581  1.00 8.54  ? 127 GLN A CB  1 
ATOM   987  C CG  . GLN A 1 127 ? 5.730   9.116   0.880   1.00 9.02  ? 127 GLN A CG  1 
ATOM   988  C CD  . GLN A 1 127 ? 4.559   9.401   1.802   1.00 10.06 ? 127 GLN A CD  1 
ATOM   989  O OE1 . GLN A 1 127 ? 3.984   10.487  1.779   1.00 11.84 ? 127 GLN A OE1 1 
ATOM   990  N NE2 . GLN A 1 127 ? 4.165   8.414   2.574   1.00 10.08 ? 127 GLN A NE2 1 
ATOM   991  N N   . TYR A 1 128 ? 5.644   7.952   -3.682  1.00 7.31  ? 128 TYR A N   1 
ATOM   992  C CA  . TYR A 1 128 ? 5.020   7.948   -5.013  1.00 6.89  ? 128 TYR A CA  1 
ATOM   993  C C   . TYR A 1 128 ? 3.656   7.306   -4.812  1.00 6.84  ? 128 TYR A C   1 
ATOM   994  O O   . TYR A 1 128 ? 3.556   6.267   -4.142  1.00 7.00  ? 128 TYR A O   1 
ATOM   995  C CB  . TYR A 1 128 ? 5.792   7.078   -5.994  1.00 7.03  ? 128 TYR A CB  1 
ATOM   996  C CG  . TYR A 1 128 ? 7.127   7.603   -6.438  1.00 7.37  ? 128 TYR A CG  1 
ATOM   997  C CD1 . TYR A 1 128 ? 7.527   8.905   -6.157  1.00 8.14  ? 128 TYR A CD1 1 
ATOM   998  C CD2 . TYR A 1 128 ? 7.991   6.784   -7.147  1.00 8.11  ? 128 TYR A CD2 1 
ATOM   999  C CE1 . TYR A 1 128 ? 8.766   9.371   -6.581  1.00 9.59  ? 128 TYR A CE1 1 
ATOM   1000 C CE2 . TYR A 1 128 ? 9.224   7.235   -7.571  1.00 8.85  ? 128 TYR A CE2 1 
ATOM   1001 C CZ  . TYR A 1 128 ? 9.605   8.525   -7.285  1.00 8.74  ? 128 TYR A CZ  1 
ATOM   1002 O OH  . TYR A 1 128 ? 10.844  8.967   -7.712  1.00 10.45 ? 128 TYR A OH  1 
ATOM   1003 N N   . TRP A 1 129 ? 2.633   7.891   -5.428  1.00 6.33  ? 129 TRP A N   1 
ATOM   1004 C CA  . TRP A 1 129 ? 1.270   7.365   -5.301  1.00 5.80  ? 129 TRP A CA  1 
ATOM   1005 C C   . TRP A 1 129 ? 0.510   7.251   -6.605  1.00 7.10  ? 129 TRP A C   1 
ATOM   1006 O O   . TRP A 1 129 ? 0.654   8.105   -7.482  1.00 7.11  ? 129 TRP A O   1 
ATOM   1007 C CB  . TRP A 1 129 ? 0.373   8.309   -4.482  1.00 6.15  ? 129 TRP A CB  1 
ATOM   1008 C CG  . TRP A 1 129 ? 0.850   8.725   -3.139  1.00 7.19  ? 129 TRP A CG  1 
ATOM   1009 C CD1 . TRP A 1 129 ? 1.822   9.642   -2.863  1.00 7.69  ? 129 TRP A CD1 1 
ATOM   1010 C CD2 . TRP A 1 129 ? 0.343   8.282   -1.870  1.00 7.77  ? 129 TRP A CD2 1 
ATOM   1011 N NE1 . TRP A 1 129 ? 1.951   9.800   -1.506  1.00 8.78  ? 129 TRP A NE1 1 
ATOM   1012 C CE2 . TRP A 1 129 ? 1.054   8.976   -0.872  1.00 7.99  ? 129 TRP A CE2 1 
ATOM   1013 C CE3 . TRP A 1 129 ? -0.649  7.368   -1.485  1.00 7.43  ? 129 TRP A CE3 1 
ATOM   1014 C CZ2 . TRP A 1 129 ? 0.804   8.787   0.496   1.00 8.28  ? 129 TRP A CZ2 1 
ATOM   1015 C CZ3 . TRP A 1 129 ? -0.895  7.187   -0.132  1.00 8.36  ? 129 TRP A CZ3 1 
ATOM   1016 C CH2 . TRP A 1 129 ? -0.173  7.892   0.839   1.00 9.01  ? 129 TRP A CH2 1 
ATOM   1017 N N   . SER A 1 130 ? -0.263  6.172   -6.721  1.00 6.37  ? 130 SER A N   1 
ATOM   1018 C CA  . SER A 1 130 ? -1.256  6.014   -7.781  1.00 5.65  ? 130 SER A CA  1 
ATOM   1019 C C   . SER A 1 130 ? -2.488  5.814   -6.894  1.00 5.76  ? 130 SER A C   1 
ATOM   1020 O O   . SER A 1 130 ? -2.501  4.886   -6.076  1.00 6.51  ? 130 SER A O   1 
ATOM   1021 C CB  . SER A 1 130 ? -1.046  4.784   -8.660  1.00 7.12  ? 130 SER A CB  1 
ATOM   1022 O OG  . SER A 1 130 ? -0.131  5.076   -9.710  1.00 6.86  ? 130 SER A OG  1 
ATOM   1023 N N   . VAL A 1 131 ? -3.460  6.719   -6.982  1.00 5.13  ? 131 VAL A N   1 
ATOM   1024 C CA  . VAL A 1 131 ? -4.676  6.636   -6.162  1.00 6.17  ? 131 VAL A CA  1 
ATOM   1025 C C   . VAL A 1 131 ? -5.896  6.544   -7.077  1.00 6.11  ? 131 VAL A C   1 
ATOM   1026 O O   . VAL A 1 131 ? -6.128  7.427   -7.903  1.00 6.96  ? 131 VAL A O   1 
ATOM   1027 C CB  . VAL A 1 131 ? -4.805  7.870   -5.240  1.00 6.21  ? 131 VAL A CB  1 
ATOM   1028 C CG1 . VAL A 1 131 ? -6.011  7.706   -4.305  1.00 7.21  ? 131 VAL A CG1 1 
ATOM   1029 C CG2 . VAL A 1 131 ? -3.525  8.056   -4.414  1.00 8.46  ? 131 VAL A CG2 1 
ATOM   1030 N N   . ARG A 1 132 ? -6.670  5.468   -6.963  1.00 6.43  ? 132 ARG A N   1 
ATOM   1031 C CA  . ARG A 1 132 ? -7.833  5.302   -7.827  1.00 5.69  ? 132 ARG A CA  1 
ATOM   1032 C C   . ARG A 1 132 ? -8.775  6.508   -7.678  1.00 6.19  ? 132 ARG A C   1 
ATOM   1033 O O   . ARG A 1 132 ? -8.924  7.058   -6.587  1.00 6.18  ? 132 ARG A O   1 
ATOM   1034 C CB  . ARG A 1 132 ? -8.557  4.001   -7.486  1.00 6.42  ? 132 ARG A CB  1 
ATOM   1035 C CG  . ARG A 1 132 ? -9.197  3.329   -8.695  1.00 7.29  ? 132 ARG A CG  1 
ATOM   1036 C CD  . ARG A 1 132 ? -9.654  1.923   -8.290  1.00 7.89  ? 132 ARG A CD  1 
ATOM   1037 N NE  . ARG A 1 132 ? -10.276 1.161   -9.370  1.00 10.10 ? 132 ARG A NE  1 
ATOM   1038 C CZ  . ARG A 1 132 ? -11.553 1.267   -9.720  1.00 10.26 ? 132 ARG A CZ  1 
ATOM   1039 N NH1 . ARG A 1 132 ? -12.353 2.120   -9.089  1.00 9.86  ? 132 ARG A NH1 1 
ATOM   1040 N NH2 . ARG A 1 132 ? -12.040 0.479   -10.671 1.00 11.85 ? 132 ARG A NH2 1 
ATOM   1041 N N   . GLN A 1 133 ? -9.396  6.938   -8.778  1.00 7.10  ? 133 GLN A N   1 
ATOM   1042 C CA  . GLN A 1 133 ? -10.283 8.099   -8.710  1.00 7.59  ? 133 GLN A CA  1 
ATOM   1043 C C   . GLN A 1 133 ? -11.557 7.828   -7.926  1.00 7.01  ? 133 GLN A C   1 
ATOM   1044 O O   . GLN A 1 133 ? -12.102 8.736   -7.301  1.00 8.26  ? 133 GLN A O   1 
ATOM   1045 C CB  . GLN A 1 133 ? -10.583 8.644   -10.108 1.00 8.18  ? 133 GLN A CB  1 
ATOM   1046 C CG  . GLN A 1 133 ? -9.346  9.264   -10.757 1.00 7.94  ? 133 GLN A CG  1 
ATOM   1047 C CD  . GLN A 1 133 ? -9.622  9.909   -12.104 1.00 8.89  ? 133 GLN A CD  1 
ATOM   1048 O OE1 . GLN A 1 133 ? -8.822  10.726  -12.589 1.00 12.31 ? 133 GLN A OE1 1 
ATOM   1049 N NE2 . GLN A 1 133 ? -10.738 9.562   -12.711 1.00 7.45  ? 133 GLN A NE2 1 
ATOM   1050 N N   . SER A 1 134 ? -12.025 6.584   -7.989  1.00 7.17  ? 134 SER A N   1 
ATOM   1051 C CA  . SER A 1 134 ? -13.205 6.128   -7.243  1.00 8.01  ? 134 SER A CA  1 
ATOM   1052 C C   . SER A 1 134 ? -12.774 4.822   -6.560  1.00 8.06  ? 134 SER A C   1 
ATOM   1053 O O   . SER A 1 134 ? -11.867 4.134   -7.044  1.00 7.85  ? 134 SER A O   1 
ATOM   1054 C CB  . SER A 1 134 ? -14.392 5.889   -8.190  1.00 10.34 ? 134 SER A CB  1 
ATOM   1055 O OG  . SER A 1 134 ? -14.094 4.898   -9.158  1.00 11.70 ? 134 SER A OG  1 
ATOM   1056 N N   . LYS A 1 135 ? -13.395 4.486   -5.434  1.00 7.33  ? 135 LYS A N   1 
ATOM   1057 C CA  . LYS A 1 135 ? -13.037 3.258   -4.729  1.00 7.86  ? 135 LYS A CA  1 
ATOM   1058 C C   . LYS A 1 135 ? -13.323 2.017   -5.557  1.00 8.51  ? 135 LYS A C   1 
ATOM   1059 O O   . LYS A 1 135 ? -14.381 1.906   -6.200  1.00 10.36 ? 135 LYS A O   1 
ATOM   1060 C CB  . LYS A 1 135 ? -13.790 3.141   -3.392  1.00 7.67  ? 135 LYS A CB  1 
ATOM   1061 C CG  . LYS A 1 135 ? -13.469 4.243   -2.414  1.00 9.33  ? 135 LYS A CG  1 
ATOM   1062 C CD  . LYS A 1 135 ? -14.207 4.078   -1.102  1.00 9.91  ? 135 LYS A CD  1 
ATOM   1063 C CE  . LYS A 1 135 ? -13.963 5.276   -0.200  1.00 11.58 ? 135 LYS A CE  1 
ATOM   1064 N NZ  . LYS A 1 135 ? -14.539 5.061   1.173   1.00 13.64 ? 135 LYS A NZ  1 
ATOM   1065 N N   . ARG A 1 136 ? -12.380 1.083   -5.558  1.00 8.88  ? 136 ARG A N   1 
ATOM   1066 C CA  . ARG A 1 136 ? -12.570 -0.166  -6.267  1.00 9.10  ? 136 ARG A CA  1 
ATOM   1067 C C   . ARG A 1 136 ? -13.476 -1.036  -5.390  1.00 9.52  ? 136 ARG A C   1 
ATOM   1068 O O   . ARG A 1 136 ? -13.274 -1.122  -4.181  1.00 10.25 ? 136 ARG A O   1 
ATOM   1069 C CB  . ARG A 1 136 ? -11.235 -0.874  -6.472  1.00 9.03  ? 136 ARG A CB  1 
ATOM   1070 C CG  . ARG A 1 136 ? -11.277 -2.010  -7.475  1.00 8.94  ? 136 ARG A CG  1 
ATOM   1071 C CD  . ARG A 1 136 ? -9.882  -2.529  -7.721  1.00 8.64  ? 136 ARG A CD  1 
ATOM   1072 N NE  . ARG A 1 136 ? -9.808  -3.461  -8.840  1.00 8.31  ? 136 ARG A NE  1 
ATOM   1073 C CZ  . ARG A 1 136 ? -8.675  -3.851  -9.420  1.00 7.52  ? 136 ARG A CZ  1 
ATOM   1074 N NH1 . ARG A 1 136 ? -7.505  -3.394  -8.989  1.00 8.19  ? 136 ARG A NH1 1 
ATOM   1075 N NH2 . ARG A 1 136 ? -8.702  -4.687  -10.449 1.00 8.39  ? 136 ARG A NH2 1 
ATOM   1076 N N   . PRO A 1 137 ? -14.524 -1.635  -5.974  1.00 10.49 ? 137 PRO A N   1 
ATOM   1077 C CA  . PRO A 1 137 ? -15.411 -2.487  -5.165  1.00 10.93 ? 137 PRO A CA  1 
ATOM   1078 C C   . PRO A 1 137 ? -14.580 -3.625  -4.571  1.00 10.44 ? 137 PRO A C   1 
ATOM   1079 O O   . PRO A 1 137 ? -13.603 -4.063  -5.180  1.00 12.33 ? 137 PRO A O   1 
ATOM   1080 C CB  . PRO A 1 137 ? -16.377 -3.046  -6.208  1.00 12.26 ? 137 PRO A CB  1 
ATOM   1081 C CG  . PRO A 1 137 ? -16.459 -1.950  -7.203  1.00 12.17 ? 137 PRO A CG  1 
ATOM   1082 C CD  . PRO A 1 137 ? -15.022 -1.519  -7.355  1.00 11.02 ? 137 PRO A CD  1 
ATOM   1083 N N   . THR A 1 138 ? -14.920 -4.076  -3.374  1.00 10.62 ? 138 THR A N   1 
ATOM   1084 C CA  . THR A 1 138 ? -14.177 -5.162  -2.758  1.00 10.83 ? 138 THR A CA  1 
ATOM   1085 C C   . THR A 1 138 ? -15.006 -6.443  -2.742  1.00 10.80 ? 138 THR A C   1 
ATOM   1086 O O   . THR A 1 138 ? -16.190 -6.420  -3.083  1.00 12.68 ? 138 THR A O   1 
ATOM   1087 C CB  . THR A 1 138 ? -13.721 -4.796  -1.337  1.00 11.52 ? 138 THR A CB  1 
ATOM   1088 O OG1 . THR A 1 138 ? -14.855 -4.409  -0.544  1.00 13.05 ? 138 THR A OG1 1 
ATOM   1089 C CG2 . THR A 1 138 ? -12.702 -3.642  -1.392  1.00 11.86 ? 138 THR A CG2 1 
ATOM   1090 N N   . GLY A 1 139 ? -14.366 -7.560  -2.421  1.00 10.60 ? 139 GLY A N   1 
ATOM   1091 C CA  . GLY A 1 139 ? -15.068 -8.831  -2.381  1.00 11.30 ? 139 GLY A CA  1 
ATOM   1092 C C   . GLY A 1 139 ? -14.860 -9.638  -3.652  1.00 11.97 ? 139 GLY A C   1 
ATOM   1093 O O   . GLY A 1 139 ? -15.240 -10.804 -3.721  1.00 14.29 ? 139 GLY A O   1 
ATOM   1094 N N   . SER A 1 140 ? -14.230 -9.020  -4.645  1.00 10.88 ? 140 SER A N   1 
ATOM   1095 C CA  . SER A 1 140 ? -13.951 -9.666  -5.916  1.00 11.58 ? 140 SER A CA  1 
ATOM   1096 C C   . SER A 1 140 ? -12.462 -9.893  -6.115  1.00 9.96  ? 140 SER A C   1 
ATOM   1097 O O   . SER A 1 140 ? -11.636 -9.359  -5.366  1.00 10.78 ? 140 SER A O   1 
ATOM   1098 C CB  . SER A 1 140 ? -14.452 -8.790  -7.060  1.00 13.34 ? 140 SER A CB  1 
ATOM   1099 O OG  . SER A 1 140 ? -15.864 -8.749  -7.084  1.00 17.69 ? 140 SER A OG  1 
ATOM   1100 N N   . ASN A 1 141 ? -12.128 -10.720 -7.099  1.00 9.89  ? 141 ASN A N   1 
ATOM   1101 C CA  . ASN A 1 141 ? -10.737 -10.996 -7.449  1.00 10.49 ? 141 ASN A CA  1 
ATOM   1102 C C   . ASN A 1 141 ? -10.225 -9.799  -8.254  1.00 10.43 ? 141 ASN A C   1 
ATOM   1103 O O   . ASN A 1 141 ? -10.662 -9.565  -9.384  1.00 11.55 ? 141 ASN A O   1 
ATOM   1104 C CB  . ASN A 1 141 ? -10.640 -12.272 -8.287  1.00 10.96 ? 141 ASN A CB  1 
ATOM   1105 C CG  . ASN A 1 141 ? -10.973 -13.517 -7.492  1.00 13.42 ? 141 ASN A CG  1 
ATOM   1106 O OD1 . ASN A 1 141 ? -10.863 -13.532 -6.262  1.00 12.05 ? 141 ASN A OD1 1 
ATOM   1107 N ND2 . ASN A 1 141 ? -11.356 -14.573 -8.188  1.00 15.36 ? 141 ASN A ND2 1 
ATOM   1108 N N   . ALA A 1 142 ? -9.294  -9.058  -7.665  1.00 9.76  ? 142 ALA A N   1 
ATOM   1109 C CA  . ALA A 1 142 ? -8.748  -7.857  -8.278  1.00 10.13 ? 142 ALA A CA  1 
ATOM   1110 C C   . ALA A 1 142 ? -7.303  -8.054  -8.674  1.00 10.62 ? 142 ALA A C   1 
ATOM   1111 O O   . ALA A 1 142 ? -6.576  -8.851  -8.074  1.00 11.70 ? 142 ALA A O   1 
ATOM   1112 C CB  . ALA A 1 142 ? -8.875  -6.679  -7.316  1.00 10.00 ? 142 ALA A CB  1 
ATOM   1113 N N   . THR A 1 143 ? -6.892  -7.304  -9.683  1.00 9.74  ? 143 THR A N   1 
ATOM   1114 C CA  . THR A 1 143 ? -5.541  -7.367  -10.191 1.00 9.25  ? 143 THR A CA  1 
ATOM   1115 C C   . THR A 1 143 ? -4.914  -5.982  -10.244 1.00 9.11  ? 143 THR A C   1 
ATOM   1116 O O   . THR A 1 143 ? -5.592  -4.988  -10.516 1.00 9.03  ? 143 THR A O   1 
ATOM   1117 C CB  . THR A 1 143 ? -5.533  -7.929  -11.625 1.00 11.00 ? 143 THR A CB  1 
ATOM   1118 O OG1 . THR A 1 143 ? -6.206  -9.200  -11.637 1.00 14.18 ? 143 THR A OG1 1 
ATOM   1119 C CG2 . THR A 1 143 ? -4.121  -8.100  -12.140 1.00 12.83 ? 143 THR A CG2 1 
ATOM   1120 N N   . ILE A 1 144 ? -3.647  -5.912  -9.858  1.00 7.13  ? 144 ILE A N   1 
ATOM   1121 C CA  . ILE A 1 144 ? -2.887  -4.677  -9.968  1.00 7.74  ? 144 ILE A CA  1 
ATOM   1122 C C   . ILE A 1 144 ? -1.678  -5.033  -10.840 1.00 7.23  ? 144 ILE A C   1 
ATOM   1123 O O   . ILE A 1 144 ? -0.817  -5.819  -10.434 1.00 8.19  ? 144 ILE A O   1 
ATOM   1124 C CB  . ILE A 1 144 ? -2.420  -4.128  -8.606  1.00 7.04  ? 144 ILE A CB  1 
ATOM   1125 C CG1 . ILE A 1 144 ? -3.631  -3.663  -7.786  1.00 8.21  ? 144 ILE A CG1 1 
ATOM   1126 C CG2 . ILE A 1 144 ? -1.409  -2.981  -8.827  1.00 8.51  ? 144 ILE A CG2 1 
ATOM   1127 C CD1 . ILE A 1 144 ? -3.283  -3.181  -6.386  1.00 8.35  ? 144 ILE A CD1 1 
ATOM   1128 N N   . THR A 1 145 ? -1.674  -4.522  -12.071 1.00 7.20  ? 145 THR A N   1 
ATOM   1129 C CA  . THR A 1 145 ? -0.581  -4.755  -13.023 1.00 7.68  ? 145 THR A CA  1 
ATOM   1130 C C   . THR A 1 145 ? 0.420   -3.638  -12.724 1.00 7.81  ? 145 THR A C   1 
ATOM   1131 O O   . THR A 1 145 ? 0.356   -2.533  -13.283 1.00 7.88  ? 145 THR A O   1 
ATOM   1132 C CB  . THR A 1 145 ? -1.119  -4.697  -14.459 1.00 7.89  ? 145 THR A CB  1 
ATOM   1133 O OG1 . THR A 1 145 ? -2.166  -5.670  -14.596 1.00 9.53  ? 145 THR A OG1 1 
ATOM   1134 C CG2 . THR A 1 145 ? -0.017  -5.024  -15.459 1.00 9.07  ? 145 THR A CG2 1 
ATOM   1135 N N   . PHE A 1 146 ? 1.328   -3.937  -11.803 1.00 7.74  ? 146 PHE A N   1 
ATOM   1136 C CA  . PHE A 1 146 ? 2.276   -2.946  -11.324 1.00 7.32  ? 146 PHE A CA  1 
ATOM   1137 C C   . PHE A 1 146 ? 3.153   -2.306  -12.373 1.00 7.58  ? 146 PHE A C   1 
ATOM   1138 O O   . PHE A 1 146 ? 3.465   -1.118  -12.267 1.00 7.49  ? 146 PHE A O   1 
ATOM   1139 C CB  . PHE A 1 146 ? 3.091   -3.512  -10.156 1.00 7.94  ? 146 PHE A CB  1 
ATOM   1140 C CG  . PHE A 1 146 ? 3.918   -2.490  -9.429  1.00 7.49  ? 146 PHE A CG  1 
ATOM   1141 C CD1 . PHE A 1 146 ? 3.358   -1.293  -8.991  1.00 8.17  ? 146 PHE A CD1 1 
ATOM   1142 C CD2 . PHE A 1 146 ? 5.255   -2.742  -9.156  1.00 9.15  ? 146 PHE A CD2 1 
ATOM   1143 C CE1 . PHE A 1 146 ? 4.125   -0.368  -8.287  1.00 10.29 ? 146 PHE A CE1 1 
ATOM   1144 C CE2 . PHE A 1 146 ? 6.025   -1.820  -8.454  1.00 10.09 ? 146 PHE A CE2 1 
ATOM   1145 C CZ  . PHE A 1 146 ? 5.457   -0.637  -8.021  1.00 9.32  ? 146 PHE A CZ  1 
ATOM   1146 N N   . THR A 1 147 ? 3.467   -3.053  -13.427 1.00 7.22  ? 147 THR A N   1 
ATOM   1147 C CA  . THR A 1 147 ? 4.300   -2.509  -14.488 1.00 8.76  ? 147 THR A CA  1 
ATOM   1148 C C   . THR A 1 147 ? 3.673   -1.253  -15.128 1.00 8.56  ? 147 THR A C   1 
ATOM   1149 O O   . THR A 1 147 ? 4.395   -0.322  -15.495 1.00 8.95  ? 147 THR A O   1 
ATOM   1150 C CB  . THR A 1 147 ? 4.584   -3.570  -15.564 1.00 9.29  ? 147 THR A CB  1 
ATOM   1151 O OG1 . THR A 1 147 ? 5.447   -3.014  -16.564 1.00 17.29 ? 147 THR A OG1 1 
ATOM   1152 C CG2 . THR A 1 147 ? 3.320   -3.979  -16.228 1.00 10.80 ? 147 THR A CG2 1 
ATOM   1153 N N   . ASN A 1 148 ? 2.341   -1.204  -15.225 1.00 7.98  ? 148 ASN A N   1 
ATOM   1154 C CA  . ASN A 1 148 ? 1.662   -0.040  -15.805 1.00 8.94  ? 148 ASN A CA  1 
ATOM   1155 C C   . ASN A 1 148 ? 1.912   1.210   -14.968 1.00 8.77  ? 148 ASN A C   1 
ATOM   1156 O O   . ASN A 1 148 ? 2.064   2.306   -15.502 1.00 9.24  ? 148 ASN A O   1 
ATOM   1157 C CB  . ASN A 1 148 ? 0.149   -0.248  -15.904 1.00 10.27 ? 148 ASN A CB  1 
ATOM   1158 C CG  . ASN A 1 148 ? -0.250  -1.266  -16.953 1.00 12.90 ? 148 ASN A CG  1 
ATOM   1159 O OD1 . ASN A 1 148 ? -1.341  -1.859  -16.874 1.00 15.60 ? 148 ASN A OD1 1 
ATOM   1160 N ND2 . ASN A 1 148 ? 0.607   -1.482  -17.936 1.00 11.65 ? 148 ASN A ND2 1 
ATOM   1161 N N   . HIS A 1 149 ? 1.959   1.036   -13.648 1.00 7.86  ? 149 HIS A N   1 
ATOM   1162 C CA  . HIS A 1 149 ? 2.196   2.147   -12.734 1.00 7.11  ? 149 HIS A CA  1 
ATOM   1163 C C   . HIS A 1 149 ? 3.645   2.596   -12.784 1.00 7.00  ? 149 HIS A C   1 
ATOM   1164 O O   . HIS A 1 149 ? 3.914   3.786   -12.903 1.00 7.91  ? 149 HIS A O   1 
ATOM   1165 C CB  . HIS A 1 149 ? 1.780   1.762   -11.311 1.00 6.40  ? 149 HIS A CB  1 
ATOM   1166 C CG  . HIS A 1 149 ? 0.306   1.529   -11.182 1.00 6.30  ? 149 HIS A CG  1 
ATOM   1167 N ND1 . HIS A 1 149 ? -0.584  2.551   -10.929 1.00 7.14  ? 149 HIS A ND1 1 
ATOM   1168 C CD2 . HIS A 1 149 ? -0.438  0.408   -11.327 1.00 7.01  ? 149 HIS A CD2 1 
ATOM   1169 C CE1 . HIS A 1 149 ? -1.814  2.067   -10.925 1.00 7.65  ? 149 HIS A CE1 1 
ATOM   1170 N NE2 . HIS A 1 149 ? -1.752  0.769   -11.164 1.00 7.59  ? 149 HIS A NE2 1 
ATOM   1171 N N   . VAL A 1 150 ? 4.569   1.639   -12.758 1.00 6.86  ? 150 VAL A N   1 
ATOM   1172 C CA  . VAL A 1 150 ? 5.992   1.950   -12.830 1.00 7.61  ? 150 VAL A CA  1 
ATOM   1173 C C   . VAL A 1 150 ? 6.291   2.741   -14.112 1.00 8.52  ? 150 VAL A C   1 
ATOM   1174 O O   . VAL A 1 150 ? 6.980   3.769   -14.078 1.00 8.81  ? 150 VAL A O   1 
ATOM   1175 C CB  . VAL A 1 150 ? 6.827   0.664   -12.808 1.00 7.83  ? 150 VAL A CB  1 
ATOM   1176 C CG1 . VAL A 1 150 ? 8.300   0.980   -13.091 1.00 8.84  ? 150 VAL A CG1 1 
ATOM   1177 C CG2 . VAL A 1 150 ? 6.673   -0.023  -11.444 1.00 8.37  ? 150 VAL A CG2 1 
ATOM   1178 N N   . ASN A 1 151 ? 5.712   2.305   -15.223 1.00 9.29  ? 151 ASN A N   1 
ATOM   1179 C CA  . ASN A 1 151 ? 5.940   2.981   -16.493 1.00 11.24 ? 151 ASN A CA  1 
ATOM   1180 C C   . ASN A 1 151 ? 5.337   4.377   -16.542 1.00 10.59 ? 151 ASN A C   1 
ATOM   1181 O O   . ASN A 1 151 ? 5.975   5.315   -17.034 1.00 10.88 ? 151 ASN A O   1 
ATOM   1182 C CB  . ASN A 1 151 ? 5.465   2.110   -17.651 1.00 13.92 ? 151 ASN A CB  1 
ATOM   1183 C CG  . ASN A 1 151 ? 6.364   0.905   -17.854 1.00 17.37 ? 151 ASN A CG  1 
ATOM   1184 O OD1 . ASN A 1 151 ? 7.560   0.968   -17.554 1.00 22.68 ? 151 ASN A OD1 1 
ATOM   1185 N ND2 . ASN A 1 151 ? 5.804   -0.198  -18.338 1.00 19.98 ? 151 ASN A ND2 1 
ATOM   1186 N N   . ALA A 1 152 ? 4.123   4.529   -16.023 1.00 9.29  ? 152 ALA A N   1 
ATOM   1187 C CA  . ALA A 1 152 ? 3.489   5.845   -15.986 1.00 8.80  ? 152 ALA A CA  1 
ATOM   1188 C C   . ALA A 1 152 ? 4.282   6.777   -15.071 1.00 9.40  ? 152 ALA A C   1 
ATOM   1189 O O   . ALA A 1 152 ? 4.476   7.959   -15.383 1.00 9.19  ? 152 ALA A O   1 
ATOM   1190 C CB  . ALA A 1 152 ? 2.049   5.732   -15.506 1.00 10.43 ? 152 ALA A CB  1 
ATOM   1191 N N   . TRP A 1 153 ? 4.757   6.252   -13.948 1.00 8.90  ? 153 TRP A N   1 
ATOM   1192 C CA  . TRP A 1 153 ? 5.533   7.066   -13.025 1.00 9.07  ? 153 TRP A CA  1 
ATOM   1193 C C   . TRP A 1 153 ? 6.824   7.541   -13.695 1.00 9.85  ? 153 TRP A C   1 
ATOM   1194 O O   . TRP A 1 153 ? 7.191   8.709   -13.592 1.00 10.33 ? 153 TRP A O   1 
ATOM   1195 C CB  . TRP A 1 153 ? 5.871   6.285   -11.751 1.00 8.30  ? 153 TRP A CB  1 
ATOM   1196 C CG  . TRP A 1 153 ? 4.678   5.946   -10.881 1.00 8.37  ? 153 TRP A CG  1 
ATOM   1197 C CD1 . TRP A 1 153 ? 3.394   6.416   -11.006 1.00 8.49  ? 153 TRP A CD1 1 
ATOM   1198 C CD2 . TRP A 1 153 ? 4.675   5.063   -9.747  1.00 8.13  ? 153 TRP A CD2 1 
ATOM   1199 N NE1 . TRP A 1 153 ? 2.596   5.877   -10.014 1.00 8.81  ? 153 TRP A NE1 1 
ATOM   1200 C CE2 . TRP A 1 153 ? 3.358   5.047   -9.233  1.00 7.94  ? 153 TRP A CE2 1 
ATOM   1201 C CE3 . TRP A 1 153 ? 5.659   4.283   -9.119  1.00 8.37  ? 153 TRP A CE3 1 
ATOM   1202 C CZ2 . TRP A 1 153 ? 2.998   4.278   -8.116  1.00 8.15  ? 153 TRP A CZ2 1 
ATOM   1203 C CZ3 . TRP A 1 153 ? 5.301   3.520   -8.016  1.00 8.80  ? 153 TRP A CZ3 1 
ATOM   1204 C CH2 . TRP A 1 153 ? 3.983   3.525   -7.526  1.00 9.37  ? 153 TRP A CH2 1 
ATOM   1205 N N   . LYS A 1 154 ? 7.477   6.633   -14.411 1.00 10.78 ? 154 LYS A N   1 
ATOM   1206 C CA  . LYS A 1 154 ? 8.725   6.941   -15.105 1.00 12.47 ? 154 LYS A CA  1 
ATOM   1207 C C   . LYS A 1 154 ? 8.512   8.082   -16.107 1.00 12.90 ? 154 LYS A C   1 
ATOM   1208 O O   . LYS A 1 154 ? 9.353   8.974   -16.222 1.00 12.34 ? 154 LYS A O   1 
ATOM   1209 C CB  . LYS A 1 154 ? 9.209   5.684   -15.825 1.00 14.87 ? 154 LYS A CB  1 
ATOM   1210 C CG  . LYS A 1 154 ? 10.635  5.703   -16.304 1.00 20.58 ? 154 LYS A CG  1 
ATOM   1211 C CD  . LYS A 1 154 ? 11.017  4.309   -16.811 1.00 23.50 ? 154 LYS A CD  1 
ATOM   1212 C CE  . LYS A 1 154 ? 10.661  3.238   -15.772 1.00 25.16 ? 154 LYS A CE  1 
ATOM   1213 N NZ  . LYS A 1 154 ? 11.032  1.848   -16.161 1.00 28.61 ? 154 LYS A NZ  1 
ATOM   1214 N N   . SER A 1 155 ? 7.362   8.090   -16.772 1.00 13.20 ? 155 SER A N   1 
ATOM   1215 C CA  . SER A 1 155 ? 7.055   9.124   -17.758 1.00 14.59 ? 155 SER A CA  1 
ATOM   1216 C C   . SER A 1 155 ? 6.919   10.513  -17.136 1.00 15.91 ? 155 SER A C   1 
ATOM   1217 O O   . SER A 1 155 ? 6.986   11.522  -17.843 1.00 15.72 ? 155 SER A O   1 
ATOM   1218 C CB  . SER A 1 155 ? 5.794   8.763   -18.544 1.00 16.58 ? 155 SER A CB  1 
ATOM   1219 O OG  . SER A 1 155 ? 4.617   9.063   -17.808 1.00 19.14 ? 155 SER A OG  1 
ATOM   1220 N N   . HIS A 1 156 ? 6.699   10.571  -15.823 1.00 14.66 ? 156 HIS A N   1 
ATOM   1221 C CA  . HIS A 1 156 ? 6.583   11.849  -15.127 1.00 14.83 ? 156 HIS A CA  1 
ATOM   1222 C C   . HIS A 1 156 ? 7.809   12.125  -14.259 1.00 14.85 ? 156 HIS A C   1 
ATOM   1223 O O   . HIS A 1 156 ? 7.743   12.903  -13.304 1.00 15.82 ? 156 HIS A O   1 
ATOM   1224 C CB  . HIS A 1 156 ? 5.309   11.896  -14.280 1.00 16.07 ? 156 HIS A CB  1 
ATOM   1225 C CG  . HIS A 1 156 ? 4.053   11.839  -15.084 1.00 17.79 ? 156 HIS A CG  1 
ATOM   1226 N ND1 . HIS A 1 156 ? 3.359   10.670  -15.305 1.00 18.42 ? 156 HIS A ND1 1 
ATOM   1227 C CD2 . HIS A 1 156 ? 3.375   12.807  -15.742 1.00 17.63 ? 156 HIS A CD2 1 
ATOM   1228 C CE1 . HIS A 1 156 ? 2.305   10.919  -16.060 1.00 17.71 ? 156 HIS A CE1 1 
ATOM   1229 N NE2 . HIS A 1 156 ? 2.293   12.209  -16.338 1.00 19.86 ? 156 HIS A NE2 1 
ATOM   1230 N N   . GLY A 1 157 ? 8.922   11.478  -14.591 1.00 13.46 ? 157 GLY A N   1 
ATOM   1231 C CA  . GLY A 1 157 ? 10.154  11.667  -13.843 1.00 13.69 ? 157 GLY A CA  1 
ATOM   1232 C C   . GLY A 1 157 ? 10.190  11.066  -12.439 1.00 14.02 ? 157 GLY A C   1 
ATOM   1233 O O   . GLY A 1 157 ? 11.026  11.443  -11.629 1.00 15.43 ? 157 GLY A O   1 
ATOM   1234 N N   . MET A 1 158 ? 9.302   10.118  -12.159 1.00 11.64 ? 158 MET A N   1 
ATOM   1235 C CA  . MET A 1 158 ? 9.240   9.463   -10.855 1.00 11.75 ? 158 MET A CA  1 
ATOM   1236 C C   . MET A 1 158 ? 9.918   8.109   -10.992 1.00 11.56 ? 158 MET A C   1 
ATOM   1237 O O   . MET A 1 158 ? 9.277   7.104   -11.301 1.00 11.60 ? 158 MET A O   1 
ATOM   1238 C CB  . MET A 1 158 ? 7.777   9.293   -10.426 1.00 10.25 ? 158 MET A CB  1 
ATOM   1239 C CG  . MET A 1 158 ? 7.067   10.613  -10.179 1.00 11.19 ? 158 MET A CG  1 
ATOM   1240 S SD  . MET A 1 158 ? 5.290   10.469  -10.184 1.00 11.75 ? 158 MET A SD  1 
ATOM   1241 C CE  . MET A 1 158 ? 4.969   10.004  -11.794 1.00 19.79 ? 158 MET A CE  1 
ATOM   1242 N N   . ASN A 1 159 ? 11.228  8.104   -10.789 1.00 12.11 ? 159 ASN A N   1 
ATOM   1243 C CA  . ASN A 1 159 ? 12.016  6.892   -10.920 1.00 12.75 ? 159 ASN A CA  1 
ATOM   1244 C C   . ASN A 1 159 ? 12.239  6.211   -9.588  1.00 12.47 ? 159 ASN A C   1 
ATOM   1245 O O   . ASN A 1 159 ? 12.556  6.855   -8.587  1.00 12.34 ? 159 ASN A O   1 
ATOM   1246 C CB  . ASN A 1 159 ? 13.349  7.218   -11.594 1.00 16.25 ? 159 ASN A CB  1 
ATOM   1247 C CG  . ASN A 1 159 ? 13.154  7.815   -12.975 1.00 17.84 ? 159 ASN A CG  1 
ATOM   1248 O OD1 . ASN A 1 159 ? 13.394  9.005   -13.192 1.00 22.73 ? 159 ASN A OD1 1 
ATOM   1249 N ND2 . ASN A 1 159 ? 12.631  7.017   -13.889 1.00 20.24 ? 159 ASN A ND2 1 
ATOM   1250 N N   . LEU A 1 160 ? 12.049  4.900   -9.580  1.00 12.09 ? 160 LEU A N   1 
ATOM   1251 C CA  . LEU A 1 160 ? 12.221  4.120   -8.366  1.00 13.53 ? 160 LEU A CA  1 
ATOM   1252 C C   . LEU A 1 160 ? 13.701  3.834   -8.097  1.00 14.50 ? 160 LEU A C   1 
ATOM   1253 O O   . LEU A 1 160 ? 14.539  3.982   -8.993  1.00 15.22 ? 160 LEU A O   1 
ATOM   1254 C CB  . LEU A 1 160 ? 11.405  2.825   -8.471  1.00 13.61 ? 160 LEU A CB  1 
ATOM   1255 C CG  . LEU A 1 160 ? 9.901   3.063   -8.328  1.00 13.13 ? 160 LEU A CG  1 
ATOM   1256 C CD1 . LEU A 1 160 ? 9.151   1.836   -8.764  1.00 15.00 ? 160 LEU A CD1 1 
ATOM   1257 C CD2 . LEU A 1 160 ? 9.555   3.421   -6.894  1.00 13.37 ? 160 LEU A CD2 1 
ATOM   1258 N N   . GLY A 1 161 ? 14.024  3.457   -6.863  1.00 14.43 ? 161 GLY A N   1 
ATOM   1259 C CA  . GLY A 1 161 ? 15.401  3.155   -6.513  1.00 15.47 ? 161 GLY A CA  1 
ATOM   1260 C C   . GLY A 1 161 ? 15.866  1.854   -7.138  1.00 15.86 ? 161 GLY A C   1 
ATOM   1261 O O   . GLY A 1 161 ? 15.053  1.062   -7.643  1.00 16.04 ? 161 GLY A O   1 
ATOM   1262 N N   . SER A 1 162 ? 17.170  1.597   -7.072  1.00 17.10 ? 162 SER A N   1 
ATOM   1263 C CA  . SER A 1 162 ? 17.712  0.375   -7.658  1.00 17.62 ? 162 SER A CA  1 
ATOM   1264 C C   . SER A 1 162 ? 17.720  -0.835  -6.723  1.00 17.17 ? 162 SER A C   1 
ATOM   1265 O O   . SER A 1 162 ? 17.897  -1.963  -7.174  1.00 18.06 ? 162 SER A O   1 
ATOM   1266 C CB  . SER A 1 162 ? 19.121  0.625   -8.192  1.00 18.72 ? 162 SER A CB  1 
ATOM   1267 O OG  . SER A 1 162 ? 19.952  1.115   -7.162  1.00 21.37 ? 162 SER A OG  1 
ATOM   1268 N N   . ASN A 1 163 ? 17.558  -0.611  -5.424  1.00 16.33 ? 163 ASN A N   1 
ATOM   1269 C CA  . ASN A 1 163 ? 17.555  -1.720  -4.482  1.00 16.25 ? 163 ASN A CA  1 
ATOM   1270 C C   . ASN A 1 163 ? 16.128  -1.929  -3.994  1.00 15.22 ? 163 ASN A C   1 
ATOM   1271 O O   . ASN A 1 163 ? 15.590  -1.104  -3.270  1.00 15.66 ? 163 ASN A O   1 
ATOM   1272 C CB  . ASN A 1 163 ? 18.498  -1.426  -3.310  1.00 19.97 ? 163 ASN A CB  1 
ATOM   1273 C CG  . ASN A 1 163 ? 18.583  -2.579  -2.314  1.00 24.24 ? 163 ASN A CG  1 
ATOM   1274 O OD1 . ASN A 1 163 ? 18.631  -2.365  -1.099  1.00 28.26 ? 163 ASN A OD1 1 
ATOM   1275 N ND2 . ASN A 1 163 ? 18.605  -3.806  -2.821  1.00 26.49 ? 163 ASN A ND2 1 
ATOM   1276 N N   . TRP A 1 164 ? 15.504  -3.016  -4.426  1.00 13.32 ? 164 TRP A N   1 
ATOM   1277 C CA  . TRP A 1 164 ? 14.126  -3.309  -4.045  1.00 13.06 ? 164 TRP A CA  1 
ATOM   1278 C C   . TRP A 1 164 ? 13.947  -3.996  -2.701  1.00 12.44 ? 164 TRP A C   1 
ATOM   1279 O O   . TRP A 1 164 ? 14.588  -5.014  -2.415  1.00 13.27 ? 164 TRP A O   1 
ATOM   1280 C CB  . TRP A 1 164 ? 13.459  -4.156  -5.131  1.00 13.23 ? 164 TRP A CB  1 
ATOM   1281 C CG  . TRP A 1 164 ? 13.240  -3.410  -6.407  1.00 14.26 ? 164 TRP A CG  1 
ATOM   1282 C CD1 . TRP A 1 164 ? 14.187  -3.048  -7.323  1.00 15.20 ? 164 TRP A CD1 1 
ATOM   1283 C CD2 . TRP A 1 164 ? 12.000  -2.869  -6.874  1.00 14.07 ? 164 TRP A CD2 1 
ATOM   1284 N NE1 . TRP A 1 164 ? 13.610  -2.300  -8.323  1.00 16.07 ? 164 TRP A NE1 1 
ATOM   1285 C CE2 . TRP A 1 164 ? 12.269  -2.177  -8.071  1.00 14.47 ? 164 TRP A CE2 1 
ATOM   1286 C CE3 . TRP A 1 164 ? 10.688  -2.900  -6.393  1.00 13.72 ? 164 TRP A CE3 1 
ATOM   1287 C CZ2 . TRP A 1 164 ? 11.277  -1.517  -8.787  1.00 14.45 ? 164 TRP A CZ2 1 
ATOM   1288 C CZ3 . TRP A 1 164 ? 9.712   -2.249  -7.103  1.00 14.34 ? 164 TRP A CZ3 1 
ATOM   1289 C CH2 . TRP A 1 164 ? 10.007  -1.566  -8.288  1.00 14.08 ? 164 TRP A CH2 1 
ATOM   1290 N N   . ALA A 1 165 ? 13.056  -3.445  -1.887  1.00 11.12 ? 165 ALA A N   1 
ATOM   1291 C CA  . ALA A 1 165 ? 12.738  -4.024  -0.588  1.00 10.38 ? 165 ALA A CA  1 
ATOM   1292 C C   . ALA A 1 165 ? 11.402  -4.773  -0.744  1.00 9.93  ? 165 ALA A C   1 
ATOM   1293 O O   . ALA A 1 165 ? 11.008  -5.111  -1.868  1.00 9.99  ? 165 ALA A O   1 
ATOM   1294 C CB  . ALA A 1 165 ? 12.651  -2.946  0.480   1.00 12.34 ? 165 ALA A CB  1 
ATOM   1295 N N   . TYR A 1 166 ? 10.681  -4.991  0.350   1.00 8.85  ? 166 TYR A N   1 
ATOM   1296 C CA  . TYR A 1 166 ? 9.429   -5.739  0.266   1.00 8.56  ? 166 TYR A CA  1 
ATOM   1297 C C   . TYR A 1 166 ? 8.332   -5.047  -0.544  1.00 8.63  ? 166 TYR A C   1 
ATOM   1298 O O   . TYR A 1 166 ? 8.369   -3.823  -0.760  1.00 8.87  ? 166 TYR A O   1 
ATOM   1299 C CB  . TYR A 1 166 ? 8.923   -6.130  1.664   1.00 9.10  ? 166 TYR A CB  1 
ATOM   1300 C CG  . TYR A 1 166 ? 8.575   -4.965  2.558   1.00 10.11 ? 166 TYR A CG  1 
ATOM   1301 C CD1 . TYR A 1 166 ? 7.384   -4.277  2.399   1.00 10.26 ? 166 TYR A CD1 1 
ATOM   1302 C CD2 . TYR A 1 166 ? 9.436   -4.561  3.577   1.00 9.71  ? 166 TYR A CD2 1 
ATOM   1303 C CE1 . TYR A 1 166 ? 7.045   -3.219  3.223   1.00 12.33 ? 166 TYR A CE1 1 
ATOM   1304 C CE2 . TYR A 1 166 ? 9.111   -3.500  4.414   1.00 11.71 ? 166 TYR A CE2 1 
ATOM   1305 C CZ  . TYR A 1 166 ? 7.913   -2.835  4.232   1.00 11.30 ? 166 TYR A CZ  1 
ATOM   1306 O OH  . TYR A 1 166 ? 7.559   -1.793  5.052   1.00 12.64 ? 166 TYR A OH  1 
ATOM   1307 N N   . GLN A 1 167 ? 7.336   -5.837  -0.943  1.00 8.14  ? 167 GLN A N   1 
ATOM   1308 C CA  . GLN A 1 167 ? 6.216   -5.378  -1.759  1.00 7.90  ? 167 GLN A CA  1 
ATOM   1309 C C   . GLN A 1 167 ? 5.009   -6.178  -1.274  1.00 7.36  ? 167 GLN A C   1 
ATOM   1310 O O   . GLN A 1 167 ? 4.990   -7.400  -1.423  1.00 7.43  ? 167 GLN A O   1 
ATOM   1311 C CB  . GLN A 1 167 ? 6.541   -5.709  -3.215  1.00 8.32  ? 167 GLN A CB  1 
ATOM   1312 C CG  . GLN A 1 167 ? 5.514   -5.292  -4.243  1.00 8.70  ? 167 GLN A CG  1 
ATOM   1313 C CD  . GLN A 1 167 ? 6.027   -5.567  -5.646  1.00 9.15  ? 167 GLN A CD  1 
ATOM   1314 O OE1 . GLN A 1 167 ? 6.355   -6.699  -5.981  1.00 9.97  ? 167 GLN A OE1 1 
ATOM   1315 N NE2 . GLN A 1 167 ? 6.156   -4.523  -6.447  1.00 11.15 ? 167 GLN A NE2 1 
ATOM   1316 N N   . VAL A 1 168 ? 4.026   -5.505  -0.683  1.00 6.54  ? 168 VAL A N   1 
ATOM   1317 C CA  . VAL A 1 168 ? 2.865   -6.204  -0.129  1.00 6.76  ? 168 VAL A CA  1 
ATOM   1318 C C   . VAL A 1 168 ? 1.527   -5.546  -0.437  1.00 6.78  ? 168 VAL A C   1 
ATOM   1319 O O   . VAL A 1 168 ? 1.479   -4.375  -0.809  1.00 7.22  ? 168 VAL A O   1 
ATOM   1320 C CB  . VAL A 1 168 ? 2.989   -6.299  1.436   1.00 8.06  ? 168 VAL A CB  1 
ATOM   1321 C CG1 . VAL A 1 168 ? 4.257   -7.033  1.835   1.00 7.95  ? 168 VAL A CG1 1 
ATOM   1322 C CG2 . VAL A 1 168 ? 2.984   -4.914  2.063   1.00 8.87  ? 168 VAL A CG2 1 
ATOM   1323 N N   . MET A 1 169 ? 0.446   -6.318  -0.333  1.00 6.34  ? 169 MET A N   1 
ATOM   1324 C CA  . MET A 1 169 ? -0.904  -5.768  -0.500  1.00 6.77  ? 169 MET A CA  1 
ATOM   1325 C C   . MET A 1 169 ? -1.263  -5.525  0.959   1.00 7.21  ? 169 MET A C   1 
ATOM   1326 O O   . MET A 1 169 ? -1.474  -6.475  1.735   1.00 7.47  ? 169 MET A O   1 
ATOM   1327 C CB  . MET A 1 169 ? -1.883  -6.760  -1.125  1.00 7.22  ? 169 MET A CB  1 
ATOM   1328 C CG  . MET A 1 169 ? -3.207  -6.096  -1.456  1.00 9.99  ? 169 MET A CG  1 
ATOM   1329 S SD  . MET A 1 169 ? -2.962  -4.806  -2.726  1.00 10.40 ? 169 MET A SD  1 
ATOM   1330 C CE  . MET A 1 169 ? -2.398  -5.649  -3.902  1.00 17.73 ? 169 MET A CE  1 
ATOM   1331 N N   . ALA A 1 170 ? -1.367  -4.259  1.311   1.00 6.85  ? 170 ALA A N   1 
ATOM   1332 C CA  . ALA A 1 170 ? -1.559  -3.862  2.688   1.00 6.85  ? 170 ALA A CA  1 
ATOM   1333 C C   . ALA A 1 170 ? -2.802  -3.126  3.100   1.00 7.22  ? 170 ALA A C   1 
ATOM   1334 O O   . ALA A 1 170 ? -3.536  -2.556  2.293   1.00 6.63  ? 170 ALA A O   1 
ATOM   1335 C CB  . ALA A 1 170 ? -0.347  -3.001  3.097   1.00 8.78  ? 170 ALA A CB  1 
ATOM   1336 N N   . THR A 1 171 ? -2.979  -3.122  4.416   1.00 7.03  ? 171 THR A N   1 
ATOM   1337 C CA  . THR A 1 171 ? -3.996  -2.348  5.090   1.00 6.45  ? 171 THR A CA  1 
ATOM   1338 C C   . THR A 1 171 ? -3.163  -1.359  5.938   1.00 7.07  ? 171 THR A C   1 
ATOM   1339 O O   . THR A 1 171 ? -2.331  -1.781  6.751   1.00 7.59  ? 171 THR A O   1 
ATOM   1340 C CB  . THR A 1 171 ? -4.830  -3.197  6.062   1.00 7.65  ? 171 THR A CB  1 
ATOM   1341 O OG1 . THR A 1 171 ? -5.602  -4.143  5.321   1.00 8.13  ? 171 THR A OG1 1 
ATOM   1342 C CG2 . THR A 1 171 ? -5.773  -2.295  6.871   1.00 8.24  ? 171 THR A CG2 1 
ATOM   1343 N N   . GLU A 1 172 ? -3.304  -0.061  5.682   1.00 7.36  ? 172 GLU A N   1 
ATOM   1344 C CA  . GLU A 1 172 ? -2.588  0.952   6.464   1.00 7.49  ? 172 GLU A CA  1 
ATOM   1345 C C   . GLU A 1 172 ? -3.634  1.817   7.152   1.00 8.63  ? 172 GLU A C   1 
ATOM   1346 O O   . GLU A 1 172 ? -4.649  2.153   6.548   1.00 9.50  ? 172 GLU A O   1 
ATOM   1347 C CB  . GLU A 1 172 ? -1.697  1.849   5.581   1.00 8.55  ? 172 GLU A CB  1 
ATOM   1348 C CG  . GLU A 1 172 ? -1.175  3.046   6.377   1.00 10.54 ? 172 GLU A CG  1 
ATOM   1349 C CD  . GLU A 1 172 ? -0.028  3.802   5.729   1.00 13.00 ? 172 GLU A CD  1 
ATOM   1350 O OE1 . GLU A 1 172 ? 0.378   3.448   4.608   1.00 12.74 ? 172 GLU A OE1 1 
ATOM   1351 O OE2 . GLU A 1 172 ? 0.472   4.753   6.369   1.00 14.39 ? 172 GLU A OE2 1 
ATOM   1352 N N   . GLY A 1 173 ? -3.416  2.155   8.415   1.00 8.12  ? 173 GLY A N   1 
ATOM   1353 C CA  . GLY A 1 173 ? -4.377  2.996   9.101   1.00 8.57  ? 173 GLY A CA  1 
ATOM   1354 C C   . GLY A 1 173 ? -3.679  4.108   9.840   1.00 8.68  ? 173 GLY A C   1 
ATOM   1355 O O   . GLY A 1 173 ? -2.479  4.016   10.110  1.00 9.23  ? 173 GLY A O   1 
ATOM   1356 N N   . TYR A 1 174 ? -4.412  5.181   10.107  1.00 9.42  ? 174 TYR A N   1 
ATOM   1357 C CA  . TYR A 1 174 ? -3.877  6.309   10.845  1.00 10.23 ? 174 TYR A CA  1 
ATOM   1358 C C   . TYR A 1 174 ? -4.964  6.878   11.736  1.00 9.94  ? 174 TYR A C   1 
ATOM   1359 O O   . TYR A 1 174 ? -5.979  7.374   11.247  1.00 10.06 ? 174 TYR A O   1 
ATOM   1360 C CB  . TYR A 1 174 ? -3.367  7.407   9.911   1.00 12.94 ? 174 TYR A CB  1 
ATOM   1361 C CG  . TYR A 1 174 ? -2.751  8.539   10.689  1.00 16.64 ? 174 TYR A CG  1 
ATOM   1362 C CD1 . TYR A 1 174 ? -1.635  8.324   11.497  1.00 18.33 ? 174 TYR A CD1 1 
ATOM   1363 C CD2 . TYR A 1 174 ? -3.314  9.810   10.669  1.00 18.29 ? 174 TYR A CD2 1 
ATOM   1364 C CE1 . TYR A 1 174 ? -1.099  9.345   12.271  1.00 20.67 ? 174 TYR A CE1 1 
ATOM   1365 C CE2 . TYR A 1 174 ? -2.783  10.835  11.435  1.00 19.79 ? 174 TYR A CE2 1 
ATOM   1366 C CZ  . TYR A 1 174 ? -1.677  10.597  12.233  1.00 20.67 ? 174 TYR A CZ  1 
ATOM   1367 O OH  . TYR A 1 174 ? -1.141  11.623  12.986  1.00 24.51 ? 174 TYR A OH  1 
ATOM   1368 N N   . GLN A 1 175 ? -4.756  6.765   13.049  1.00 9.85  ? 175 GLN A N   1 
ATOM   1369 C CA  . GLN A 1 175 ? -5.694  7.258   14.064  1.00 10.64 ? 175 GLN A CA  1 
ATOM   1370 C C   . GLN A 1 175 ? -7.142  6.907   13.729  1.00 10.14 ? 175 GLN A C   1 
ATOM   1371 O O   . GLN A 1 175 ? -8.021  7.772   13.661  1.00 11.13 ? 175 GLN A O   1 
ATOM   1372 C CB  . GLN A 1 175 ? -5.515  8.763   14.265  1.00 13.22 ? 175 GLN A CB  1 
ATOM   1373 C CG  . GLN A 1 175 ? -4.113  9.110   14.747  1.00 16.06 ? 175 GLN A CG  1 
ATOM   1374 C CD  . GLN A 1 175 ? -3.986  10.518  15.304  1.00 19.75 ? 175 GLN A CD  1 
ATOM   1375 O OE1 . GLN A 1 175 ? -3.023  10.820  16.020  1.00 21.12 ? 175 GLN A OE1 1 
ATOM   1376 N NE2 . GLN A 1 175 ? -4.939  11.386  14.976  1.00 20.28 ? 175 GLN A NE2 1 
ATOM   1377 N N   . SER A 1 176 ? -7.396  5.613   13.585  1.00 10.09 ? 176 SER A N   1 
ATOM   1378 C CA  . SER A 1 176 ? -8.720  5.152   13.216  1.00 8.85  ? 176 SER A CA  1 
ATOM   1379 C C   . SER A 1 176 ? -8.997  3.759   13.794  1.00 8.86  ? 176 SER A C   1 
ATOM   1380 O O   . SER A 1 176 ? -8.218  3.240   14.613  1.00 9.01  ? 176 SER A O   1 
ATOM   1381 C CB  . SER A 1 176 ? -8.820  5.123   11.680  1.00 10.01 ? 176 SER A CB  1 
ATOM   1382 O OG  . SER A 1 176 ? -7.926  4.170   11.109  1.00 10.48 ? 176 SER A OG  1 
ATOM   1383 N N   . SER A 1 177 ? -10.121 3.186   13.384  1.00 9.15  ? 177 SER A N   1 
ATOM   1384 C CA  . SER A 1 177 ? -10.536 1.853   13.806  1.00 8.73  ? 177 SER A CA  1 
ATOM   1385 C C   . SER A 1 177 ? -11.135 1.183   12.587  1.00 9.80  ? 177 SER A C   1 
ATOM   1386 O O   . SER A 1 177 ? -11.493 1.866   11.621  1.00 9.58  ? 177 SER A O   1 
ATOM   1387 C CB  . SER A 1 177 ? -11.604 1.948   14.892  1.00 9.68  ? 177 SER A CB  1 
ATOM   1388 O OG  . SER A 1 177 ? -11.130 2.695   16.002  1.00 11.63 ? 177 SER A OG  1 
ATOM   1389 N N   . GLY A 1 178 ? -11.206 -0.143  12.598  1.00 9.52  ? 178 GLY A N   1 
ATOM   1390 C CA  . GLY A 1 178 ? -11.794 -0.837  11.466  1.00 9.40  ? 178 GLY A CA  1 
ATOM   1391 C C   . GLY A 1 178 ? -11.426 -2.300  11.405  1.00 9.32  ? 178 GLY A C   1 
ATOM   1392 O O   . GLY A 1 178 ? -10.834 -2.832  12.344  1.00 9.25  ? 178 GLY A O   1 
ATOM   1393 N N   . SER A 1 179 ? -11.755 -2.931  10.284  1.00 9.31  ? 179 SER A N   1 
ATOM   1394 C CA  . SER A 1 179 ? -11.465 -4.343  10.059  1.00 9.56  ? 179 SER A CA  1 
ATOM   1395 C C   . SER A 1 179 ? -11.210 -4.590  8.582   1.00 8.38  ? 179 SER A C   1 
ATOM   1396 O O   . SER A 1 179 ? -11.740 -3.881  7.730   1.00 9.76  ? 179 SER A O   1 
ATOM   1397 C CB  . SER A 1 179 ? -12.661 -5.218  10.469  1.00 11.69 ? 179 SER A CB  1 
ATOM   1398 O OG  . SER A 1 179 ? -12.811 -5.257  11.872  1.00 19.66 ? 179 SER A OG  1 
ATOM   1399 N N   . SER A 1 180 ? -10.358 -5.557  8.292   1.00 9.09  ? 180 SER A N   1 
ATOM   1400 C CA  . SER A 1 180 ? -10.078 -5.961  6.928   1.00 8.30  ? 180 SER A CA  1 
ATOM   1401 C C   . SER A 1 180 ? -9.687  -7.430  6.934   1.00 8.95  ? 180 SER A C   1 
ATOM   1402 O O   . SER A 1 180 ? -9.226  -7.973  7.951   1.00 9.91  ? 180 SER A O   1 
ATOM   1403 C CB  . SER A 1 180 ? -8.956  -5.137  6.285   1.00 10.00 ? 180 SER A CB  1 
ATOM   1404 O OG  . SER A 1 180 ? -7.688  -5.477  6.823   1.00 12.48 ? 180 SER A OG  1 
ATOM   1405 N N   . ASN A 1 181 ? -9.935  -8.085  5.814   1.00 8.69  ? 181 ASN A N   1 
ATOM   1406 C CA  . ASN A 1 181 ? -9.587  -9.485  5.630   1.00 8.35  ? 181 ASN A CA  1 
ATOM   1407 C C   . ASN A 1 181 ? -9.247  -9.517  4.146   1.00 8.49  ? 181 ASN A C   1 
ATOM   1408 O O   . ASN A 1 181 ? -10.093 -9.205  3.299   1.00 8.43  ? 181 ASN A O   1 
ATOM   1409 C CB  . ASN A 1 181 ? -10.776 -10.399 5.952   1.00 9.25  ? 181 ASN A CB  1 
ATOM   1410 C CG  . ASN A 1 181 ? -10.381 -11.853 5.984   1.00 10.25 ? 181 ASN A CG  1 
ATOM   1411 O OD1 . ASN A 1 181 ? -9.836  -12.372 5.015   1.00 11.81 ? 181 ASN A OD1 1 
ATOM   1412 N ND2 . ASN A 1 181 ? -10.625 -12.514 7.108   1.00 12.56 ? 181 ASN A ND2 1 
ATOM   1413 N N   . VAL A 1 182 ? -7.995  -9.838  3.846   1.00 7.48  ? 182 VAL A N   1 
ATOM   1414 C CA  . VAL A 1 182 ? -7.499  -9.819  2.479   1.00 7.14  ? 182 VAL A CA  1 
ATOM   1415 C C   . VAL A 1 182 ? -6.688  -11.070 2.156   1.00 7.92  ? 182 VAL A C   1 
ATOM   1416 O O   . VAL A 1 182 ? -5.912  -11.554 2.989   1.00 7.72  ? 182 VAL A O   1 
ATOM   1417 C CB  . VAL A 1 182 ? -6.566  -8.598  2.271   1.00 8.14  ? 182 VAL A CB  1 
ATOM   1418 C CG1 . VAL A 1 182 ? -6.182  -8.446  0.792   1.00 9.79  ? 182 VAL A CG1 1 
ATOM   1419 C CG2 . VAL A 1 182 ? -7.216  -7.312  2.798   1.00 7.87  ? 182 VAL A CG2 1 
ATOM   1420 N N   . THR A 1 183 ? -6.833  -11.551 0.927   1.00 6.92  ? 183 THR A N   1 
ATOM   1421 C CA  . THR A 1 183 ? -6.100  -12.717 0.446   1.00 7.18  ? 183 THR A CA  1 
ATOM   1422 C C   . THR A 1 183 ? -5.286  -12.238 -0.751  1.00 7.50  ? 183 THR A C   1 
ATOM   1423 O O   . THR A 1 183 ? -5.837  -11.607 -1.656  1.00 7.52  ? 183 THR A O   1 
ATOM   1424 C CB  . THR A 1 183 ? -7.078  -13.844 0.057   1.00 8.18  ? 183 THR A CB  1 
ATOM   1425 O OG1 . THR A 1 183 ? -7.859  -14.175 1.213   1.00 9.68  ? 183 THR A OG1 1 
ATOM   1426 C CG2 . THR A 1 183 ? -6.321  -15.093 -0.421  1.00 8.45  ? 183 THR A CG2 1 
ATOM   1427 N N   . VAL A 1 184 ? -3.985  -12.509 -0.728  1.00 7.37  ? 184 VAL A N   1 
ATOM   1428 C CA  . VAL A 1 184 ? -3.044  -12.056 -1.758  1.00 7.85  ? 184 VAL A CA  1 
ATOM   1429 C C   . VAL A 1 184 ? -2.371  -13.225 -2.463  1.00 8.56  ? 184 VAL A C   1 
ATOM   1430 O O   . VAL A 1 184 ? -2.022  -14.211 -1.810  1.00 8.70  ? 184 VAL A O   1 
ATOM   1431 C CB  . VAL A 1 184 ? -1.929  -11.225 -1.081  1.00 8.79  ? 184 VAL A CB  1 
ATOM   1432 C CG1 . VAL A 1 184 ? -1.029  -10.571 -2.123  1.00 9.37  ? 184 VAL A CG1 1 
ATOM   1433 C CG2 . VAL A 1 184 ? -2.541  -10.185 -0.171  1.00 9.24  ? 184 VAL A CG2 1 
ATOM   1434 N N   . TRP A 1 185 ? -2.199  -13.124 -3.784  1.00 8.57  ? 185 TRP A N   1 
ATOM   1435 C CA  . TRP A 1 185 ? -1.516  -14.161 -4.559  1.00 9.45  ? 185 TRP A CA  1 
ATOM   1436 C C   . TRP A 1 185 ? -0.931  -13.583 -5.857  1.00 9.76  ? 185 TRP A C   1 
ATOM   1437 O O   . TRP A 1 185 ? -1.091  -12.369 -6.104  1.00 9.60  ? 185 TRP A O   1 
ATOM   1438 C CB  . TRP A 1 185 ? -2.431  -15.370 -4.847  1.00 9.69  ? 185 TRP A CB  1 
ATOM   1439 C CG  . TRP A 1 185 ? -3.575  -15.127 -5.804  1.00 10.63 ? 185 TRP A CG  1 
ATOM   1440 C CD1 . TRP A 1 185 ? -3.624  -15.461 -7.133  1.00 11.78 ? 185 TRP A CD1 1 
ATOM   1441 C CD2 . TRP A 1 185 ? -4.855  -14.557 -5.491  1.00 11.09 ? 185 TRP A CD2 1 
ATOM   1442 N NE1 . TRP A 1 185 ? -4.854  -15.144 -7.660  1.00 12.12 ? 185 TRP A NE1 1 
ATOM   1443 C CE2 . TRP A 1 185 ? -5.630  -14.589 -6.673  1.00 11.27 ? 185 TRP A CE2 1 
ATOM   1444 C CE3 . TRP A 1 185 ? -5.422  -14.026 -4.329  1.00 10.48 ? 185 TRP A CE3 1 
ATOM   1445 C CZ2 . TRP A 1 185 ? -6.943  -14.108 -6.722  1.00 11.89 ? 185 TRP A CZ2 1 
ATOM   1446 C CZ3 . TRP A 1 185 ? -6.730  -13.552 -4.382  1.00 11.85 ? 185 TRP A CZ3 1 
ATOM   1447 C CH2 . TRP A 1 185 ? -7.473  -13.598 -5.572  1.00 11.64 ? 185 TRP A CH2 1 
ATOM   1448 O OXT . TRP A 1 185 ? -0.280  -14.346 -6.593  1.00 12.68 ? 185 TRP A OXT 1 
HETATM 1449 S S   . SO4 B 2 .   ? 1.592   -18.032 -10.065 1.00 58.25 ? 191 SO4 A S   1 
HETATM 1450 O O1  . SO4 B 2 .   ? 2.044   -18.896 -9.008  1.00 58.10 ? 191 SO4 A O1  1 
HETATM 1451 O O2  . SO4 B 2 .   ? 2.538   -16.932 -10.264 1.00 57.34 ? 191 SO4 A O2  1 
HETATM 1452 O O3  . SO4 B 2 .   ? 0.312   -17.502 -9.630  1.00 57.68 ? 191 SO4 A O3  1 
HETATM 1453 O O4  . SO4 B 2 .   ? 1.423   -18.805 -11.271 1.00 57.44 ? 191 SO4 A O4  1 
HETATM 1454 O O   . HOH C 3 .   ? -3.918  -1.060  -10.938 1.00 7.62  ? 200 HOH A O   1 
HETATM 1455 O O   . HOH C 3 .   ? -9.583  12.809  -8.999  1.00 11.00 ? 201 HOH A O   1 
HETATM 1456 O O   . HOH C 3 .   ? 3.762   -11.663 -11.089 1.00 13.55 ? 202 HOH A O   1 
HETATM 1457 O O   . HOH C 3 .   ? -7.499  13.999  -11.711 1.00 10.52 ? 203 HOH A O   1 
HETATM 1458 O O   . HOH C 3 .   ? 2.979   -5.923  -13.769 1.00 13.78 ? 204 HOH A O   1 
HETATM 1459 O O   . HOH C 3 .   ? -11.435 -7.331  -3.533  1.00 7.63  ? 205 HOH A O   1 
HETATM 1460 O O   . HOH C 3 .   ? -8.568  -0.645  -10.836 1.00 11.51 ? 206 HOH A O   1 
HETATM 1461 O O   . HOH C 3 .   ? -11.190 11.494  -7.144  1.00 13.85 ? 207 HOH A O   1 
HETATM 1462 O O   . HOH C 3 .   ? -14.095 -0.145  -1.766  1.00 12.26 ? 208 HOH A O   1 
HETATM 1463 O O   . HOH C 3 .   ? -8.767  6.970   4.420   1.00 10.78 ? 209 HOH A O   1 
HETATM 1464 O O   . HOH C 3 .   ? 2.993   -6.862  -16.528 1.00 14.77 ? 210 HOH A O   1 
HETATM 1465 O O   . HOH C 3 .   ? 9.364   -2.922  -3.291  1.00 9.35  ? 211 HOH A O   1 
HETATM 1466 O O   . HOH C 3 .   ? -12.575 7.604   -12.896 1.00 23.27 ? 212 HOH A O   1 
HETATM 1467 O O   . HOH C 3 .   ? -8.971  12.224  -15.247 1.00 15.21 ? 213 HOH A O   1 
HETATM 1468 O O   . HOH C 3 .   ? 5.207   7.197   5.763   1.00 17.68 ? 214 HOH A O   1 
HETATM 1469 O O   . HOH C 3 .   ? -11.261 -2.208  -11.690 1.00 17.76 ? 215 HOH A O   1 
HETATM 1470 O O   . HOH C 3 .   ? -10.761 -15.582 -4.359  1.00 25.62 ? 216 HOH A O   1 
HETATM 1471 O O   . HOH C 3 .   ? -10.825 -4.665  -4.439  1.00 13.22 ? 218 HOH A O   1 
HETATM 1472 O O   . HOH C 3 .   ? 13.696  9.986   -1.046  1.00 18.54 ? 219 HOH A O   1 
HETATM 1473 O O   . HOH C 3 .   ? -19.525 0.741   12.419  1.00 13.95 ? 220 HOH A O   1 
HETATM 1474 O O   . HOH C 3 .   ? 8.999   4.412   -11.901 1.00 12.89 ? 221 HOH A O   1 
HETATM 1475 O O   . HOH C 3 .   ? -6.094  15.644  -8.138  1.00 14.38 ? 222 HOH A O   1 
HETATM 1476 O O   . HOH C 3 .   ? 14.270  17.473  5.785   1.00 15.09 ? 224 HOH A O   1 
HETATM 1477 O O   . HOH C 3 .   ? -11.540 11.400  -14.717 1.00 19.85 ? 225 HOH A O   1 
HETATM 1478 O O   . HOH C 3 .   ? -9.740  -15.315 7.043   1.00 20.65 ? 226 HOH A O   1 
HETATM 1479 O O   . HOH C 3 .   ? 7.984   -12.504 6.584   1.00 26.73 ? 227 HOH A O   1 
HETATM 1480 O O   . HOH C 3 .   ? -15.451 -6.742  0.840   1.00 23.77 ? 228 HOH A O   1 
HETATM 1481 O O   . HOH C 3 .   ? 1.522   2.769   -18.148 1.00 19.70 ? 229 HOH A O   1 
HETATM 1482 O O   . HOH C 3 .   ? -14.184 -16.111 -7.609  1.00 22.32 ? 230 HOH A O   1 
HETATM 1483 O O   . HOH C 3 .   ? -4.669  -2.882  -17.493 1.00 27.17 ? 231 HOH A O   1 
HETATM 1484 O O   . HOH C 3 .   ? -9.689  8.503   11.127  1.00 18.25 ? 232 HOH A O   1 
HETATM 1485 O O   . HOH C 3 .   ? -4.178  5.539   6.438   1.00 19.48 ? 235 HOH A O   1 
HETATM 1486 O O   . HOH C 3 .   ? -8.628  -6.938  -12.493 1.00 28.09 ? 236 HOH A O   1 
HETATM 1487 O O   . HOH C 3 .   ? -1.651  19.310  -7.363  1.00 26.33 ? 237 HOH A O   1 
HETATM 1488 O O   . HOH C 3 .   ? -15.453 6.549   -4.616  1.00 20.62 ? 238 HOH A O   1 
HETATM 1489 O O   . HOH C 3 .   ? -14.559 -12.405 -1.162  1.00 35.14 ? 240 HOH A O   1 
HETATM 1490 O O   . HOH C 3 .   ? -11.659 4.592   -11.370 1.00 19.78 ? 241 HOH A O   1 
HETATM 1491 O O   . HOH C 3 .   ? -0.272  16.043  -16.259 1.00 35.98 ? 242 HOH A O   1 
HETATM 1492 O O   . HOH C 3 .   ? -1.587  6.820   6.789   1.00 24.14 ? 243 HOH A O   1 
HETATM 1493 O O   . HOH C 3 .   ? -0.707  2.066   15.647  1.00 16.06 ? 244 HOH A O   1 
HETATM 1494 O O   . HOH C 3 .   ? 4.121   -12.979 -8.207  1.00 23.58 ? 246 HOH A O   1 
HETATM 1495 O O   . HOH C 3 .   ? 10.325  -12.445 -2.895  1.00 21.68 ? 247 HOH A O   1 
HETATM 1496 O O   . HOH C 3 .   ? -11.004 12.727  1.142   1.00 24.79 ? 248 HOH A O   1 
HETATM 1497 O O   . HOH C 3 .   ? 16.898  -5.255  -5.714  1.00 28.78 ? 249 HOH A O   1 
HETATM 1498 O O   . HOH C 3 .   ? 1.656   7.641   4.186   1.00 20.25 ? 300 HOH A O   1 
HETATM 1499 O O   . HOH C 3 .   ? 11.465  3.409   -12.060 1.00 16.87 ? 301 HOH A O   1 
HETATM 1500 O O   . HOH C 3 .   ? 1.334   -12.595 -8.116  1.00 19.10 ? 302 HOH A O   1 
HETATM 1501 O O   . HOH C 3 .   ? 17.420  12.842  7.568   1.00 26.30 ? 303 HOH A O   1 
HETATM 1502 O O   . HOH C 3 .   ? -4.846  18.110  -7.355  1.00 21.91 ? 304 HOH A O   1 
HETATM 1503 O O   . HOH C 3 .   ? 16.705  -2.520  -9.704  1.00 46.17 ? 305 HOH A O   1 
HETATM 1504 O O   . HOH C 3 .   ? 3.460   4.659   6.077   1.00 22.63 ? 306 HOH A O   1 
HETATM 1505 O O   . HOH C 3 .   ? -9.758  13.654  -3.623  1.00 24.11 ? 307 HOH A O   1 
HETATM 1506 O O   . HOH C 3 .   ? 8.093   -2.119  -15.440 1.00 25.78 ? 308 HOH A O   1 
HETATM 1507 O O   . HOH C 3 .   ? 5.911   14.656  7.189   1.00 26.16 ? 309 HOH A O   1 
HETATM 1508 O O   . HOH C 3 .   ? -0.344  -0.859  18.201  1.00 22.72 ? 310 HOH A O   1 
HETATM 1509 O O   . HOH C 3 .   ? -0.876  9.110   4.267   1.00 26.25 ? 312 HOH A O   1 
HETATM 1510 O O   . HOH C 3 .   ? -14.096 9.311   -5.432  1.00 21.29 ? 313 HOH A O   1 
HETATM 1511 O O   . HOH C 3 .   ? 1.683   -1.508  -22.334 1.00 56.28 ? 314 HOH A O   1 
HETATM 1512 O O   . HOH C 3 .   ? 2.123   11.805  3.148   1.00 27.22 ? 316 HOH A O   1 
HETATM 1513 O O   . HOH C 3 .   ? -17.471 -2.759  -2.564  1.00 30.40 ? 317 HOH A O   1 
HETATM 1514 O O   . HOH C 3 .   ? -11.450 -17.787 -1.060  1.00 44.92 ? 318 HOH A O   1 
HETATM 1515 O O   . HOH C 3 .   ? 0.677   -5.448  15.316  1.00 39.29 ? 320 HOH A O   1 
HETATM 1516 O O   . HOH C 3 .   ? 11.605  18.917  0.368   1.00 25.89 ? 321 HOH A O   1 
HETATM 1517 O O   . HOH C 3 .   ? -1.285  -8.384  16.152  1.00 34.01 ? 322 HOH A O   1 
HETATM 1518 O O   . HOH C 3 .   ? -16.376 -5.625  3.245   1.00 26.45 ? 324 HOH A O   1 
HETATM 1519 O O   . HOH C 3 .   ? -1.811  -3.664  19.554  1.00 32.32 ? 325 HOH A O   1 
HETATM 1520 O O   . HOH C 3 .   ? -1.064  11.466  0.463   1.00 28.85 ? 326 HOH A O   1 
HETATM 1521 O O   . HOH C 3 .   ? 3.161   -14.179 3.512   1.00 24.18 ? 328 HOH A O   1 
HETATM 1522 O O   . HOH C 3 .   ? -13.111 2.845   17.849  1.00 33.14 ? 329 HOH A O   1 
HETATM 1523 O O   . HOH C 3 .   ? -8.711  1.199   21.522  1.00 30.74 ? 330 HOH A O   1 
HETATM 1524 O O   . HOH C 3 .   ? 16.732  17.146  6.851   1.00 29.55 ? 331 HOH A O   1 
HETATM 1525 O O   . HOH C 3 .   ? -10.753 5.457   16.168  1.00 25.48 ? 332 HOH A O   1 
HETATM 1526 O O   . HOH C 3 .   ? 9.004   -1.189  7.331   1.00 29.04 ? 333 HOH A O   1 
HETATM 1527 O O   . HOH C 3 .   ? 4.586   7.012   10.403  1.00 36.54 ? 334 HOH A O   1 
HETATM 1528 O O   . HOH C 3 .   ? 17.522  1.991   12.870  1.00 30.84 ? 335 HOH A O   1 
HETATM 1529 O O   . HOH C 3 .   ? 0.997   -17.559 0.195   1.00 23.84 ? 336 HOH A O   1 
HETATM 1530 O O   . HOH C 3 .   ? -11.210 -8.728  10.070  1.00 25.43 ? 337 HOH A O   1 
HETATM 1531 O O   . HOH C 3 .   ? -6.284  -18.639 8.044   1.00 37.61 ? 338 HOH A O   1 
HETATM 1532 O O   . HOH C 3 .   ? -14.239 4.193   15.544  1.00 42.75 ? 339 HOH A O   1 
HETATM 1533 O O   . HOH C 3 .   ? -7.131  -16.905 9.965   1.00 38.43 ? 340 HOH A O   1 
HETATM 1534 O O   . HOH C 3 .   ? 13.501  -6.675  -8.425  1.00 26.51 ? 342 HOH A O   1 
HETATM 1535 O O   . HOH C 3 .   ? -15.677 -1.762  -0.193  1.00 21.74 ? 343 HOH A O   1 
HETATM 1536 O O   . HOH C 3 .   ? -8.948  13.922  -0.479  1.00 30.36 ? 347 HOH A O   1 
HETATM 1537 O O   . HOH C 3 .   ? -2.667  5.130   -18.975 1.00 28.86 ? 348 HOH A O   1 
HETATM 1538 O O   . HOH C 3 .   ? -14.620 2.343   2.183   1.00 30.12 ? 351 HOH A O   1 
HETATM 1539 O O   . HOH C 3 .   ? -12.183 -11.179 9.174   1.00 29.45 ? 352 HOH A O   1 
HETATM 1540 O O   . HOH C 3 .   ? -1.978  2.749   23.067  1.00 28.33 ? 353 HOH A O   1 
HETATM 1541 O O   . HOH C 3 .   ? 19.460  5.414   10.932  1.00 41.94 ? 354 HOH A O   1 
HETATM 1542 O O   . HOH C 3 .   ? -7.874  -16.026 -9.857  1.00 32.63 ? 355 HOH A O   1 
HETATM 1543 O O   . HOH C 3 .   ? -15.113 11.745  4.365   1.00 37.79 ? 357 HOH A O   1 
HETATM 1544 O O   . HOH C 3 .   ? 5.566   -3.144  14.967  1.00 34.67 ? 358 HOH A O   1 
HETATM 1545 O O   . HOH C 3 .   ? 14.809  6.452   8.758   1.00 30.98 ? 359 HOH A O   1 
HETATM 1546 O O   . HOH C 3 .   ? -6.400  -6.678  -15.153 1.00 36.38 ? 360 HOH A O   1 
HETATM 1547 O O   . HOH C 3 .   ? -1.276  1.823   -18.543 1.00 30.92 ? 361 HOH A O   1 
HETATM 1548 O O   . HOH C 3 .   ? 3.497   -14.516 12.058  1.00 36.92 ? 362 HOH A O   1 
HETATM 1549 O O   . HOH C 3 .   ? -14.634 8.377   0.959   1.00 52.86 ? 364 HOH A O   1 
HETATM 1550 O O   . HOH C 3 .   ? -7.740  -9.918  12.788  1.00 38.40 ? 366 HOH A O   1 
HETATM 1551 O O   . HOH C 3 .   ? 7.026   18.293  -7.227  1.00 46.82 ? 367 HOH A O   1 
HETATM 1552 O O   . HOH C 3 .   ? 11.209  -10.331 -7.039  1.00 51.61 ? 368 HOH A O   1 
HETATM 1553 O O   . HOH C 3 .   ? 7.019   14.261  -18.777 1.00 36.46 ? 369 HOH A O   1 
HETATM 1554 O O   . HOH C 3 .   ? 18.713  5.591   6.305   1.00 41.49 ? 380 HOH A O   1 
HETATM 1555 O O   . HOH C 3 .   ? -9.606  -10.189 -11.713 1.00 33.00 ? 383 HOH A O   1 
HETATM 1556 O O   . HOH C 3 .   ? 13.923  9.128   -7.640  1.00 50.16 ? 397 HOH A O   1 
HETATM 1557 O O   . HOH C 3 .   ? 11.787  0.536   -11.689 1.00 23.93 ? 400 HOH A O   1 
HETATM 1558 O O   . HOH C 3 .   ? 17.470  8.165   -0.377  1.00 37.63 ? 401 HOH A O   1 
HETATM 1559 O O   . HOH C 3 .   ? -9.328  -16.512 1.258   1.00 25.60 ? 402 HOH A O   1 
HETATM 1560 O O   . HOH C 3 .   ? -3.149  15.516  -16.436 1.00 27.24 ? 403 HOH A O   1 
HETATM 1561 O O   . HOH C 3 .   ? 3.419   -2.101  -18.509 1.00 27.62 ? 405 HOH A O   1 
HETATM 1562 O O   . HOH C 3 .   ? 18.755  4.508   0.159   1.00 26.71 ? 406 HOH A O   1 
HETATM 1563 O O   . HOH C 3 .   ? 12.095  9.333   -15.838 1.00 29.41 ? 407 HOH A O   1 
HETATM 1564 O O   . HOH C 3 .   ? -10.031 -12.336 2.144   1.00 25.20 ? 408 HOH A O   1 
HETATM 1565 O O   . HOH C 3 .   ? -7.837  10.650  -17.203 1.00 43.61 ? 410 HOH A O   1 
HETATM 1566 O O   . HOH C 3 .   ? -8.670  -12.512 16.538  1.00 42.36 ? 411 HOH A O   1 
HETATM 1567 O O   . HOH C 3 .   ? -11.409 -13.175 -0.049  1.00 42.50 ? 412 HOH A O   1 
HETATM 1568 O O   . HOH C 3 .   ? -11.756 -3.153  15.374  1.00 31.90 ? 413 HOH A O   1 
HETATM 1569 O O   . HOH C 3 .   ? -11.998 13.039  -5.123  1.00 32.43 ? 414 HOH A O   1 
HETATM 1570 O O   . HOH C 3 .   ? 6.394   6.600   8.213   1.00 33.73 ? 416 HOH A O   1 
HETATM 1571 O O   . HOH C 3 .   ? 5.551   16.901  -4.356  1.00 38.68 ? 417 HOH A O   1 
HETATM 1572 O O   . HOH C 3 .   ? -10.411 -15.238 -1.542  1.00 42.28 ? 418 HOH A O   1 
HETATM 1573 O O   . HOH C 3 .   ? -0.991  -22.267 4.518   1.00 56.56 ? 419 HOH A O   1 
HETATM 1574 O O   . HOH C 3 .   ? 6.963   -6.893  9.555   1.00 38.63 ? 420 HOH A O   1 
HETATM 1575 O O   . HOH C 3 .   ? -7.625  -1.130  -17.861 1.00 34.16 ? 425 HOH A O   1 
HETATM 1576 O O   . HOH C 3 .   ? -14.165 11.928  9.057   1.00 49.01 ? 428 HOH A O   1 
HETATM 1577 O O   . HOH C 3 .   ? -3.163  -11.923 16.243  1.00 43.83 ? 429 HOH A O   1 
HETATM 1578 O O   . HOH C 3 .   ? 4.458   16.565  0.636   1.00 27.31 ? 501 HOH A O   1 
HETATM 1579 O O   . HOH C 3 .   ? -6.596  -14.448 8.744   1.00 28.41 ? 502 HOH A O   1 
HETATM 1580 O O   . HOH C 3 .   ? 13.959  2.427   14.802  1.00 45.50 ? 503 HOH A O   1 
HETATM 1581 O O   . HOH C 3 .   ? -15.947 -0.841  10.579  1.00 43.97 ? 504 HOH A O   1 
HETATM 1582 O O   . HOH C 3 .   ? 13.701  12.121  -13.182 1.00 45.19 ? 505 HOH A O   1 
HETATM 1583 O O   . HOH C 3 .   ? 8.682   17.000  10.673  1.00 46.15 ? 508 HOH A O   1 
HETATM 1584 O O   . HOH C 3 .   ? 14.392  0.404   -10.282 1.00 36.55 ? 509 HOH A O   1 
HETATM 1585 O O   . HOH C 3 .   ? -9.636  -13.120 -11.531 1.00 39.42 ? 511 HOH A O   1 
HETATM 1586 O O   . HOH C 3 .   ? 13.014  10.290  -10.082 1.00 30.92 ? 513 HOH A O   1 
HETATM 1587 O O   . HOH C 3 .   ? 19.829  -0.429  5.295   1.00 40.45 ? 514 HOH A O   1 
HETATM 1588 O O   . HOH C 3 .   ? -7.209  9.913   11.458  1.00 36.31 ? 515 HOH A O   1 
HETATM 1589 O O   . HOH C 3 .   ? -9.792  11.541  -20.304 1.00 50.28 ? 518 HOH A O   1 
HETATM 1590 O O   . HOH C 3 .   ? 13.839  11.636  -16.125 1.00 51.59 ? 521 HOH A O   1 
HETATM 1591 O O   . HOH C 3 .   ? 6.051   0.325   6.985   1.00 40.32 ? 524 HOH A O   1 
HETATM 1592 O O   . HOH C 3 .   ? 15.145  4.314   16.805  1.00 41.82 ? 525 HOH A O   1 
HETATM 1593 O O   . HOH C 3 .   ? 5.089   10.351  11.831  1.00 53.45 ? 528 HOH A O   1 
HETATM 1594 O O   . HOH C 3 .   ? 2.668   -15.836 5.990   1.00 57.86 ? 529 HOH A O   1 
HETATM 1595 O O   . HOH C 3 .   ? 6.868   20.241  1.442   1.00 42.53 ? 530 HOH A O   1 
HETATM 1596 O O   . HOH C 3 .   ? 17.460  -0.661  12.715  1.00 45.40 ? 531 HOH A O   1 
HETATM 1597 O O   . HOH C 3 .   ? 15.798  10.081  0.717   1.00 47.75 ? 532 HOH A O   1 
HETATM 1598 O O   . HOH C 3 .   ? 15.914  0.253   14.786  1.00 41.72 ? 533 HOH A O   1 
HETATM 1599 O O   . HOH C 3 .   ? -0.313  20.180  -9.643  1.00 45.98 ? 534 HOH A O   1 
HETATM 1600 O O   . HOH C 3 .   ? 1.016   18.301  -14.935 1.00 51.79 ? 535 HOH A O   1 
HETATM 1601 O O   . HOH C 3 .   ? -13.460 -15.909 -3.268  1.00 51.96 ? 536 HOH A O   1 
HETATM 1602 O O   . HOH C 3 .   ? -10.428 14.992  2.594   1.00 44.07 ? 540 HOH A O   1 
HETATM 1603 O O   . HOH C 3 .   ? -8.701  15.610  -4.945  1.00 48.75 ? 542 HOH A O   1 
HETATM 1604 O O   . HOH C 3 .   ? -6.529  14.880  0.420   1.00 48.35 ? 543 HOH A O   1 
HETATM 1605 O O   . HOH C 3 .   ? -6.212  16.961  -4.388  1.00 40.94 ? 544 HOH A O   1 
HETATM 1606 O O   . HOH C 3 .   ? -8.766  10.509  14.258  1.00 46.70 ? 545 HOH A O   1 
HETATM 1607 O O   . HOH C 3 .   ? -1.284  0.208   22.620  1.00 41.56 ? 549 HOH A O   1 
# 
